data_8BHK
#
_entry.id   8BHK
#
_cell.length_a   1.00
_cell.length_b   1.00
_cell.length_c   1.00
_cell.angle_alpha   90.00
_cell.angle_beta   90.00
_cell.angle_gamma   90.00
#
_symmetry.space_group_name_H-M   'P 1'
#
loop_
_entity.id
_entity.type
_entity.pdbx_description
1 polymer 'Gamma-aminobutyric acid receptor subunit alpha-5'
2 non-polymer 2-acetamido-2-deoxy-beta-D-glucopyranose
3 non-polymer 7-CHLORO-1-METHYL-5-PHENYL-1,3-DIHYDRO-2H-1,4-BENZODIAZEPIN-2-ONE
#
_entity_poly.entity_id   1
_entity_poly.type   'polypeptide(L)'
_entity_poly.pdbx_seq_one_letter_code
;QMPTSSVKDETNDNITIFTRILDGLLDGYDNRLRPGLGERITQVRTDMYVNSFGPVSDTEMEYTIDIFFAQTWKDERLRF
KGPMQRLPLNNLLASKIWTPDTFFHNGKKSFAHWMTTPNRMLRIWNDGRVLYTLRLTISAECPMDLEDFPMDEQNCPLKF
GSYAYPNSEVVYVWTNGSTKSVVVAEDGSRLNQYHLMGQTVGTENISTSTGEYTIMTAHFHLKRKIGYFVIQTYLPCIMT
VILSQVSFWLNRESVAARTVFGVTTVLTMTTLSISARNSLPKVAYATAMDWFIAVCYAFVFSALLEFAFVNYITKSQPAR
AAKIDKMSRIVFPILFGTFNLVYWATYLNGTTETSQVAPA
;
_entity_poly.pdbx_strand_id   A,B,C,D,E
#
loop_
_chem_comp.id
_chem_comp.type
_chem_comp.name
_chem_comp.formula
DZP non-polymer 7-CHLORO-1-METHYL-5-PHENYL-1,3-DIHYDRO-2H-1,4-BENZODIAZEPIN-2-ONE 'C16 H13 Cl N2 O'
NAG D-saccharide, beta linking 2-acetamido-2-deoxy-beta-D-glucopyranose 'C8 H15 N O6'
#
# COMPACT_ATOMS: atom_id res chain seq x y z
N ASN A 14 -8.87 53.16 13.24
CA ASN A 14 -10.11 52.85 12.55
C ASN A 14 -10.30 51.35 12.42
N ILE A 15 -9.80 50.60 13.40
CA ILE A 15 -9.90 49.15 13.40
C ILE A 15 -10.99 48.66 14.35
N THR A 16 -11.13 49.30 15.51
CA THR A 16 -12.17 48.91 16.46
C THR A 16 -13.56 49.09 15.89
N ILE A 17 -13.72 49.99 14.92
CA ILE A 17 -15.03 50.19 14.29
C ILE A 17 -15.49 48.89 13.63
N PHE A 18 -14.58 48.18 12.98
CA PHE A 18 -14.92 46.90 12.36
C PHE A 18 -15.32 45.88 13.42
N THR A 19 -14.65 45.90 14.58
CA THR A 19 -14.92 44.91 15.62
C THR A 19 -16.36 44.98 16.08
N ARG A 20 -16.88 46.19 16.28
CA ARG A 20 -18.27 46.32 16.73
C ARG A 20 -19.24 45.75 15.72
N ILE A 21 -18.97 45.96 14.43
CA ILE A 21 -19.89 45.48 13.39
C ILE A 21 -19.99 43.96 13.44
N LEU A 22 -18.85 43.27 13.56
CA LEU A 22 -18.87 41.82 13.58
C LEU A 22 -19.64 41.28 14.78
N ASP A 23 -19.42 41.87 15.96
CA ASP A 23 -20.10 41.40 17.15
C ASP A 23 -21.61 41.57 17.05
N GLY A 24 -22.05 42.71 16.50
CA GLY A 24 -23.49 42.96 16.41
C GLY A 24 -24.20 41.97 15.53
N LEU A 25 -23.61 41.64 14.37
CA LEU A 25 -24.26 40.74 13.43
C LEU A 25 -24.45 39.35 14.04
N LEU A 26 -23.43 38.84 14.74
CA LEU A 26 -23.54 37.50 15.30
C LEU A 26 -24.67 37.42 16.34
N ASP A 27 -24.77 38.44 17.19
CA ASP A 27 -25.85 38.46 18.17
C ASP A 27 -27.20 38.58 17.46
N GLY A 28 -28.15 37.74 17.86
CA GLY A 28 -29.44 37.70 17.20
C GLY A 28 -29.47 36.96 15.90
N TYR A 29 -28.36 36.32 15.50
CA TYR A 29 -28.26 35.57 14.26
C TYR A 29 -28.12 34.09 14.58
N ASP A 30 -28.99 33.28 14.00
CA ASP A 30 -29.00 31.84 14.20
C ASP A 30 -28.48 31.16 12.94
N ASN A 31 -27.42 30.37 13.10
CA ASN A 31 -26.80 29.67 11.97
C ASN A 31 -27.53 28.40 11.57
N ARG A 32 -28.52 27.97 12.35
CA ARG A 32 -29.26 26.75 12.06
C ARG A 32 -30.46 26.97 11.15
N LEU A 33 -30.70 28.21 10.71
CA LEU A 33 -31.83 28.53 9.86
C LEU A 33 -31.34 29.24 8.60
N ARG A 34 -31.90 28.85 7.46
CA ARG A 34 -31.50 29.44 6.19
C ARG A 34 -32.14 30.82 6.02
N PRO A 35 -31.51 31.70 5.24
CA PRO A 35 -32.12 33.00 4.98
C PRO A 35 -33.41 32.86 4.18
N GLY A 36 -34.32 33.79 4.41
CA GLY A 36 -35.61 33.75 3.74
C GLY A 36 -36.41 32.51 4.08
N LEU A 37 -36.36 32.07 5.34
CA LEU A 37 -37.09 30.89 5.76
C LEU A 37 -38.56 31.25 5.95
N GLY A 38 -39.43 30.56 5.21
CA GLY A 38 -40.85 30.85 5.25
C GLY A 38 -41.28 32.04 4.43
N GLU A 39 -40.36 32.67 3.71
CA GLU A 39 -40.66 33.85 2.90
C GLU A 39 -40.36 33.65 1.43
N ARG A 40 -39.26 32.99 1.09
CA ARG A 40 -38.85 32.80 -0.29
C ARG A 40 -38.01 31.53 -0.36
N ILE A 41 -37.35 31.33 -1.51
CA ILE A 41 -36.50 30.17 -1.74
C ILE A 41 -35.08 30.66 -1.95
N THR A 42 -34.15 30.13 -1.16
CA THR A 42 -32.76 30.53 -1.27
C THR A 42 -32.19 30.11 -2.63
N GLN A 43 -31.45 31.02 -3.25
CA GLN A 43 -30.83 30.78 -4.55
C GLN A 43 -29.33 30.89 -4.41
N VAL A 44 -28.60 29.90 -4.93
CA VAL A 44 -27.16 29.81 -4.80
C VAL A 44 -26.55 29.84 -6.20
N ARG A 45 -25.50 30.65 -6.37
CA ARG A 45 -24.76 30.75 -7.62
C ARG A 45 -23.41 30.10 -7.44
N THR A 46 -23.05 29.19 -8.36
CA THR A 46 -21.85 28.38 -8.24
C THR A 46 -20.94 28.58 -9.45
N ASP A 47 -19.65 28.62 -9.19
CA ASP A 47 -18.63 28.66 -10.23
C ASP A 47 -17.46 27.78 -9.78
N MET A 48 -16.73 27.24 -10.76
CA MET A 48 -15.67 26.28 -10.50
C MET A 48 -14.43 26.62 -11.30
N TYR A 49 -13.28 26.23 -10.78
CA TYR A 49 -12.00 26.37 -11.47
C TYR A 49 -11.16 25.16 -11.13
N VAL A 50 -10.92 24.29 -12.11
CA VAL A 50 -10.19 23.05 -11.90
C VAL A 50 -8.71 23.35 -12.01
N ASN A 51 -7.99 23.22 -10.89
CA ASN A 51 -6.56 23.48 -10.89
C ASN A 51 -5.79 22.35 -11.57
N SER A 52 -6.18 21.11 -11.32
CA SER A 52 -5.47 19.97 -11.88
C SER A 52 -6.40 18.77 -11.93
N PHE A 53 -6.46 18.12 -13.09
CA PHE A 53 -7.20 16.87 -13.25
C PHE A 53 -6.23 15.73 -12.96
N GLY A 54 -6.49 15.01 -11.87
CA GLY A 54 -5.56 14.01 -11.40
C GLY A 54 -5.60 12.74 -12.22
N PRO A 55 -4.75 11.79 -11.83
CA PRO A 55 -4.68 10.53 -12.57
C PRO A 55 -5.96 9.72 -12.45
N VAL A 56 -6.22 8.92 -13.48
CA VAL A 56 -7.39 8.06 -13.54
C VAL A 56 -6.93 6.63 -13.33
N SER A 57 -7.47 5.98 -12.30
CA SER A 57 -7.11 4.60 -11.96
C SER A 57 -8.20 3.68 -12.52
N ASP A 58 -7.86 2.93 -13.57
CA ASP A 58 -8.82 2.04 -14.19
C ASP A 58 -9.26 0.94 -13.23
N THR A 59 -8.31 0.39 -12.46
CA THR A 59 -8.64 -0.70 -11.55
C THR A 59 -9.66 -0.26 -10.51
N GLU A 60 -9.47 0.93 -9.94
CA GLU A 60 -10.37 1.44 -8.91
C GLU A 60 -11.53 2.25 -9.47
N MET A 61 -11.54 2.51 -10.78
CA MET A 61 -12.62 3.27 -11.41
C MET A 61 -12.83 4.61 -10.70
N GLU A 62 -11.72 5.26 -10.34
CA GLU A 62 -11.76 6.55 -9.65
C GLU A 62 -10.76 7.50 -10.28
N TYR A 63 -11.07 8.79 -10.20
CA TYR A 63 -10.18 9.85 -10.66
C TYR A 63 -10.13 10.95 -9.60
N THR A 64 -8.96 11.57 -9.48
CA THR A 64 -8.73 12.62 -8.51
C THR A 64 -8.76 13.98 -9.19
N ILE A 65 -9.46 14.93 -8.58
CA ILE A 65 -9.59 16.28 -9.13
C ILE A 65 -9.45 17.28 -7.99
N ASP A 66 -8.72 18.35 -8.24
CA ASP A 66 -8.54 19.45 -7.30
C ASP A 66 -9.17 20.70 -7.90
N ILE A 67 -10.09 21.32 -7.16
CA ILE A 67 -10.84 22.47 -7.64
C ILE A 67 -10.88 23.53 -6.55
N PHE A 68 -11.17 24.76 -6.97
CA PHE A 68 -11.42 25.88 -6.07
C PHE A 68 -12.91 26.22 -6.20
N PHE A 69 -13.73 25.52 -5.42
CA PHE A 69 -15.17 25.69 -5.51
C PHE A 69 -15.58 27.01 -4.87
N ALA A 70 -16.42 27.76 -5.60
CA ALA A 70 -16.93 29.04 -5.13
C ALA A 70 -18.45 29.02 -5.10
N GLN A 71 -19.03 29.59 -4.05
CA GLN A 71 -20.47 29.65 -3.87
C GLN A 71 -20.87 31.06 -3.44
N THR A 72 -22.12 31.41 -3.74
CA THR A 72 -22.63 32.73 -3.43
C THR A 72 -24.12 32.64 -3.12
N TRP A 73 -24.55 33.34 -2.07
CA TRP A 73 -25.95 33.41 -1.72
C TRP A 73 -26.20 34.73 -1.01
N LYS A 74 -27.47 35.14 -0.99
CA LYS A 74 -27.89 36.42 -0.45
C LYS A 74 -28.56 36.21 0.90
N ASP A 75 -28.10 36.96 1.91
CA ASP A 75 -28.67 36.91 3.25
C ASP A 75 -28.96 38.34 3.70
N GLU A 76 -30.17 38.56 4.21
CA GLU A 76 -30.60 39.88 4.65
C GLU A 76 -30.30 40.13 6.14
N ARG A 77 -29.75 39.15 6.84
CA ARG A 77 -29.50 39.27 8.27
C ARG A 77 -28.10 39.77 8.59
N LEU A 78 -27.26 40.01 7.58
CA LEU A 78 -25.89 40.46 7.78
C LEU A 78 -25.64 41.84 7.17
N ARG A 79 -26.69 42.62 6.94
CA ARG A 79 -26.53 43.94 6.35
C ARG A 79 -25.87 44.89 7.34
N PHE A 80 -25.05 45.78 6.82
CA PHE A 80 -24.35 46.75 7.64
C PHE A 80 -23.90 47.91 6.77
N LYS A 81 -23.54 49.02 7.42
CA LYS A 81 -23.03 50.20 6.76
C LYS A 81 -21.77 50.67 7.49
N GLY A 82 -20.76 51.08 6.72
CA GLY A 82 -19.51 51.51 7.28
C GLY A 82 -18.56 52.06 6.24
N PRO A 83 -17.33 52.38 6.65
CA PRO A 83 -16.38 52.96 5.69
C PRO A 83 -16.06 52.04 4.52
N MET A 84 -16.05 50.73 4.73
CA MET A 84 -15.73 49.76 3.69
C MET A 84 -16.94 48.90 3.38
N GLN A 85 -17.13 48.61 2.09
CA GLN A 85 -18.22 47.77 1.63
C GLN A 85 -17.84 46.30 1.55
N ARG A 86 -16.59 45.94 1.86
CA ARG A 86 -16.13 44.57 1.81
C ARG A 86 -15.41 44.24 3.11
N LEU A 87 -15.55 42.99 3.55
CA LEU A 87 -14.96 42.50 4.79
C LEU A 87 -14.20 41.22 4.52
N PRO A 88 -12.98 41.32 3.99
CA PRO A 88 -12.15 40.11 3.84
C PRO A 88 -11.93 39.44 5.19
N LEU A 89 -11.98 38.11 5.19
CA LEU A 89 -11.89 37.34 6.42
C LEU A 89 -11.22 36.01 6.12
N ASN A 90 -11.29 35.09 7.07
CA ASN A 90 -10.63 33.79 6.97
C ASN A 90 -11.58 32.73 7.52
N ASN A 91 -11.04 31.54 7.77
CA ASN A 91 -11.84 30.41 8.22
C ASN A 91 -12.44 30.61 9.61
N LEU A 92 -11.98 31.62 10.36
CA LEU A 92 -12.46 31.80 11.72
C LEU A 92 -13.97 32.03 11.76
N LEU A 93 -14.49 32.87 10.86
CA LEU A 93 -15.90 33.22 10.84
C LEU A 93 -16.73 32.31 9.95
N ALA A 94 -16.11 31.36 9.25
CA ALA A 94 -16.86 30.50 8.34
C ALA A 94 -17.91 29.69 9.07
N SER A 95 -17.55 29.12 10.23
CA SER A 95 -18.47 28.26 10.97
C SER A 95 -19.46 29.04 11.82
N LYS A 96 -19.25 30.34 12.01
CA LYS A 96 -20.14 31.14 12.85
C LYS A 96 -21.47 31.46 12.18
N ILE A 97 -21.58 31.29 10.87
CA ILE A 97 -22.81 31.60 10.14
C ILE A 97 -23.30 30.36 9.42
N TRP A 98 -24.41 30.50 8.69
CA TRP A 98 -25.01 29.38 7.98
C TRP A 98 -24.39 29.24 6.60
N THR A 99 -24.02 28.01 6.25
CA THR A 99 -23.52 27.69 4.92
C THR A 99 -24.21 26.43 4.42
N PRO A 100 -24.42 26.31 3.11
CA PRO A 100 -25.13 25.14 2.58
C PRO A 100 -24.33 23.86 2.82
N ASP A 101 -25.07 22.77 2.99
CA ASP A 101 -24.47 21.45 3.22
C ASP A 101 -24.23 20.74 1.88
N THR A 102 -23.44 21.39 1.04
CA THR A 102 -23.12 20.83 -0.27
C THR A 102 -22.35 19.52 -0.12
N PHE A 103 -22.61 18.59 -1.04
CA PHE A 103 -21.92 17.32 -1.06
C PHE A 103 -21.86 16.81 -2.48
N PHE A 104 -20.93 15.88 -2.73
CA PHE A 104 -20.76 15.26 -4.03
C PHE A 104 -21.36 13.86 -4.00
N HIS A 105 -22.32 13.61 -4.90
CA HIS A 105 -23.04 12.35 -4.88
C HIS A 105 -22.11 11.17 -5.14
N ASN A 106 -21.22 11.30 -6.12
CA ASN A 106 -20.34 10.20 -6.52
C ASN A 106 -18.99 10.23 -5.82
N GLY A 107 -18.75 11.18 -4.92
CA GLY A 107 -17.49 11.25 -4.21
C GLY A 107 -17.33 10.15 -3.18
N LYS A 108 -16.46 9.18 -3.45
CA LYS A 108 -16.26 8.09 -2.51
C LYS A 108 -15.66 8.60 -1.20
N LYS A 109 -14.65 9.46 -1.29
CA LYS A 109 -13.96 9.94 -0.09
C LYS A 109 -13.35 11.30 -0.43
N SER A 110 -14.00 12.36 0.03
CA SER A 110 -13.56 13.74 -0.23
C SER A 110 -13.06 14.35 1.07
N PHE A 111 -11.85 14.92 1.02
CA PHE A 111 -11.24 15.58 2.17
C PHE A 111 -10.69 16.93 1.74
N ALA A 112 -10.76 17.89 2.65
CA ALA A 112 -10.29 19.25 2.38
C ALA A 112 -8.81 19.35 2.76
N HIS A 113 -8.29 20.58 2.76
CA HIS A 113 -6.90 20.85 3.10
C HIS A 113 -6.84 21.62 4.41
N TRP A 114 -5.83 21.31 5.23
CA TRP A 114 -5.70 21.87 6.57
C TRP A 114 -4.47 22.75 6.72
N MET A 115 -3.31 22.28 6.29
CA MET A 115 -2.07 23.02 6.42
C MET A 115 -1.71 23.70 5.10
N THR A 116 -0.97 24.80 5.17
CA THR A 116 -0.45 25.44 6.39
C THR A 116 -1.56 26.12 7.19
N THR A 117 -2.61 26.55 6.49
CA THR A 117 -3.78 27.14 7.11
C THR A 117 -5.02 26.63 6.40
N PRO A 118 -6.13 26.43 7.12
CA PRO A 118 -7.35 25.96 6.45
C PRO A 118 -7.71 26.83 5.26
N ASN A 119 -7.73 26.24 4.07
CA ASN A 119 -7.96 26.97 2.83
C ASN A 119 -9.45 27.29 2.72
N ARG A 120 -9.82 28.46 3.24
CA ARG A 120 -11.18 28.94 3.16
C ARG A 120 -11.18 30.46 3.15
N MET A 121 -12.27 31.03 2.65
CA MET A 121 -12.43 32.48 2.59
C MET A 121 -13.91 32.80 2.75
N LEU A 122 -14.17 34.03 3.20
CA LEU A 122 -15.54 34.48 3.42
C LEU A 122 -15.57 35.99 3.34
N ARG A 123 -16.42 36.53 2.46
CA ARG A 123 -16.57 37.96 2.28
C ARG A 123 -18.04 38.33 2.31
N ILE A 124 -18.33 39.55 2.78
CA ILE A 124 -19.70 40.03 2.91
C ILE A 124 -19.77 41.44 2.33
N TRP A 125 -20.96 41.82 1.88
CA TRP A 125 -21.22 43.13 1.31
C TRP A 125 -22.47 43.71 1.93
N ASN A 126 -22.70 45.00 1.66
CA ASN A 126 -23.81 45.71 2.28
C ASN A 126 -25.15 45.10 1.87
N ASP A 127 -25.31 44.76 0.60
CA ASP A 127 -26.58 44.24 0.10
C ASP A 127 -26.89 42.84 0.61
N GLY A 128 -25.94 42.17 1.26
CA GLY A 128 -26.13 40.83 1.76
C GLY A 128 -25.47 39.76 0.92
N ARG A 129 -24.88 40.12 -0.23
CA ARG A 129 -24.18 39.15 -1.04
C ARG A 129 -23.01 38.56 -0.27
N VAL A 130 -22.80 37.25 -0.44
CA VAL A 130 -21.76 36.53 0.28
C VAL A 130 -20.94 35.72 -0.72
N LEU A 131 -19.69 35.46 -0.35
CA LEU A 131 -18.78 34.64 -1.14
C LEU A 131 -18.11 33.64 -0.22
N TYR A 132 -17.98 32.40 -0.69
CA TYR A 132 -17.42 31.33 0.13
C TYR A 132 -16.67 30.37 -0.79
N THR A 133 -15.37 30.59 -0.92
CA THR A 133 -14.50 29.70 -1.69
C THR A 133 -14.02 28.56 -0.80
N LEU A 134 -13.74 27.42 -1.42
CA LEU A 134 -13.36 26.23 -0.67
C LEU A 134 -12.54 25.32 -1.56
N ARG A 135 -11.24 25.22 -1.28
CA ARG A 135 -10.39 24.27 -2.00
C ARG A 135 -10.79 22.84 -1.65
N LEU A 136 -10.69 21.95 -2.62
CA LEU A 136 -11.13 20.58 -2.43
C LEU A 136 -10.25 19.64 -3.24
N THR A 137 -10.26 18.37 -2.83
CA THR A 137 -9.58 17.29 -3.56
C THR A 137 -10.54 16.11 -3.56
N ILE A 138 -11.23 15.91 -4.67
CA ILE A 138 -12.33 14.95 -4.77
C ILE A 138 -11.82 13.70 -5.48
N SER A 139 -11.95 12.55 -4.83
CA SER A 139 -11.63 11.26 -5.43
C SER A 139 -12.93 10.60 -5.86
N ALA A 140 -13.46 11.08 -6.99
CA ALA A 140 -14.73 10.60 -7.50
C ALA A 140 -14.56 9.24 -8.19
N GLU A 141 -15.68 8.65 -8.58
CA GLU A 141 -15.73 7.35 -9.23
C GLU A 141 -16.24 7.52 -10.64
N CYS A 142 -15.53 6.94 -11.61
CA CYS A 142 -15.85 7.07 -13.03
C CYS A 142 -15.99 5.68 -13.64
N PRO A 143 -17.21 5.13 -13.71
CA PRO A 143 -17.39 3.84 -14.38
C PRO A 143 -17.03 3.94 -15.86
N MET A 144 -16.42 2.87 -16.37
CA MET A 144 -15.97 2.83 -17.75
C MET A 144 -16.28 1.47 -18.35
N ASP A 145 -16.70 1.47 -19.62
CA ASP A 145 -16.98 0.26 -20.38
C ASP A 145 -15.79 -0.01 -21.30
N LEU A 146 -15.07 -1.09 -21.02
CA LEU A 146 -13.85 -1.42 -21.77
C LEU A 146 -14.17 -2.42 -22.87
N GLU A 147 -14.96 -1.95 -23.84
CA GLU A 147 -15.32 -2.75 -25.01
C GLU A 147 -14.45 -2.45 -26.22
N ASP A 148 -14.08 -1.19 -26.41
CA ASP A 148 -13.20 -0.78 -27.49
C ASP A 148 -11.79 -0.46 -26.99
N PHE A 149 -11.43 -0.96 -25.81
CA PHE A 149 -10.13 -0.65 -25.24
C PHE A 149 -9.02 -1.15 -26.16
N PRO A 150 -7.95 -0.35 -26.37
CA PRO A 150 -7.69 0.99 -25.83
C PRO A 150 -8.31 2.11 -26.65
N MET A 151 -8.97 1.81 -27.78
CA MET A 151 -9.62 2.84 -28.59
C MET A 151 -11.01 3.14 -28.02
N ASP A 152 -11.01 3.79 -26.86
CA ASP A 152 -12.23 4.07 -26.12
C ASP A 152 -12.27 5.53 -25.70
N GLU A 153 -13.49 6.06 -25.61
CA GLU A 153 -13.74 7.41 -25.12
C GLU A 153 -14.61 7.33 -23.87
N GLN A 154 -14.22 8.05 -22.82
CA GLN A 154 -14.88 8.00 -21.53
C GLN A 154 -15.40 9.38 -21.16
N ASN A 155 -16.50 9.39 -20.40
CA ASN A 155 -17.14 10.63 -19.93
C ASN A 155 -17.29 10.53 -18.41
N CYS A 156 -16.28 11.01 -17.69
CA CYS A 156 -16.31 10.96 -16.23
C CYS A 156 -17.13 12.13 -15.70
N PRO A 157 -18.21 11.89 -14.96
CA PRO A 157 -19.06 12.98 -14.47
C PRO A 157 -18.62 13.51 -13.11
N LEU A 158 -19.27 14.59 -12.70
CA LEU A 158 -19.07 15.16 -11.38
C LEU A 158 -20.38 15.82 -10.96
N LYS A 159 -21.09 15.19 -10.03
CA LYS A 159 -22.40 15.66 -9.59
C LYS A 159 -22.30 16.18 -8.16
N PHE A 160 -22.81 17.39 -7.95
CA PHE A 160 -22.87 18.00 -6.62
C PHE A 160 -24.22 18.65 -6.43
N GLY A 161 -24.70 18.62 -5.19
CA GLY A 161 -25.99 19.19 -4.86
C GLY A 161 -26.14 19.50 -3.39
N SER A 162 -27.33 19.24 -2.85
CA SER A 162 -27.62 19.47 -1.43
C SER A 162 -28.19 18.20 -0.82
N TYR A 163 -27.99 18.05 0.49
CA TYR A 163 -28.39 16.85 1.21
C TYR A 163 -29.75 17.00 1.87
N ALA A 164 -29.92 18.01 2.73
CA ALA A 164 -31.11 18.14 3.55
C ALA A 164 -32.04 19.26 3.08
N TYR A 165 -31.68 20.01 2.06
CA TYR A 165 -32.51 21.12 1.58
C TYR A 165 -33.08 20.77 0.22
N PRO A 166 -34.38 20.44 0.11
CA PRO A 166 -34.95 20.11 -1.20
C PRO A 166 -34.98 21.30 -2.15
N ASN A 167 -35.50 21.08 -3.37
CA ASN A 167 -35.56 22.15 -4.35
C ASN A 167 -36.46 23.29 -3.88
N SER A 168 -37.45 22.99 -3.05
CA SER A 168 -38.37 24.02 -2.58
C SER A 168 -37.69 25.05 -1.70
N GLU A 169 -36.48 24.75 -1.21
CA GLU A 169 -35.76 25.65 -0.31
C GLU A 169 -34.46 26.17 -0.91
N VAL A 170 -33.64 25.29 -1.49
CA VAL A 170 -32.34 25.66 -2.04
C VAL A 170 -32.27 25.18 -3.48
N VAL A 171 -31.82 26.06 -4.37
CA VAL A 171 -31.64 25.74 -5.78
C VAL A 171 -30.27 26.25 -6.21
N TYR A 172 -29.54 25.41 -6.94
CA TYR A 172 -28.22 25.76 -7.45
C TYR A 172 -28.31 26.10 -8.93
N VAL A 173 -27.69 27.21 -9.32
CA VAL A 173 -27.68 27.65 -10.71
C VAL A 173 -26.30 28.21 -11.03
N TRP A 174 -25.81 27.90 -12.22
CA TRP A 174 -24.52 28.42 -12.64
C TRP A 174 -24.57 29.94 -12.82
N THR A 175 -23.47 30.60 -12.47
CA THR A 175 -23.36 32.05 -12.60
C THR A 175 -22.97 32.40 -14.03
N ASN A 176 -23.60 33.45 -14.55
CA ASN A 176 -23.34 33.91 -15.92
C ASN A 176 -23.65 32.74 -16.86
N GLY A 177 -22.98 32.67 -18.01
CA GLY A 177 -23.18 31.59 -18.93
C GLY A 177 -22.46 30.32 -18.53
N SER A 178 -22.76 29.24 -19.24
CA SER A 178 -22.13 27.95 -18.94
C SER A 178 -20.69 27.91 -19.41
N THR A 179 -20.33 28.74 -20.38
CA THR A 179 -18.96 28.73 -20.89
C THR A 179 -17.96 29.12 -19.81
N LYS A 180 -18.27 30.16 -19.04
CA LYS A 180 -17.41 30.61 -17.95
C LYS A 180 -17.72 29.94 -16.63
N SER A 181 -18.77 29.11 -16.57
CA SER A 181 -19.12 28.48 -15.30
C SER A 181 -18.01 27.56 -14.81
N VAL A 182 -17.42 26.78 -15.71
CA VAL A 182 -16.35 25.84 -15.38
C VAL A 182 -15.12 26.22 -16.19
N VAL A 183 -13.98 26.32 -15.52
CA VAL A 183 -12.72 26.71 -16.13
C VAL A 183 -11.67 25.65 -15.79
N VAL A 184 -10.92 25.22 -16.79
CA VAL A 184 -9.86 24.24 -16.63
C VAL A 184 -8.55 24.87 -17.08
N ALA A 185 -7.52 24.79 -16.24
CA ALA A 185 -6.23 25.35 -16.57
C ALA A 185 -5.61 24.62 -17.76
N GLU A 186 -4.86 25.36 -18.58
CA GLU A 186 -4.21 24.75 -19.74
C GLU A 186 -3.23 23.68 -19.30
N ASP A 187 -2.45 23.94 -18.25
CA ASP A 187 -1.51 22.97 -17.71
C ASP A 187 -2.13 22.08 -16.63
N GLY A 188 -3.42 22.24 -16.36
CA GLY A 188 -4.07 21.42 -15.34
C GLY A 188 -4.32 19.98 -15.76
N SER A 189 -4.18 19.68 -17.05
CA SER A 189 -4.35 18.31 -17.54
C SER A 189 -3.06 17.55 -17.24
N ARG A 190 -3.10 16.73 -16.19
CA ARG A 190 -1.94 15.96 -15.75
C ARG A 190 -2.18 14.46 -15.94
N LEU A 191 -2.75 14.10 -17.07
CA LEU A 191 -3.07 12.71 -17.40
C LEU A 191 -1.96 12.14 -18.28
N ASN A 192 -1.41 11.00 -17.85
CA ASN A 192 -0.36 10.33 -18.60
C ASN A 192 -0.89 9.37 -19.65
N GLN A 193 -2.19 9.07 -19.64
CA GLN A 193 -2.77 8.13 -20.60
C GLN A 193 -4.14 8.58 -21.08
N TYR A 194 -4.38 9.90 -21.13
CA TYR A 194 -5.66 10.42 -21.58
C TYR A 194 -5.47 11.83 -22.12
N HIS A 195 -6.45 12.26 -22.92
CA HIS A 195 -6.51 13.63 -23.43
C HIS A 195 -7.82 14.25 -22.97
N LEU A 196 -7.74 15.49 -22.50
CA LEU A 196 -8.92 16.22 -22.03
C LEU A 196 -9.48 17.02 -23.19
N MET A 197 -10.46 16.44 -23.88
CA MET A 197 -11.00 17.07 -25.09
C MET A 197 -11.85 18.29 -24.75
N GLY A 198 -12.72 18.18 -23.74
CA GLY A 198 -13.59 19.28 -23.41
C GLY A 198 -14.47 18.94 -22.23
N GLN A 199 -15.38 19.86 -21.92
CA GLN A 199 -16.26 19.72 -20.76
C GLN A 199 -17.67 20.14 -21.16
N THR A 200 -18.65 19.58 -20.45
CA THR A 200 -20.04 19.96 -20.60
C THR A 200 -20.70 20.02 -19.24
N VAL A 201 -21.72 20.87 -19.12
CA VAL A 201 -22.41 21.09 -17.86
C VAL A 201 -23.92 21.06 -18.11
N GLY A 202 -24.66 20.86 -17.03
CA GLY A 202 -26.11 20.83 -17.14
C GLY A 202 -26.73 20.71 -15.76
N THR A 203 -28.07 20.74 -15.74
CA THR A 203 -28.83 20.66 -14.51
C THR A 203 -29.96 19.65 -14.68
N GLU A 204 -30.36 19.04 -13.57
CA GLU A 204 -31.44 18.06 -13.58
C GLU A 204 -31.97 17.90 -12.16
N ASN A 205 -33.12 17.26 -12.04
CA ASN A 205 -33.77 17.00 -10.78
C ASN A 205 -33.87 15.50 -10.54
N ILE A 206 -33.86 15.11 -9.27
CA ILE A 206 -34.06 13.73 -8.87
C ILE A 206 -35.14 13.69 -7.79
N SER A 207 -35.83 12.56 -7.70
CA SER A 207 -36.93 12.37 -6.77
C SER A 207 -36.61 11.24 -5.81
N THR A 208 -36.88 11.47 -4.53
CA THR A 208 -36.67 10.47 -3.49
C THR A 208 -37.84 10.54 -2.52
N SER A 209 -37.73 9.81 -1.41
CA SER A 209 -38.81 9.78 -0.43
C SER A 209 -39.04 11.17 0.17
N THR A 210 -37.97 11.88 0.51
CA THR A 210 -38.11 13.18 1.14
C THR A 210 -38.73 14.20 0.18
N GLY A 211 -38.21 14.26 -1.03
CA GLY A 211 -38.72 15.20 -2.01
C GLY A 211 -37.72 15.41 -3.13
N GLU A 212 -38.03 16.38 -3.98
CA GLU A 212 -37.18 16.69 -5.12
C GLU A 212 -35.91 17.41 -4.67
N TYR A 213 -34.83 17.21 -5.43
CA TYR A 213 -33.55 17.85 -5.17
C TYR A 213 -32.97 18.35 -6.48
N THR A 214 -32.14 19.40 -6.39
CA THR A 214 -31.50 19.97 -7.56
C THR A 214 -30.12 19.36 -7.76
N ILE A 215 -29.80 19.03 -9.01
CA ILE A 215 -28.54 18.38 -9.36
C ILE A 215 -27.82 19.26 -10.37
N MET A 216 -26.56 19.58 -10.10
CA MET A 216 -25.69 20.28 -11.02
C MET A 216 -24.59 19.32 -11.44
N THR A 217 -24.49 19.06 -12.74
CA THR A 217 -23.62 18.03 -13.27
C THR A 217 -22.62 18.62 -14.25
N ALA A 218 -21.39 18.12 -14.20
CA ALA A 218 -20.34 18.49 -15.14
C ALA A 218 -19.70 17.22 -15.66
N HIS A 219 -19.57 17.12 -16.99
CA HIS A 219 -19.01 15.94 -17.64
C HIS A 219 -17.71 16.31 -18.33
N PHE A 220 -16.70 15.46 -18.19
CA PHE A 220 -15.41 15.63 -18.84
C PHE A 220 -15.24 14.55 -19.90
N HIS A 221 -14.99 14.97 -21.14
CA HIS A 221 -14.80 14.04 -22.25
C HIS A 221 -13.32 13.64 -22.31
N LEU A 222 -13.07 12.33 -22.27
CA LEU A 222 -11.72 11.79 -22.25
C LEU A 222 -11.47 10.97 -23.50
N LYS A 223 -10.34 11.23 -24.16
CA LYS A 223 -9.91 10.47 -25.34
C LYS A 223 -8.56 9.86 -25.01
N ARG A 224 -8.51 8.54 -24.90
CA ARG A 224 -7.27 7.86 -24.53
C ARG A 224 -6.21 8.08 -25.59
N LYS A 225 -4.96 8.20 -25.14
CA LYS A 225 -3.81 8.36 -26.02
C LYS A 225 -3.10 7.02 -26.16
N ILE A 226 -2.92 6.58 -27.39
CA ILE A 226 -2.26 5.31 -27.65
C ILE A 226 -0.77 5.54 -27.88
N GLY A 227 0.02 4.51 -27.65
CA GLY A 227 1.45 4.59 -27.81
C GLY A 227 2.19 3.82 -26.73
N TYR A 228 1.60 3.73 -25.55
CA TYR A 228 2.16 2.90 -24.49
C TYR A 228 1.90 1.42 -24.74
N PHE A 229 0.69 1.09 -25.19
CA PHE A 229 0.36 -0.31 -25.47
C PHE A 229 1.01 -0.78 -26.77
N VAL A 230 1.27 0.14 -27.71
CA VAL A 230 1.96 -0.24 -28.94
C VAL A 230 3.34 -0.80 -28.63
N ILE A 231 4.07 -0.14 -27.73
CA ILE A 231 5.40 -0.59 -27.36
C ILE A 231 5.38 -1.74 -26.37
N GLN A 232 4.23 -2.05 -25.78
CA GLN A 232 4.12 -3.04 -24.71
C GLN A 232 3.55 -4.37 -25.20
N THR A 233 2.46 -4.33 -25.96
CA THR A 233 1.75 -5.55 -26.37
C THR A 233 1.73 -5.74 -27.88
N TYR A 234 1.37 -4.70 -28.64
CA TYR A 234 1.18 -4.88 -30.08
C TYR A 234 2.48 -5.28 -30.76
N LEU A 235 3.55 -4.52 -30.54
CA LEU A 235 4.80 -4.79 -31.24
C LEU A 235 5.37 -6.17 -30.90
N PRO A 236 5.48 -6.58 -29.63
CA PRO A 236 5.98 -7.93 -29.36
C PRO A 236 5.17 -9.01 -30.05
N CYS A 237 3.85 -8.85 -30.13
CA CYS A 237 3.03 -9.81 -30.86
C CYS A 237 3.37 -9.82 -32.34
N ILE A 238 3.56 -8.64 -32.94
CA ILE A 238 3.89 -8.56 -34.35
C ILE A 238 5.24 -9.20 -34.63
N MET A 239 6.25 -8.86 -33.81
CA MET A 239 7.59 -9.41 -34.03
C MET A 239 7.61 -10.91 -33.76
N THR A 240 6.83 -11.38 -32.78
CA THR A 240 6.78 -12.81 -32.49
C THR A 240 6.24 -13.58 -33.69
N VAL A 241 5.20 -13.04 -34.35
CA VAL A 241 4.65 -13.70 -35.53
C VAL A 241 5.71 -13.78 -36.63
N ILE A 242 6.44 -12.69 -36.85
CA ILE A 242 7.47 -12.69 -37.88
C ILE A 242 8.53 -13.74 -37.59
N LEU A 243 8.86 -13.93 -36.31
CA LEU A 243 9.88 -14.91 -35.95
C LEU A 243 9.48 -16.31 -36.38
N SER A 244 8.20 -16.68 -36.16
CA SER A 244 7.75 -18.02 -36.51
C SER A 244 7.83 -18.25 -38.02
N GLN A 245 7.47 -17.24 -38.81
CA GLN A 245 7.44 -17.41 -40.26
C GLN A 245 8.83 -17.69 -40.83
N VAL A 246 9.90 -17.36 -40.10
CA VAL A 246 11.25 -17.65 -40.57
C VAL A 246 11.43 -19.15 -40.73
N SER A 247 10.70 -19.95 -39.95
CA SER A 247 10.83 -21.41 -40.04
C SER A 247 10.46 -21.92 -41.43
N PHE A 248 9.57 -21.21 -42.13
CA PHE A 248 9.17 -21.64 -43.47
C PHE A 248 10.32 -21.58 -44.46
N TRP A 249 11.40 -20.87 -44.14
CA TRP A 249 12.56 -20.77 -45.01
C TRP A 249 13.66 -21.74 -44.62
N LEU A 250 13.35 -22.72 -43.76
CA LEU A 250 14.31 -23.74 -43.35
C LEU A 250 13.88 -25.08 -43.92
N ASN A 251 14.87 -25.89 -44.32
CA ASN A 251 14.59 -27.17 -44.95
C ASN A 251 13.94 -28.13 -43.96
N ARG A 252 13.16 -29.06 -44.50
CA ARG A 252 12.37 -29.95 -43.66
C ARG A 252 13.24 -30.86 -42.81
N GLU A 253 14.37 -31.32 -43.35
CA GLU A 253 15.17 -32.30 -42.62
C GLU A 253 15.62 -31.78 -41.26
N SER A 254 15.71 -30.46 -41.11
CA SER A 254 16.07 -29.86 -39.82
C SER A 254 14.82 -29.78 -38.94
N VAL A 255 14.38 -30.96 -38.50
CA VAL A 255 13.17 -31.06 -37.69
C VAL A 255 13.36 -30.33 -36.36
N ALA A 256 14.52 -30.54 -35.73
CA ALA A 256 14.74 -29.93 -34.42
C ALA A 256 14.75 -28.41 -34.51
N ALA A 257 15.39 -27.85 -35.53
CA ALA A 257 15.50 -26.40 -35.64
C ALA A 257 14.14 -25.75 -35.77
N ARG A 258 13.27 -26.30 -36.64
CA ARG A 258 11.95 -25.72 -36.81
C ARG A 258 11.08 -25.92 -35.58
N THR A 259 11.32 -27.00 -34.82
CA THR A 259 10.55 -27.22 -33.60
C THR A 259 10.79 -26.11 -32.58
N VAL A 260 12.04 -25.66 -32.46
CA VAL A 260 12.36 -24.62 -31.48
C VAL A 260 11.60 -23.33 -31.80
N PHE A 261 11.56 -22.95 -33.08
CA PHE A 261 10.87 -21.73 -33.45
C PHE A 261 9.40 -21.79 -33.07
N GLY A 262 8.72 -22.89 -33.41
CA GLY A 262 7.30 -22.98 -33.16
C GLY A 262 6.95 -23.00 -31.68
N VAL A 263 7.68 -23.79 -30.90
CA VAL A 263 7.36 -23.95 -29.49
C VAL A 263 7.61 -22.64 -28.74
N THR A 264 8.77 -22.02 -28.97
CA THR A 264 9.10 -20.81 -28.24
C THR A 264 8.11 -19.69 -28.52
N THR A 265 7.72 -19.52 -29.79
CA THR A 265 6.80 -18.45 -30.14
C THR A 265 5.43 -18.65 -29.48
N VAL A 266 4.95 -19.89 -29.47
CA VAL A 266 3.62 -20.15 -28.90
C VAL A 266 3.60 -19.80 -27.42
N LEU A 267 4.64 -20.23 -26.69
CA LEU A 267 4.71 -19.90 -25.27
C LEU A 267 4.90 -18.42 -25.04
N THR A 268 5.66 -17.75 -25.92
CA THR A 268 5.87 -16.32 -25.78
C THR A 268 4.55 -15.56 -25.88
N MET A 269 3.69 -15.95 -26.83
CA MET A 269 2.38 -15.31 -26.95
C MET A 269 1.53 -15.57 -25.71
N THR A 270 1.59 -16.79 -25.17
CA THR A 270 0.78 -17.13 -24.02
C THR A 270 1.13 -16.26 -22.82
N THR A 271 2.42 -16.08 -22.56
CA THR A 271 2.82 -15.28 -21.40
C THR A 271 2.50 -13.80 -21.59
N LEU A 272 2.54 -13.31 -22.84
CA LEU A 272 2.20 -11.92 -23.09
C LEU A 272 0.75 -11.64 -22.72
N SER A 273 -0.16 -12.56 -23.04
CA SER A 273 -1.56 -12.37 -22.70
C SER A 273 -1.74 -12.26 -21.20
N ILE A 274 -1.06 -13.10 -20.42
CA ILE A 274 -1.16 -13.03 -18.97
C ILE A 274 -0.61 -11.69 -18.46
N SER A 275 0.55 -11.28 -18.98
CA SER A 275 1.17 -10.06 -18.52
C SER A 275 0.32 -8.83 -18.85
N ALA A 276 -0.28 -8.82 -20.04
CA ALA A 276 -1.03 -7.64 -20.47
C ALA A 276 -2.19 -7.34 -19.54
N ARG A 277 -2.93 -8.37 -19.13
CA ARG A 277 -4.14 -8.18 -18.33
C ARG A 277 -3.85 -8.02 -16.84
N ASN A 278 -2.59 -8.13 -16.41
CA ASN A 278 -2.27 -7.95 -15.00
C ASN A 278 -2.64 -6.56 -14.53
N SER A 279 -2.21 -5.53 -15.26
CA SER A 279 -2.55 -4.16 -14.91
C SER A 279 -3.98 -3.81 -15.31
N LEU A 280 -4.48 -4.38 -16.40
CA LEU A 280 -5.83 -4.07 -16.86
C LEU A 280 -6.86 -4.59 -15.87
N PRO A 281 -7.99 -3.89 -15.72
CA PRO A 281 -9.03 -4.38 -14.82
C PRO A 281 -9.54 -5.75 -15.25
N LYS A 282 -9.94 -6.55 -14.27
CA LYS A 282 -10.40 -7.92 -14.50
C LYS A 282 -11.83 -7.93 -15.05
N VAL A 283 -11.98 -7.35 -16.24
CA VAL A 283 -13.29 -7.32 -16.89
C VAL A 283 -13.62 -8.70 -17.43
N ALA A 284 -14.85 -9.15 -17.21
CA ALA A 284 -15.29 -10.47 -17.64
C ALA A 284 -15.92 -10.43 -19.03
N TYR A 285 -15.21 -9.84 -19.98
CA TYR A 285 -15.63 -9.87 -21.38
C TYR A 285 -14.42 -9.56 -22.25
N ALA A 286 -14.54 -9.89 -23.54
CA ALA A 286 -13.42 -9.77 -24.47
C ALA A 286 -13.25 -8.33 -24.92
N THR A 287 -12.03 -7.82 -24.82
CA THR A 287 -11.70 -6.49 -25.33
C THR A 287 -11.15 -6.59 -26.74
N ALA A 288 -10.92 -5.42 -27.35
CA ALA A 288 -10.35 -5.39 -28.69
C ALA A 288 -8.94 -5.94 -28.71
N MET A 289 -8.15 -5.63 -27.67
CA MET A 289 -6.77 -6.10 -27.61
C MET A 289 -6.73 -7.62 -27.53
N ASP A 290 -7.67 -8.23 -26.81
CA ASP A 290 -7.69 -9.69 -26.69
C ASP A 290 -7.87 -10.35 -28.05
N TRP A 291 -8.75 -9.80 -28.88
CA TRP A 291 -8.95 -10.38 -30.20
C TRP A 291 -7.68 -10.31 -31.04
N PHE A 292 -6.95 -9.20 -30.95
CA PHE A 292 -5.70 -9.08 -31.69
C PHE A 292 -4.70 -10.15 -31.27
N ILE A 293 -4.59 -10.40 -29.96
CA ILE A 293 -3.69 -11.45 -29.48
C ILE A 293 -4.19 -12.82 -29.92
N ALA A 294 -5.50 -13.02 -29.92
CA ALA A 294 -6.05 -14.31 -30.35
C ALA A 294 -5.71 -14.60 -31.80
N VAL A 295 -5.82 -13.59 -32.66
CA VAL A 295 -5.47 -13.77 -34.08
C VAL A 295 -3.99 -14.11 -34.21
N CYS A 296 -3.13 -13.39 -33.49
CA CYS A 296 -1.71 -13.69 -33.53
C CYS A 296 -1.41 -15.09 -33.01
N TYR A 297 -2.20 -15.56 -32.04
CA TYR A 297 -2.01 -16.91 -31.52
C TYR A 297 -2.24 -17.96 -32.60
N ALA A 298 -3.27 -17.76 -33.42
CA ALA A 298 -3.57 -18.73 -34.48
C ALA A 298 -2.44 -18.80 -35.51
N PHE A 299 -1.88 -17.65 -35.89
CA PHE A 299 -0.84 -17.62 -36.91
C PHE A 299 0.35 -18.48 -36.49
N VAL A 300 0.88 -18.23 -35.29
CA VAL A 300 2.02 -19.03 -34.81
C VAL A 300 1.61 -20.48 -34.64
N PHE A 301 0.42 -20.72 -34.07
CA PHE A 301 -0.05 -22.09 -33.87
C PHE A 301 -0.27 -22.79 -35.21
N SER A 302 -0.83 -22.07 -36.18
CA SER A 302 -1.07 -22.67 -37.49
C SER A 302 0.23 -23.06 -38.17
N ALA A 303 1.26 -22.23 -38.04
CA ALA A 303 2.55 -22.54 -38.65
C ALA A 303 3.11 -23.85 -38.10
N LEU A 304 2.98 -24.06 -36.79
CA LEU A 304 3.45 -25.31 -36.20
C LEU A 304 2.72 -26.51 -36.79
N LEU A 305 1.40 -26.38 -36.97
CA LEU A 305 0.64 -27.48 -37.56
C LEU A 305 1.11 -27.79 -38.97
N GLU A 306 1.41 -26.74 -39.75
CA GLU A 306 1.87 -26.96 -41.13
C GLU A 306 3.15 -27.78 -41.16
N PHE A 307 4.09 -27.47 -40.25
CA PHE A 307 5.32 -28.24 -40.19
C PHE A 307 5.04 -29.70 -39.81
N ALA A 308 4.17 -29.92 -38.83
CA ALA A 308 3.86 -31.29 -38.41
C ALA A 308 3.22 -32.08 -39.54
N PHE A 309 2.25 -31.47 -40.24
CA PHE A 309 1.61 -32.15 -41.35
C PHE A 309 2.59 -32.43 -42.48
N VAL A 310 3.45 -31.45 -42.79
CA VAL A 310 4.44 -31.64 -43.84
C VAL A 310 5.42 -32.75 -43.46
N ASN A 311 5.89 -32.75 -42.21
CA ASN A 311 6.85 -33.74 -41.77
C ASN A 311 6.28 -35.16 -41.79
N TYR A 312 4.95 -35.30 -41.75
CA TYR A 312 4.32 -36.61 -41.70
C TYR A 312 4.10 -37.22 -43.09
N ILE A 313 4.24 -36.44 -44.16
CA ILE A 313 4.02 -36.94 -45.51
C ILE A 313 5.20 -36.58 -46.40
N THR A 314 6.32 -36.20 -45.80
CA THR A 314 7.50 -35.83 -46.58
C THR A 314 8.13 -37.01 -47.30
N LYS A 315 7.73 -38.24 -46.98
CA LYS A 315 8.29 -39.44 -47.60
C LYS A 315 7.39 -39.99 -48.70
N SER A 316 6.11 -40.22 -48.40
CA SER A 316 5.22 -40.85 -49.37
C SER A 316 5.07 -39.98 -50.61
N GLN A 317 4.71 -38.71 -50.42
CA GLN A 317 4.48 -37.77 -51.52
C GLN A 317 5.24 -36.49 -51.23
N PRO A 318 6.56 -36.47 -51.43
CA PRO A 318 7.33 -35.25 -51.16
C PRO A 318 6.88 -34.06 -51.99
N ALA A 319 6.37 -34.29 -53.21
CA ALA A 319 6.02 -33.18 -54.08
C ALA A 319 4.98 -32.28 -53.44
N ARG A 320 3.91 -32.86 -52.88
CA ARG A 320 2.88 -32.06 -52.25
C ARG A 320 3.41 -31.31 -51.04
N ALA A 321 4.24 -31.97 -50.23
CA ALA A 321 4.79 -31.33 -49.05
C ALA A 321 5.66 -30.14 -49.42
N ALA A 322 6.53 -30.31 -50.42
CA ALA A 322 7.39 -29.20 -50.86
C ALA A 322 6.57 -28.06 -51.43
N LYS A 323 5.53 -28.38 -52.21
CA LYS A 323 4.69 -27.34 -52.79
C LYS A 323 4.00 -26.53 -51.70
N ILE A 324 3.51 -27.19 -50.66
CA ILE A 324 2.83 -26.48 -49.58
C ILE A 324 3.79 -25.55 -48.85
N ASP A 325 5.03 -26.01 -48.62
CA ASP A 325 5.97 -25.20 -47.87
C ASP A 325 6.25 -23.89 -48.58
N LYS A 326 6.47 -23.93 -49.90
CA LYS A 326 6.72 -22.70 -50.65
C LYS A 326 5.49 -21.80 -50.63
N MET A 327 4.30 -22.38 -50.78
CA MET A 327 3.08 -21.57 -50.77
C MET A 327 2.89 -20.88 -49.43
N SER A 328 3.22 -21.57 -48.33
CA SER A 328 3.04 -20.99 -47.01
C SER A 328 3.88 -19.72 -46.83
N ARG A 329 5.05 -19.67 -47.47
CA ARG A 329 5.92 -18.51 -47.31
C ARG A 329 5.24 -17.23 -47.77
N ILE A 330 4.34 -17.32 -48.74
CA ILE A 330 3.71 -16.15 -49.34
C ILE A 330 2.34 -15.88 -48.71
N VAL A 331 1.53 -16.91 -48.54
CA VAL A 331 0.15 -16.71 -48.07
C VAL A 331 0.15 -16.14 -46.67
N PHE A 332 0.95 -16.71 -45.77
CA PHE A 332 0.90 -16.30 -44.37
C PHE A 332 1.25 -14.83 -44.18
N PRO A 333 2.36 -14.30 -44.70
CA PRO A 333 2.63 -12.86 -44.53
C PRO A 333 1.54 -11.98 -45.11
N ILE A 334 0.96 -12.36 -46.24
CA ILE A 334 -0.05 -11.52 -46.89
C ILE A 334 -1.28 -11.39 -46.00
N LEU A 335 -1.74 -12.51 -45.44
CA LEU A 335 -2.94 -12.48 -44.60
C LEU A 335 -2.72 -11.60 -43.36
N PHE A 336 -1.54 -11.71 -42.75
CA PHE A 336 -1.25 -10.89 -41.56
C PHE A 336 -1.28 -9.41 -41.90
N GLY A 337 -0.69 -9.02 -43.03
CA GLY A 337 -0.73 -7.63 -43.44
C GLY A 337 -2.14 -7.16 -43.76
N THR A 338 -2.91 -8.01 -44.44
CA THR A 338 -4.29 -7.64 -44.78
C THR A 338 -5.14 -7.46 -43.52
N PHE A 339 -4.96 -8.35 -42.54
CA PHE A 339 -5.77 -8.26 -41.32
C PHE A 339 -5.47 -6.97 -40.56
N ASN A 340 -4.20 -6.56 -40.52
CA ASN A 340 -3.84 -5.38 -39.75
C ASN A 340 -4.56 -4.14 -40.26
N LEU A 341 -4.65 -3.98 -41.57
CA LEU A 341 -5.32 -2.81 -42.13
C LEU A 341 -6.78 -2.75 -41.69
N VAL A 342 -7.47 -3.90 -41.72
CA VAL A 342 -8.87 -3.92 -41.29
C VAL A 342 -8.98 -3.55 -39.82
N TYR A 343 -8.10 -4.13 -38.99
CA TYR A 343 -8.18 -3.89 -37.54
C TYR A 343 -7.94 -2.42 -37.22
N TRP A 344 -6.83 -1.85 -37.72
CA TRP A 344 -6.51 -0.47 -37.38
C TRP A 344 -7.47 0.51 -38.04
N ALA A 345 -7.80 0.28 -39.31
CA ALA A 345 -8.69 1.20 -40.01
C ALA A 345 -10.07 1.23 -39.38
N THR A 346 -10.60 0.07 -39.00
CA THR A 346 -11.93 0.02 -38.41
C THR A 346 -11.98 0.79 -37.10
N TYR A 347 -10.98 0.58 -36.23
CA TYR A 347 -10.97 1.25 -34.94
C TYR A 347 -10.57 2.71 -35.06
N LEU A 348 -9.63 3.03 -35.96
CA LEU A 348 -9.22 4.41 -36.19
C LEU A 348 -10.04 5.04 -37.31
N ASN A 349 -11.36 4.97 -37.19
CA ASN A 349 -12.26 5.55 -38.17
C ASN A 349 -13.72 5.35 -37.75
N ASN B 14 9.28 37.45 39.89
CA ASN B 14 9.17 38.33 38.74
C ASN B 14 8.53 37.60 37.56
N ILE B 15 7.63 36.67 37.87
CA ILE B 15 6.95 35.88 36.84
C ILE B 15 5.52 36.38 36.62
N THR B 16 4.83 36.76 37.69
CA THR B 16 3.46 37.26 37.55
C THR B 16 3.41 38.54 36.74
N ILE B 17 4.51 39.30 36.69
CA ILE B 17 4.54 40.52 35.87
C ILE B 17 4.29 40.17 34.41
N PHE B 18 4.89 39.08 33.93
CA PHE B 18 4.65 38.66 32.56
C PHE B 18 3.20 38.26 32.33
N THR B 19 2.58 37.64 33.34
CA THR B 19 1.21 37.16 33.18
C THR B 19 0.25 38.32 32.89
N ARG B 20 0.41 39.44 33.59
CA ARG B 20 -0.47 40.58 33.37
C ARG B 20 -0.33 41.11 31.95
N ILE B 21 0.90 41.14 31.42
CA ILE B 21 1.13 41.67 30.09
C ILE B 21 0.37 40.86 29.05
N LEU B 22 0.45 39.53 29.15
CA LEU B 22 -0.21 38.68 28.18
C LEU B 22 -1.72 38.87 28.21
N ASP B 23 -2.31 38.93 29.41
CA ASP B 23 -3.75 39.08 29.53
C ASP B 23 -4.22 40.39 28.92
N GLY B 24 -3.47 41.48 29.18
CA GLY B 24 -3.90 42.77 28.67
C GLY B 24 -3.94 42.83 27.16
N LEU B 25 -2.91 42.28 26.49
CA LEU B 25 -2.85 42.35 25.04
C LEU B 25 -4.03 41.62 24.40
N LEU B 26 -4.37 40.44 24.91
CA LEU B 26 -5.46 39.68 24.31
C LEU B 26 -6.78 40.43 24.40
N ASP B 27 -7.06 41.04 25.55
CA ASP B 27 -8.27 41.83 25.69
C ASP B 27 -8.22 43.03 24.76
N GLY B 28 -9.31 43.26 24.02
CA GLY B 28 -9.36 44.32 23.05
C GLY B 28 -8.66 44.03 21.75
N TYR B 29 -8.18 42.80 21.57
CA TYR B 29 -7.47 42.39 20.36
C TYR B 29 -8.31 41.37 19.62
N ASP B 30 -8.59 41.64 18.34
CA ASP B 30 -9.38 40.77 17.50
C ASP B 30 -8.46 40.06 16.51
N ASN B 31 -8.50 38.73 16.52
CA ASN B 31 -7.64 37.94 15.64
C ASN B 31 -8.20 37.80 14.24
N ARG B 32 -9.42 38.27 13.99
CA ARG B 32 -10.05 38.15 12.68
C ARG B 32 -9.73 39.32 11.76
N LEU B 33 -8.94 40.29 12.22
CA LEU B 33 -8.61 41.47 11.44
C LEU B 33 -7.09 41.61 11.37
N ARG B 34 -6.59 41.94 10.17
CA ARG B 34 -5.16 42.08 9.98
C ARG B 34 -4.68 43.43 10.53
N PRO B 35 -3.40 43.52 10.91
CA PRO B 35 -2.87 44.81 11.37
C PRO B 35 -2.85 45.83 10.24
N GLY B 36 -3.01 47.09 10.61
CA GLY B 36 -3.04 48.16 9.62
C GLY B 36 -4.19 48.04 8.66
N LEU B 37 -5.36 47.60 9.14
CA LEU B 37 -6.53 47.45 8.29
C LEU B 37 -7.14 48.82 8.01
N GLY B 38 -7.23 49.17 6.73
CA GLY B 38 -7.73 50.47 6.34
C GLY B 38 -6.73 51.60 6.45
N GLU B 39 -5.49 51.32 6.84
CA GLU B 39 -4.46 52.33 7.01
C GLU B 39 -3.25 52.12 6.12
N ARG B 40 -2.81 50.87 5.96
CA ARG B 40 -1.63 50.55 5.17
C ARG B 40 -1.77 49.14 4.63
N ILE B 41 -0.69 48.59 4.08
CA ILE B 41 -0.65 47.25 3.53
C ILE B 41 0.32 46.42 4.34
N THR B 42 -0.14 45.30 4.86
CA THR B 42 0.71 44.44 5.67
C THR B 42 1.83 43.85 4.81
N GLN B 43 3.04 43.86 5.36
CA GLN B 43 4.22 43.34 4.67
C GLN B 43 4.80 42.19 5.49
N VAL B 44 5.07 41.08 4.82
CA VAL B 44 5.55 39.87 5.45
C VAL B 44 6.92 39.52 4.89
N ARG B 45 7.85 39.18 5.78
CA ARG B 45 9.19 38.77 5.41
C ARG B 45 9.34 37.27 5.67
N THR B 46 9.82 36.54 4.66
CA THR B 46 9.88 35.09 4.70
C THR B 46 11.30 34.60 4.50
N ASP B 47 11.67 33.57 5.25
CA ASP B 47 12.92 32.86 5.08
C ASP B 47 12.68 31.37 5.26
N MET B 48 13.52 30.56 4.63
CA MET B 48 13.33 29.12 4.59
C MET B 48 14.65 28.41 4.86
N TYR B 49 14.55 27.21 5.42
CA TYR B 49 15.70 26.33 5.64
C TYR B 49 15.24 24.90 5.39
N VAL B 50 15.73 24.29 4.32
CA VAL B 50 15.32 22.96 3.92
C VAL B 50 16.17 21.95 4.70
N ASN B 51 15.53 21.20 5.60
CA ASN B 51 16.25 20.21 6.39
C ASN B 51 16.62 18.99 5.56
N SER B 52 15.70 18.53 4.70
CA SER B 52 15.93 17.34 3.90
C SER B 52 15.06 17.38 2.67
N PHE B 53 15.66 17.16 1.50
CA PHE B 53 14.93 17.01 0.25
C PHE B 53 14.59 15.54 0.08
N GLY B 54 13.31 15.21 0.13
CA GLY B 54 12.89 13.83 0.16
C GLY B 54 12.95 13.19 -1.21
N PRO B 55 12.58 11.91 -1.25
CA PRO B 55 12.64 11.16 -2.52
C PRO B 55 11.65 11.70 -3.54
N VAL B 56 12.01 11.53 -4.80
CA VAL B 56 11.17 11.96 -5.92
C VAL B 56 10.57 10.71 -6.57
N SER B 57 9.25 10.65 -6.61
CA SER B 57 8.52 9.52 -7.19
C SER B 57 8.11 9.89 -8.60
N ASP B 58 8.74 9.27 -9.58
CA ASP B 58 8.42 9.57 -10.98
C ASP B 58 7.00 9.18 -11.32
N THR B 59 6.55 8.02 -10.83
CA THR B 59 5.21 7.56 -11.15
C THR B 59 4.14 8.54 -10.66
N GLU B 60 4.29 9.04 -9.43
CA GLU B 60 3.33 9.96 -8.85
C GLU B 60 3.64 11.42 -9.16
N MET B 61 4.79 11.70 -9.77
CA MET B 61 5.18 13.09 -10.10
C MET B 61 5.12 13.98 -8.87
N GLU B 62 5.59 13.45 -7.74
CA GLU B 62 5.59 14.19 -6.48
C GLU B 62 6.93 14.00 -5.78
N TYR B 63 7.31 15.01 -4.99
CA TYR B 63 8.50 14.97 -4.18
C TYR B 63 8.18 15.48 -2.79
N THR B 64 8.86 14.92 -1.79
CA THR B 64 8.64 15.26 -0.39
C THR B 64 9.77 16.16 0.08
N ILE B 65 9.42 17.23 0.79
CA ILE B 65 10.39 18.19 1.31
C ILE B 65 9.99 18.56 2.72
N ASP B 66 10.98 18.63 3.62
CA ASP B 66 10.79 19.06 4.99
C ASP B 66 11.55 20.36 5.21
N ILE B 67 10.85 21.40 5.67
CA ILE B 67 11.43 22.71 5.84
C ILE B 67 11.01 23.29 7.19
N PHE B 68 11.77 24.29 7.63
CA PHE B 68 11.45 25.07 8.82
C PHE B 68 11.07 26.47 8.33
N PHE B 69 9.79 26.64 7.99
CA PHE B 69 9.34 27.90 7.41
C PHE B 69 9.24 28.96 8.50
N ALA B 70 9.79 30.14 8.22
CA ALA B 70 9.78 31.26 9.14
C ALA B 70 9.09 32.46 8.49
N GLN B 71 8.28 33.16 9.26
CA GLN B 71 7.56 34.34 8.79
C GLN B 71 7.66 35.45 9.82
N THR B 72 7.53 36.69 9.34
CA THR B 72 7.65 37.86 10.19
C THR B 72 6.75 38.96 9.68
N TRP B 73 6.05 39.62 10.60
CA TRP B 73 5.20 40.75 10.26
C TRP B 73 5.12 41.67 11.47
N LYS B 74 4.75 42.93 11.20
CA LYS B 74 4.71 43.97 12.22
C LYS B 74 3.27 44.26 12.59
N ASP B 75 2.99 44.24 13.90
CA ASP B 75 1.67 44.54 14.44
C ASP B 75 1.82 45.58 15.54
N GLU B 76 1.01 46.63 15.47
CA GLU B 76 1.05 47.71 16.45
C GLU B 76 0.13 47.49 17.64
N ARG B 77 -0.64 46.40 17.64
CA ARG B 77 -1.61 46.14 18.69
C ARG B 77 -1.05 45.28 19.82
N LEU B 78 0.21 44.86 19.73
CA LEU B 78 0.82 44.01 20.75
C LEU B 78 2.02 44.69 21.41
N ARG B 79 2.10 46.01 21.34
CA ARG B 79 3.22 46.72 21.94
C ARG B 79 3.13 46.68 23.46
N PHE B 80 4.29 46.59 24.10
CA PHE B 80 4.36 46.52 25.55
C PHE B 80 5.75 46.95 26.00
N LYS B 81 5.87 47.26 27.29
CA LYS B 81 7.15 47.60 27.91
C LYS B 81 7.30 46.82 29.20
N GLY B 82 8.51 46.33 29.45
CA GLY B 82 8.78 45.53 30.62
C GLY B 82 10.25 45.20 30.76
N PRO B 83 10.58 44.37 31.75
CA PRO B 83 12.00 44.04 31.97
C PRO B 83 12.66 43.35 30.78
N MET B 84 11.92 42.54 30.04
CA MET B 84 12.46 41.80 28.91
C MET B 84 11.82 42.29 27.61
N GLN B 85 12.62 42.39 26.56
CA GLN B 85 12.15 42.80 25.24
C GLN B 85 11.71 41.63 24.37
N ARG B 86 11.86 40.40 24.85
CA ARG B 86 11.47 39.21 24.11
C ARG B 86 10.60 38.32 24.97
N LEU B 87 9.64 37.66 24.34
CA LEU B 87 8.69 36.78 25.02
C LEU B 87 8.66 35.43 24.31
N PRO B 88 9.64 34.56 24.58
CA PRO B 88 9.57 33.20 24.04
C PRO B 88 8.30 32.50 24.50
N LEU B 89 7.70 31.75 23.58
CA LEU B 89 6.42 31.11 23.85
C LEU B 89 6.36 29.80 23.07
N ASN B 90 5.16 29.22 22.99
CA ASN B 90 4.95 27.94 22.33
C ASN B 90 3.64 28.01 21.56
N ASN B 91 3.15 26.84 21.13
CA ASN B 91 1.94 26.78 20.30
C ASN B 91 0.69 27.25 21.02
N LEU B 92 0.73 27.41 22.35
CA LEU B 92 -0.48 27.78 23.09
C LEU B 92 -1.03 29.11 22.61
N LEU B 93 -0.16 30.10 22.41
CA LEU B 93 -0.59 31.45 22.04
C LEU B 93 -0.64 31.64 20.52
N ALA B 94 -0.25 30.65 19.73
CA ALA B 94 -0.21 30.83 18.28
C ALA B 94 -1.60 31.10 17.72
N SER B 95 -2.62 30.38 18.19
CA SER B 95 -3.97 30.54 17.67
C SER B 95 -4.71 31.71 18.29
N LYS B 96 -4.20 32.30 19.36
CA LYS B 96 -4.89 33.40 20.02
C LYS B 96 -4.77 34.72 19.26
N ILE B 97 -3.85 34.83 18.30
CA ILE B 97 -3.67 36.07 17.55
C ILE B 97 -3.85 35.79 16.06
N TRP B 98 -3.68 36.82 15.24
CA TRP B 98 -3.86 36.71 13.80
C TRP B 98 -2.57 36.26 13.14
N THR B 99 -2.67 35.25 12.27
CA THR B 99 -1.56 34.79 11.46
C THR B 99 -2.01 34.64 10.01
N PRO B 100 -1.11 34.86 9.05
CA PRO B 100 -1.51 34.77 7.65
C PRO B 100 -1.93 33.36 7.26
N ASP B 101 -2.87 33.28 6.33
CA ASP B 101 -3.37 32.00 5.84
C ASP B 101 -2.52 31.51 4.66
N THR B 102 -1.23 31.33 4.93
CA THR B 102 -0.30 30.88 3.90
C THR B 102 -0.67 29.47 3.44
N PHE B 103 -0.47 29.21 2.15
CA PHE B 103 -0.73 27.89 1.58
C PHE B 103 0.19 27.68 0.40
N PHE B 104 0.37 26.41 0.03
CA PHE B 104 1.21 26.03 -1.10
C PHE B 104 0.31 25.68 -2.28
N HIS B 105 0.50 26.37 -3.40
CA HIS B 105 -0.37 26.19 -4.55
C HIS B 105 -0.30 24.78 -5.10
N ASN B 106 0.91 24.23 -5.21
CA ASN B 106 1.12 22.92 -5.82
C ASN B 106 1.13 21.78 -4.79
N GLY B 107 0.94 22.08 -3.51
CA GLY B 107 0.95 21.04 -2.50
C GLY B 107 -0.29 20.17 -2.54
N LYS B 108 -0.14 18.93 -2.99
CA LYS B 108 -1.29 18.02 -3.06
C LYS B 108 -1.84 17.73 -1.68
N LYS B 109 -0.96 17.44 -0.71
CA LYS B 109 -1.41 17.06 0.63
C LYS B 109 -0.28 17.42 1.60
N SER B 110 -0.44 18.53 2.31
CA SER B 110 0.54 19.01 3.27
C SER B 110 0.01 18.86 4.68
N PHE B 111 0.81 18.24 5.55
CA PHE B 111 0.44 18.04 6.95
C PHE B 111 1.62 18.44 7.83
N ALA B 112 1.29 18.99 9.01
CA ALA B 112 2.29 19.44 9.95
C ALA B 112 2.66 18.29 10.89
N HIS B 113 3.42 18.61 11.94
CA HIS B 113 3.86 17.62 12.92
C HIS B 113 3.19 17.91 14.26
N TRP B 114 2.83 16.84 14.97
CA TRP B 114 2.08 16.95 16.21
C TRP B 114 2.86 16.47 17.42
N MET B 115 3.48 15.30 17.34
CA MET B 115 4.22 14.73 18.45
C MET B 115 5.72 14.98 18.26
N THR B 116 6.46 15.03 19.37
CA THR B 116 6.00 14.89 20.75
C THR B 116 5.20 16.10 21.21
N THR B 117 5.50 17.26 20.63
CA THR B 117 4.78 18.50 20.90
C THR B 117 4.60 19.24 19.59
N PRO B 118 3.47 19.94 19.42
CA PRO B 118 3.28 20.71 18.18
C PRO B 118 4.45 21.63 17.89
N ASN B 119 5.13 21.40 16.76
CA ASN B 119 6.33 22.13 16.41
C ASN B 119 5.93 23.52 15.93
N ARG B 120 5.89 24.46 16.86
CA ARG B 120 5.58 25.85 16.55
C ARG B 120 6.27 26.75 17.56
N MET B 121 6.45 28.00 17.17
CA MET B 121 7.07 29.00 18.04
C MET B 121 6.47 30.36 17.73
N LEU B 122 6.55 31.25 18.70
CA LEU B 122 5.99 32.60 18.55
C LEU B 122 6.72 33.53 19.51
N ARG B 123 7.28 34.61 18.98
CA ARG B 123 7.99 35.59 19.76
C ARG B 123 7.52 36.99 19.39
N ILE B 124 7.57 37.90 20.36
CA ILE B 124 7.10 39.26 20.18
C ILE B 124 8.15 40.21 20.75
N TRP B 125 8.17 41.43 20.21
CA TRP B 125 9.10 42.46 20.64
C TRP B 125 8.34 43.76 20.87
N ASN B 126 9.02 44.73 21.48
CA ASN B 126 8.37 45.98 21.84
C ASN B 126 7.86 46.72 20.62
N ASP B 127 8.66 46.77 19.55
CA ASP B 127 8.28 47.52 18.36
C ASP B 127 7.13 46.89 17.59
N GLY B 128 6.72 45.68 17.95
CA GLY B 128 5.66 44.98 17.25
C GLY B 128 6.13 43.89 16.31
N ARG B 129 7.44 43.76 16.12
CA ARG B 129 7.95 42.68 15.27
C ARG B 129 7.57 41.33 15.85
N VAL B 130 7.22 40.39 14.96
CA VAL B 130 6.77 39.07 15.35
C VAL B 130 7.54 38.03 14.56
N LEU B 131 7.67 36.84 15.15
CA LEU B 131 8.31 35.70 14.52
C LEU B 131 7.42 34.49 14.69
N TYR B 132 7.30 33.69 13.62
CA TYR B 132 6.41 32.52 13.64
C TYR B 132 7.04 31.44 12.76
N THR B 133 7.79 30.54 13.39
CA THR B 133 8.36 29.39 12.70
C THR B 133 7.36 28.25 12.68
N LEU B 134 7.46 27.41 11.66
CA LEU B 134 6.50 26.33 11.48
C LEU B 134 7.16 25.22 10.68
N ARG B 135 7.43 24.09 11.34
CA ARG B 135 7.94 22.92 10.64
C ARG B 135 6.86 22.35 9.73
N LEU B 136 7.28 21.83 8.57
CA LEU B 136 6.35 21.34 7.58
C LEU B 136 6.94 20.16 6.84
N THR B 137 6.05 19.37 6.23
CA THR B 137 6.43 18.26 5.36
C THR B 137 5.50 18.32 4.15
N ILE B 138 6.01 18.87 3.05
CA ILE B 138 5.20 19.17 1.87
C ILE B 138 5.43 18.09 0.83
N SER B 139 4.34 17.46 0.39
CA SER B 139 4.39 16.48 -0.70
C SER B 139 3.89 17.19 -1.96
N ALA B 140 4.78 17.98 -2.55
CA ALA B 140 4.43 18.75 -3.73
C ALA B 140 4.45 17.88 -4.98
N GLU B 141 4.02 18.47 -6.09
CA GLU B 141 3.94 17.79 -7.38
C GLU B 141 4.92 18.43 -8.35
N CYS B 142 5.73 17.61 -9.01
CA CYS B 142 6.77 18.07 -9.93
C CYS B 142 6.58 17.41 -11.29
N PRO B 143 5.88 18.07 -12.22
CA PRO B 143 5.77 17.51 -13.57
C PRO B 143 7.13 17.41 -14.24
N MET B 144 7.32 16.34 -15.00
CA MET B 144 8.59 16.09 -15.67
C MET B 144 8.33 15.58 -17.08
N ASP B 145 9.17 16.04 -18.03
CA ASP B 145 9.11 15.60 -19.41
C ASP B 145 10.22 14.58 -19.64
N LEU B 146 9.83 13.33 -19.89
CA LEU B 146 10.79 12.24 -20.03
C LEU B 146 11.08 12.00 -21.51
N GLU B 147 11.72 13.00 -22.12
CA GLU B 147 12.14 12.92 -23.52
C GLU B 147 13.60 12.53 -23.67
N ASP B 148 14.47 12.99 -22.78
CA ASP B 148 15.88 12.63 -22.78
C ASP B 148 16.22 11.65 -21.65
N PHE B 149 15.21 10.95 -21.13
CA PHE B 149 15.44 10.05 -20.01
C PHE B 149 16.42 8.96 -20.43
N PRO B 150 17.38 8.59 -19.56
CA PRO B 150 17.66 9.13 -18.22
C PRO B 150 18.56 10.37 -18.23
N MET B 151 19.02 10.82 -19.39
CA MET B 151 19.86 12.02 -19.47
C MET B 151 18.95 13.25 -19.52
N ASP B 152 18.32 13.54 -18.39
CA ASP B 152 17.34 14.61 -18.28
C ASP B 152 17.64 15.47 -17.06
N GLU B 153 17.29 16.75 -17.17
CA GLU B 153 17.39 17.71 -16.07
C GLU B 153 16.00 18.23 -15.75
N GLN B 154 15.66 18.26 -14.46
CA GLN B 154 14.33 18.64 -14.00
C GLN B 154 14.43 19.85 -13.08
N ASN B 155 13.36 20.65 -13.07
CA ASN B 155 13.27 21.85 -12.24
C ASN B 155 11.96 21.77 -11.46
N CYS B 156 12.02 21.19 -10.27
CA CYS B 156 10.83 21.06 -9.43
C CYS B 156 10.58 22.35 -8.69
N PRO B 157 9.43 23.00 -8.86
CA PRO B 157 9.18 24.28 -8.20
C PRO B 157 8.52 24.11 -6.83
N LEU B 158 8.40 25.25 -6.14
CA LEU B 158 7.69 25.30 -4.86
C LEU B 158 7.10 26.69 -4.73
N LYS B 159 5.79 26.81 -4.91
CA LYS B 159 5.09 28.09 -4.89
C LYS B 159 4.23 28.19 -3.63
N PHE B 160 4.39 29.30 -2.90
CA PHE B 160 3.57 29.57 -1.72
C PHE B 160 3.14 31.03 -1.75
N GLY B 161 1.94 31.28 -1.24
CA GLY B 161 1.39 32.62 -1.21
C GLY B 161 0.30 32.80 -0.17
N SER B 162 -0.76 33.53 -0.53
CA SER B 162 -1.89 33.77 0.35
C SER B 162 -3.17 33.41 -0.38
N TYR B 163 -4.19 33.03 0.40
CA TYR B 163 -5.47 32.57 -0.15
C TYR B 163 -6.50 33.70 -0.23
N ALA B 164 -6.80 34.34 0.89
CA ALA B 164 -7.88 35.31 0.96
C ALA B 164 -7.42 36.75 1.03
N TYR B 165 -6.13 37.01 1.08
CA TYR B 165 -5.61 38.37 1.17
C TYR B 165 -4.92 38.75 -0.13
N PRO B 166 -5.53 39.60 -0.97
CA PRO B 166 -4.87 39.98 -2.23
C PRO B 166 -3.61 40.80 -2.02
N ASN B 167 -2.97 41.19 -3.12
CA ASN B 167 -1.74 41.97 -3.03
C ASN B 167 -1.98 43.33 -2.37
N SER B 168 -3.20 43.86 -2.49
CA SER B 168 -3.50 45.17 -1.91
C SER B 168 -3.45 45.15 -0.39
N GLU B 169 -3.46 43.97 0.22
CA GLU B 169 -3.47 43.83 1.67
C GLU B 169 -2.22 43.16 2.21
N VAL B 170 -1.81 42.04 1.63
CA VAL B 170 -0.66 41.28 2.12
C VAL B 170 0.31 41.06 0.95
N VAL B 171 1.58 41.30 1.20
CA VAL B 171 2.64 41.11 0.21
C VAL B 171 3.78 40.36 0.87
N TYR B 172 4.29 39.34 0.18
CA TYR B 172 5.41 38.54 0.68
C TYR B 172 6.69 38.96 -0.03
N VAL B 173 7.75 39.16 0.75
CA VAL B 173 9.05 39.55 0.23
C VAL B 173 10.13 38.80 1.00
N TRP B 174 11.16 38.34 0.28
CA TRP B 174 12.26 37.65 0.94
C TRP B 174 13.05 38.61 1.82
N THR B 175 13.52 38.09 2.95
CA THR B 175 14.31 38.87 3.89
C THR B 175 15.76 38.92 3.44
N ASN B 176 16.38 40.09 3.55
CA ASN B 176 17.77 40.28 3.13
C ASN B 176 17.87 39.92 1.65
N GLY B 177 19.04 39.45 1.21
CA GLY B 177 19.21 39.05 -0.17
C GLY B 177 18.62 37.68 -0.46
N SER B 178 18.58 37.35 -1.75
CA SER B 178 18.04 36.06 -2.16
C SER B 178 19.00 34.92 -1.85
N THR B 179 20.30 35.22 -1.71
CA THR B 179 21.27 34.17 -1.45
C THR B 179 21.00 33.50 -0.11
N LYS B 180 20.72 34.29 0.93
CA LYS B 180 20.43 33.77 2.25
C LYS B 180 18.94 33.50 2.47
N SER B 181 18.09 33.84 1.50
CA SER B 181 16.66 33.62 1.68
C SER B 181 16.33 32.14 1.84
N VAL B 182 16.94 31.29 1.02
CA VAL B 182 16.72 29.86 1.06
C VAL B 182 18.05 29.18 1.35
N VAL B 183 18.04 28.26 2.32
CA VAL B 183 19.23 27.54 2.74
C VAL B 183 18.93 26.04 2.69
N VAL B 184 19.86 25.28 2.12
CA VAL B 184 19.74 23.83 2.02
C VAL B 184 20.93 23.21 2.73
N ALA B 185 20.66 22.26 3.63
CA ALA B 185 21.71 21.59 4.36
C ALA B 185 22.58 20.78 3.42
N GLU B 186 23.87 20.69 3.74
CA GLU B 186 24.80 19.92 2.91
C GLU B 186 24.39 18.45 2.87
N ASP B 187 24.01 17.88 4.02
CA ASP B 187 23.55 16.50 4.10
C ASP B 187 22.05 16.37 3.88
N GLY B 188 21.35 17.47 3.60
CA GLY B 188 19.92 17.41 3.38
C GLY B 188 19.51 16.80 2.06
N SER B 189 20.45 16.62 1.13
CA SER B 189 20.16 15.98 -0.15
C SER B 189 20.13 14.48 0.07
N ARG B 190 18.92 13.92 0.14
CA ARG B 190 18.71 12.49 0.39
C ARG B 190 18.11 11.81 -0.83
N LEU B 191 18.60 12.17 -2.01
CA LEU B 191 18.12 11.62 -3.28
C LEU B 191 19.02 10.48 -3.71
N ASN B 192 18.42 9.32 -3.98
CA ASN B 192 19.16 8.16 -4.43
C ASN B 192 19.34 8.10 -5.94
N GLN B 193 18.65 8.97 -6.69
CA GLN B 193 18.75 8.96 -8.15
C GLN B 193 18.74 10.37 -8.72
N TYR B 194 19.27 11.34 -7.97
CA TYR B 194 19.32 12.71 -8.45
C TYR B 194 20.45 13.45 -7.75
N HIS B 195 20.86 14.56 -8.35
CA HIS B 195 21.84 15.48 -7.78
C HIS B 195 21.20 16.85 -7.64
N LEU B 196 21.41 17.49 -6.48
CA LEU B 196 20.86 18.82 -6.21
C LEU B 196 21.91 19.85 -6.63
N MET B 197 21.77 20.34 -7.86
CA MET B 197 22.79 21.26 -8.39
C MET B 197 22.70 22.63 -7.73
N GLY B 198 21.49 23.16 -7.58
CA GLY B 198 21.34 24.49 -7.01
C GLY B 198 19.89 24.88 -6.91
N GLN B 199 19.66 26.12 -6.48
CA GLN B 199 18.32 26.64 -6.27
C GLN B 199 18.22 28.04 -6.83
N THR B 200 16.99 28.44 -7.19
CA THR B 200 16.71 29.79 -7.64
C THR B 200 15.37 30.23 -7.06
N VAL B 201 15.23 31.53 -6.84
CA VAL B 201 14.03 32.11 -6.24
C VAL B 201 13.58 33.31 -7.05
N GLY B 202 12.33 33.69 -6.86
CA GLY B 202 11.79 34.82 -7.57
C GLY B 202 10.38 35.13 -7.08
N THR B 203 9.82 36.20 -7.62
CA THR B 203 8.48 36.66 -7.27
C THR B 203 7.70 36.97 -8.53
N GLU B 204 6.38 36.82 -8.44
CA GLU B 204 5.50 37.10 -9.57
C GLU B 204 4.09 37.30 -9.05
N ASN B 205 3.22 37.84 -9.91
CA ASN B 205 1.82 38.07 -9.59
C ASN B 205 0.94 37.24 -10.50
N ILE B 206 -0.23 36.89 -9.99
CA ILE B 206 -1.25 36.19 -10.76
C ILE B 206 -2.57 36.93 -10.60
N SER B 207 -3.44 36.79 -11.61
CA SER B 207 -4.72 37.48 -11.64
C SER B 207 -5.84 36.46 -11.69
N THR B 208 -6.88 36.69 -10.87
CA THR B 208 -8.05 35.83 -10.83
C THR B 208 -9.28 36.72 -10.71
N SER B 209 -10.43 36.09 -10.47
CA SER B 209 -11.67 36.85 -10.36
C SER B 209 -11.64 37.81 -9.18
N THR B 210 -11.14 37.34 -8.02
CA THR B 210 -11.12 38.17 -6.83
C THR B 210 -10.17 39.35 -6.99
N GLY B 211 -8.97 39.09 -7.46
CA GLY B 211 -7.99 40.14 -7.64
C GLY B 211 -6.59 39.56 -7.75
N GLU B 212 -5.62 40.48 -7.74
CA GLU B 212 -4.22 40.08 -7.85
C GLU B 212 -3.73 39.47 -6.55
N TYR B 213 -2.76 38.55 -6.68
CA TYR B 213 -2.14 37.88 -5.55
C TYR B 213 -0.63 37.85 -5.75
N THR B 214 0.09 37.80 -4.64
CA THR B 214 1.55 37.73 -4.69
C THR B 214 2.02 36.29 -4.62
N ILE B 215 3.00 35.95 -5.46
CA ILE B 215 3.52 34.59 -5.55
C ILE B 215 5.01 34.64 -5.27
N MET B 216 5.47 33.79 -4.35
CA MET B 216 6.88 33.60 -4.06
C MET B 216 7.25 32.18 -4.50
N THR B 217 8.21 32.07 -5.40
CA THR B 217 8.53 30.81 -6.04
C THR B 217 9.99 30.46 -5.81
N ALA B 218 10.25 29.17 -5.58
CA ALA B 218 11.61 28.64 -5.45
C ALA B 218 11.73 27.42 -6.35
N HIS B 219 12.78 27.39 -7.15
CA HIS B 219 13.01 26.30 -8.10
C HIS B 219 14.28 25.54 -7.71
N PHE B 220 14.21 24.22 -7.76
CA PHE B 220 15.35 23.35 -7.49
C PHE B 220 15.78 22.68 -8.78
N HIS B 221 17.04 22.83 -9.14
CA HIS B 221 17.60 22.23 -10.34
C HIS B 221 18.09 20.82 -10.02
N LEU B 222 17.60 19.84 -10.76
CA LEU B 222 17.90 18.44 -10.53
C LEU B 222 18.64 17.87 -11.74
N LYS B 223 19.75 17.18 -11.48
CA LYS B 223 20.52 16.50 -12.51
C LYS B 223 20.56 15.02 -12.13
N ARG B 224 19.92 14.18 -12.95
CA ARG B 224 19.84 12.77 -12.64
C ARG B 224 21.23 12.13 -12.68
N LYS B 225 21.46 11.17 -11.79
CA LYS B 225 22.71 10.43 -11.72
C LYS B 225 22.52 9.08 -12.39
N ILE B 226 23.38 8.78 -13.36
CA ILE B 226 23.30 7.53 -14.09
C ILE B 226 24.22 6.51 -13.42
N GLY B 227 23.90 5.23 -13.64
CA GLY B 227 24.67 4.15 -13.06
C GLY B 227 23.78 3.01 -12.62
N TYR B 228 22.56 3.32 -12.21
CA TYR B 228 21.60 2.27 -11.89
C TYR B 228 21.03 1.63 -13.15
N PHE B 229 20.73 2.44 -14.17
CA PHE B 229 20.20 1.90 -15.42
C PHE B 229 21.29 1.21 -16.24
N VAL B 230 22.54 1.64 -16.07
CA VAL B 230 23.64 0.98 -16.77
C VAL B 230 23.73 -0.48 -16.37
N ILE B 231 23.62 -0.76 -15.06
CA ILE B 231 23.68 -2.13 -14.57
C ILE B 231 22.38 -2.89 -14.76
N GLN B 232 21.30 -2.19 -15.10
CA GLN B 232 19.97 -2.80 -15.18
C GLN B 232 19.53 -3.09 -16.61
N THR B 233 19.69 -2.12 -17.51
CA THR B 233 19.19 -2.25 -18.87
C THR B 233 20.28 -2.20 -19.92
N TYR B 234 21.19 -1.23 -19.84
CA TYR B 234 22.17 -1.05 -20.91
C TYR B 234 23.08 -2.27 -21.04
N LEU B 235 23.70 -2.69 -19.93
CA LEU B 235 24.66 -3.79 -20.00
C LEU B 235 24.02 -5.09 -20.46
N PRO B 236 22.87 -5.53 -19.93
CA PRO B 236 22.27 -6.77 -20.47
C PRO B 236 22.01 -6.69 -21.96
N CYS B 237 21.59 -5.54 -22.47
CA CYS B 237 21.39 -5.39 -23.90
C CYS B 237 22.71 -5.52 -24.66
N ILE B 238 23.77 -4.92 -24.13
CA ILE B 238 25.07 -5.01 -24.79
C ILE B 238 25.58 -6.44 -24.80
N MET B 239 25.51 -7.11 -23.66
CA MET B 239 25.99 -8.49 -23.59
C MET B 239 25.12 -9.43 -24.42
N THR B 240 23.82 -9.17 -24.47
CA THR B 240 22.93 -10.00 -25.29
C THR B 240 23.31 -9.92 -26.76
N VAL B 241 23.64 -8.73 -27.24
CA VAL B 241 24.06 -8.56 -28.63
C VAL B 241 25.34 -9.34 -28.90
N ILE B 242 26.29 -9.27 -27.98
CA ILE B 242 27.55 -9.99 -28.16
C ILE B 242 27.30 -11.50 -28.24
N LEU B 243 26.34 -11.99 -27.45
CA LEU B 243 26.05 -13.42 -27.45
C LEU B 243 25.59 -13.89 -28.83
N SER B 244 24.73 -13.11 -29.49
CA SER B 244 24.23 -13.51 -30.79
C SER B 244 25.35 -13.57 -31.82
N GLN B 245 26.27 -12.61 -31.78
CA GLN B 245 27.35 -12.56 -32.77
C GLN B 245 28.24 -13.78 -32.72
N VAL B 246 28.26 -14.50 -31.59
CA VAL B 246 29.08 -15.71 -31.50
C VAL B 246 28.61 -16.74 -32.52
N SER B 247 27.33 -16.71 -32.90
CA SER B 247 26.82 -17.66 -33.88
C SER B 247 27.54 -17.54 -35.21
N PHE B 248 28.04 -16.34 -35.55
CA PHE B 248 28.73 -16.15 -36.81
C PHE B 248 30.03 -16.95 -36.88
N TRP B 249 30.54 -17.41 -35.74
CA TRP B 249 31.76 -18.20 -35.70
C TRP B 249 31.49 -19.70 -35.65
N LEU B 250 30.25 -20.11 -35.92
CA LEU B 250 29.88 -21.52 -35.94
C LEU B 250 29.56 -21.92 -37.38
N ASN B 251 29.93 -23.16 -37.72
CA ASN B 251 29.75 -23.63 -39.08
C ASN B 251 28.26 -23.78 -39.41
N ARG B 252 27.95 -23.66 -40.70
CA ARG B 252 26.56 -23.63 -41.13
C ARG B 252 25.84 -24.95 -40.86
N GLU B 253 26.55 -26.08 -41.01
CA GLU B 253 25.89 -27.37 -40.88
C GLU B 253 25.23 -27.54 -39.52
N SER B 254 25.73 -26.84 -38.50
CA SER B 254 25.12 -26.88 -37.16
C SER B 254 23.92 -25.93 -37.12
N VAL B 255 22.87 -26.32 -37.84
CA VAL B 255 21.68 -25.49 -37.93
C VAL B 255 21.04 -25.33 -36.56
N ALA B 256 20.92 -26.43 -35.81
CA ALA B 256 20.25 -26.38 -34.52
C ALA B 256 20.99 -25.47 -33.56
N ALA B 257 22.32 -25.55 -33.53
CA ALA B 257 23.09 -24.77 -32.56
C ALA B 257 22.92 -23.28 -32.79
N ARG B 258 22.99 -22.84 -34.05
CA ARG B 258 22.83 -21.41 -34.34
C ARG B 258 21.40 -20.96 -34.12
N THR B 259 20.42 -21.86 -34.27
CA THR B 259 19.03 -21.49 -34.02
C THR B 259 18.82 -21.12 -32.55
N VAL B 260 19.44 -21.85 -31.64
CA VAL B 260 19.26 -21.59 -30.21
C VAL B 260 19.77 -20.19 -29.87
N PHE B 261 20.92 -19.81 -30.39
CA PHE B 261 21.48 -18.49 -30.10
C PHE B 261 20.53 -17.39 -30.55
N GLY B 262 20.03 -17.48 -31.78
CA GLY B 262 19.19 -16.41 -32.30
C GLY B 262 17.86 -16.29 -31.57
N VAL B 263 17.20 -17.42 -31.31
CA VAL B 263 15.87 -17.38 -30.70
C VAL B 263 15.97 -16.87 -29.27
N THR B 264 16.91 -17.40 -28.49
CA THR B 264 17.01 -17.02 -27.09
C THR B 264 17.32 -15.53 -26.94
N THR B 265 18.23 -15.01 -27.76
CA THR B 265 18.59 -13.60 -27.65
C THR B 265 17.41 -12.69 -27.97
N VAL B 266 16.64 -13.03 -29.01
CA VAL B 266 15.52 -12.19 -29.40
C VAL B 266 14.49 -12.11 -28.28
N LEU B 267 14.16 -13.25 -27.69
CA LEU B 267 13.20 -13.25 -26.58
C LEU B 267 13.76 -12.54 -25.37
N THR B 268 15.07 -12.67 -25.12
CA THR B 268 15.69 -11.99 -23.99
C THR B 268 15.54 -10.49 -24.11
N MET B 269 15.76 -9.94 -25.31
CA MET B 269 15.59 -8.50 -25.51
C MET B 269 14.13 -8.09 -25.31
N THR B 270 13.20 -8.92 -25.77
CA THR B 270 11.79 -8.58 -25.66
C THR B 270 11.37 -8.46 -24.20
N THR B 271 11.79 -9.40 -23.35
CA THR B 271 11.39 -9.35 -21.95
C THR B 271 12.07 -8.20 -21.22
N LEU B 272 13.28 -7.83 -21.62
CA LEU B 272 13.95 -6.70 -20.98
C LEU B 272 13.18 -5.41 -21.19
N SER B 273 12.64 -5.21 -22.40
CA SER B 273 11.86 -4.01 -22.67
C SER B 273 10.64 -3.93 -21.76
N ILE B 274 9.95 -5.05 -21.56
CA ILE B 274 8.79 -5.06 -20.69
C ILE B 274 9.20 -4.75 -19.25
N SER B 275 10.28 -5.38 -18.79
CA SER B 275 10.72 -5.20 -17.41
C SER B 275 11.17 -3.76 -17.16
N ALA B 276 11.86 -3.16 -18.13
CA ALA B 276 12.41 -1.83 -17.92
C ALA B 276 11.32 -0.80 -17.66
N ARG B 277 10.22 -0.86 -18.42
CA ARG B 277 9.17 0.13 -18.32
C ARG B 277 8.18 -0.13 -17.20
N ASN B 278 8.33 -1.24 -16.47
CA ASN B 278 7.42 -1.52 -15.36
C ASN B 278 7.51 -0.43 -14.29
N SER B 279 8.72 -0.11 -13.86
CA SER B 279 8.91 0.95 -12.88
C SER B 279 8.77 2.34 -13.50
N LEU B 280 9.17 2.49 -14.76
CA LEU B 280 9.12 3.80 -15.40
C LEU B 280 7.66 4.22 -15.59
N PRO B 281 7.37 5.52 -15.52
CA PRO B 281 6.00 5.98 -15.76
C PRO B 281 5.52 5.61 -17.16
N LYS B 282 4.22 5.37 -17.28
CA LYS B 282 3.62 4.94 -18.53
C LYS B 282 3.44 6.13 -19.48
N VAL B 283 4.57 6.71 -19.89
CA VAL B 283 4.55 7.83 -20.81
C VAL B 283 4.23 7.32 -22.21
N ALA B 284 3.34 8.02 -22.90
CA ALA B 284 2.90 7.63 -24.24
C ALA B 284 3.76 8.28 -25.32
N TYR B 285 5.08 8.15 -25.21
CA TYR B 285 6.00 8.59 -26.24
C TYR B 285 7.33 7.89 -26.03
N ALA B 286 8.16 7.92 -27.08
CA ALA B 286 9.41 7.18 -27.08
C ALA B 286 10.49 7.95 -26.32
N THR B 287 11.14 7.26 -25.40
CA THR B 287 12.26 7.83 -24.66
C THR B 287 13.58 7.47 -25.35
N ALA B 288 14.67 8.04 -24.82
CA ALA B 288 15.99 7.73 -25.37
C ALA B 288 16.35 6.27 -25.14
N MET B 289 16.00 5.73 -23.96
CA MET B 289 16.32 4.35 -23.67
C MET B 289 15.61 3.39 -24.61
N ASP B 290 14.37 3.72 -25.00
CA ASP B 290 13.62 2.86 -25.90
C ASP B 290 14.33 2.73 -27.25
N TRP B 291 14.87 3.84 -27.76
CA TRP B 291 15.58 3.78 -29.03
C TRP B 291 16.80 2.89 -28.94
N PHE B 292 17.53 2.95 -27.83
CA PHE B 292 18.70 2.09 -27.66
C PHE B 292 18.30 0.62 -27.70
N ILE B 293 17.20 0.26 -27.03
CA ILE B 293 16.74 -1.12 -27.05
C ILE B 293 16.27 -1.50 -28.46
N ALA B 294 15.63 -0.57 -29.16
CA ALA B 294 15.17 -0.86 -30.52
C ALA B 294 16.34 -1.18 -31.43
N VAL B 295 17.42 -0.40 -31.33
CA VAL B 295 18.60 -0.66 -32.15
C VAL B 295 19.18 -2.03 -31.83
N CYS B 296 19.29 -2.35 -30.53
CA CYS B 296 19.80 -3.66 -30.15
C CYS B 296 18.89 -4.77 -30.64
N TYR B 297 17.57 -4.52 -30.72
CA TYR B 297 16.66 -5.53 -31.23
C TYR B 297 16.95 -5.87 -32.68
N ALA B 298 17.25 -4.85 -33.49
CA ALA B 298 17.54 -5.09 -34.90
C ALA B 298 18.79 -5.93 -35.09
N PHE B 299 19.83 -5.66 -34.30
CA PHE B 299 21.09 -6.38 -34.46
C PHE B 299 20.89 -7.88 -34.27
N VAL B 300 20.26 -8.27 -33.16
CA VAL B 300 20.03 -9.69 -32.91
C VAL B 300 19.06 -10.25 -33.96
N PHE B 301 18.01 -9.50 -34.28
CA PHE B 301 17.06 -9.95 -35.28
C PHE B 301 17.71 -10.07 -36.66
N SER B 302 18.56 -9.10 -37.01
CA SER B 302 19.23 -9.14 -38.30
C SER B 302 20.15 -10.35 -38.41
N ALA B 303 20.84 -10.69 -37.33
CA ALA B 303 21.73 -11.85 -37.36
C ALA B 303 20.95 -13.13 -37.66
N LEU B 304 19.77 -13.28 -37.07
CA LEU B 304 18.95 -14.45 -37.34
C LEU B 304 18.56 -14.52 -38.83
N LEU B 305 18.22 -13.37 -39.42
CA LEU B 305 17.87 -13.36 -40.84
C LEU B 305 19.06 -13.78 -41.69
N GLU B 306 20.26 -13.33 -41.34
CA GLU B 306 21.45 -13.70 -42.11
C GLU B 306 21.66 -15.21 -42.13
N PHE B 307 21.46 -15.86 -40.98
CA PHE B 307 21.59 -17.32 -40.92
C PHE B 307 20.54 -17.99 -41.79
N ALA B 308 19.29 -17.52 -41.73
CA ALA B 308 18.23 -18.12 -42.52
C ALA B 308 18.51 -17.97 -44.01
N PHE B 309 18.92 -16.78 -44.43
CA PHE B 309 19.22 -16.56 -45.85
C PHE B 309 20.42 -17.41 -46.29
N VAL B 310 21.45 -17.49 -45.45
CA VAL B 310 22.62 -18.29 -45.78
C VAL B 310 22.23 -19.76 -45.89
N ASN B 311 21.44 -20.25 -44.93
CA ASN B 311 21.06 -21.65 -44.91
C ASN B 311 20.21 -22.04 -46.12
N TYR B 312 19.56 -21.07 -46.76
CA TYR B 312 18.68 -21.35 -47.88
C TYR B 312 19.41 -21.41 -49.22
N ILE B 313 20.66 -20.96 -49.28
CA ILE B 313 21.41 -20.96 -50.53
C ILE B 313 22.79 -21.59 -50.32
N THR B 314 22.95 -22.32 -49.22
CA THR B 314 24.22 -22.96 -48.93
C THR B 314 24.54 -24.11 -49.89
N LYS B 315 23.57 -24.55 -50.70
CA LYS B 315 23.77 -25.65 -51.64
C LYS B 315 24.01 -25.16 -53.06
N SER B 316 23.13 -24.31 -53.58
CA SER B 316 23.26 -23.87 -54.97
C SER B 316 24.55 -23.12 -55.21
N GLN B 317 24.82 -22.10 -54.39
CA GLN B 317 26.01 -21.25 -54.52
C GLN B 317 26.67 -21.12 -53.16
N PRO B 318 27.38 -22.16 -52.70
CA PRO B 318 28.04 -22.06 -51.39
C PRO B 318 29.03 -20.92 -51.28
N ALA B 319 29.67 -20.54 -52.39
CA ALA B 319 30.71 -19.51 -52.33
C ALA B 319 30.16 -18.20 -51.78
N ARG B 320 29.01 -17.76 -52.28
CA ARG B 320 28.43 -16.50 -51.82
C ARG B 320 28.03 -16.60 -50.34
N ALA B 321 27.44 -17.73 -49.95
CA ALA B 321 27.03 -17.90 -48.57
C ALA B 321 28.22 -17.86 -47.61
N ALA B 322 29.30 -18.55 -47.97
CA ALA B 322 30.49 -18.55 -47.12
C ALA B 322 31.11 -17.15 -47.05
N LYS B 323 31.14 -16.45 -48.18
CA LYS B 323 31.71 -15.10 -48.19
C LYS B 323 30.92 -14.17 -47.28
N ILE B 324 29.59 -14.27 -47.31
CA ILE B 324 28.76 -13.40 -46.48
C ILE B 324 29.01 -13.69 -45.00
N ASP B 325 29.13 -14.96 -44.63
CA ASP B 325 29.30 -15.32 -43.23
C ASP B 325 30.57 -14.69 -42.66
N LYS B 326 31.67 -14.77 -43.39
CA LYS B 326 32.92 -14.17 -42.91
C LYS B 326 32.79 -12.65 -42.82
N MET B 327 32.15 -12.02 -43.81
CA MET B 327 31.99 -10.57 -43.79
C MET B 327 31.15 -10.13 -42.59
N SER B 328 30.11 -10.90 -42.27
CA SER B 328 29.25 -10.54 -41.15
C SER B 328 30.01 -10.48 -39.83
N ARG B 329 31.03 -11.32 -39.67
CA ARG B 329 31.80 -11.35 -38.43
C ARG B 329 32.44 -10.00 -38.14
N ILE B 330 32.79 -9.24 -39.17
CA ILE B 330 33.50 -7.97 -39.01
C ILE B 330 32.56 -6.79 -39.04
N VAL B 331 31.62 -6.77 -39.99
CA VAL B 331 30.76 -5.60 -40.15
C VAL B 331 29.89 -5.38 -38.93
N PHE B 332 29.27 -6.45 -38.42
CA PHE B 332 28.32 -6.29 -37.32
C PHE B 332 28.97 -5.71 -36.07
N PRO B 333 30.08 -6.24 -35.56
CA PRO B 333 30.70 -5.61 -34.37
C PRO B 333 31.10 -4.16 -34.59
N ILE B 334 31.57 -3.82 -35.78
CA ILE B 334 32.02 -2.45 -36.04
C ILE B 334 30.86 -1.48 -35.95
N LEU B 335 29.73 -1.82 -36.56
CA LEU B 335 28.58 -0.93 -36.54
C LEU B 335 28.08 -0.70 -35.12
N PHE B 336 28.04 -1.77 -34.31
CA PHE B 336 27.58 -1.62 -32.93
C PHE B 336 28.49 -0.68 -32.15
N GLY B 337 29.81 -0.82 -32.31
CA GLY B 337 30.73 0.08 -31.64
C GLY B 337 30.60 1.51 -32.13
N THR B 338 30.44 1.70 -33.44
CA THR B 338 30.28 3.04 -33.99
C THR B 338 29.02 3.71 -33.47
N PHE B 339 27.92 2.95 -33.40
CA PHE B 339 26.65 3.53 -32.95
C PHE B 339 26.74 3.98 -31.50
N ASN B 340 27.43 3.21 -30.65
CA ASN B 340 27.49 3.56 -29.24
C ASN B 340 28.14 4.91 -29.03
N LEU B 341 29.22 5.21 -29.75
CA LEU B 341 29.89 6.49 -29.59
C LEU B 341 28.96 7.65 -29.91
N VAL B 342 28.18 7.53 -30.99
CA VAL B 342 27.24 8.58 -31.35
C VAL B 342 26.19 8.75 -30.26
N TYR B 343 25.64 7.63 -29.77
CA TYR B 343 24.58 7.71 -28.77
C TYR B 343 25.07 8.36 -27.49
N TRP B 344 26.18 7.87 -26.93
CA TRP B 344 26.66 8.39 -25.66
C TRP B 344 27.22 9.80 -25.82
N ALA B 345 27.98 10.05 -26.88
CA ALA B 345 28.57 11.37 -27.07
C ALA B 345 27.49 12.43 -27.25
N THR B 346 26.46 12.12 -28.04
CA THR B 346 25.41 13.11 -28.29
C THR B 346 24.68 13.48 -27.00
N TYR B 347 24.34 12.48 -26.19
CA TYR B 347 23.61 12.75 -24.96
C TYR B 347 24.52 13.31 -23.87
N LEU B 348 25.76 12.83 -23.80
CA LEU B 348 26.73 13.34 -22.83
C LEU B 348 27.56 14.48 -23.43
N ASN B 349 26.87 15.48 -23.97
CA ASN B 349 27.53 16.63 -24.57
C ASN B 349 26.50 17.64 -25.06
N ASN C 14 -11.15 11.15 53.22
CA ASN C 14 -9.89 11.86 53.06
C ASN C 14 -9.55 12.05 51.58
N ILE C 15 -10.58 12.19 50.75
CA ILE C 15 -10.41 12.37 49.32
C ILE C 15 -10.62 13.81 48.90
N THR C 16 -11.59 14.50 49.51
CA THR C 16 -11.83 15.90 49.17
C THR C 16 -10.64 16.78 49.52
N ILE C 17 -9.79 16.36 50.47
CA ILE C 17 -8.61 17.13 50.81
C ILE C 17 -7.70 17.26 49.59
N PHE C 18 -7.56 16.18 48.82
CA PHE C 18 -6.74 16.24 47.61
C PHE C 18 -7.36 17.19 46.59
N THR C 19 -8.69 17.22 46.50
CA THR C 19 -9.36 18.05 45.50
C THR C 19 -9.01 19.52 45.69
N ARG C 20 -9.00 20.00 46.93
CA ARG C 20 -8.69 21.40 47.19
C ARG C 20 -7.27 21.73 46.75
N ILE C 21 -6.32 20.82 46.99
CA ILE C 21 -4.94 21.08 46.64
C ILE C 21 -4.80 21.30 45.13
N LEU C 22 -5.43 20.43 44.34
CA LEU C 22 -5.31 20.54 42.89
C LEU C 22 -5.90 21.86 42.38
N ASP C 23 -7.06 22.25 42.90
CA ASP C 23 -7.70 23.48 42.45
C ASP C 23 -6.83 24.69 42.78
N GLY C 24 -6.23 24.73 43.97
CA GLY C 24 -5.44 25.87 44.35
C GLY C 24 -4.23 26.08 43.47
N LEU C 25 -3.53 25.00 43.14
CA LEU C 25 -2.31 25.12 42.33
C LEU C 25 -2.61 25.69 40.96
N LEU C 26 -3.69 25.21 40.32
CA LEU C 26 -4.01 25.69 38.98
C LEU C 26 -4.30 27.18 38.97
N ASP C 27 -5.06 27.66 39.96
CA ASP C 27 -5.33 29.09 40.04
C ASP C 27 -4.04 29.85 40.32
N GLY C 28 -3.82 30.92 39.57
CA GLY C 28 -2.60 31.69 39.67
C GLY C 28 -1.40 31.07 38.98
N TYR C 29 -1.59 29.97 38.26
CA TYR C 29 -0.52 29.27 37.55
C TYR C 29 -0.74 29.41 36.06
N ASP C 30 0.28 29.91 35.36
CA ASP C 30 0.22 30.10 33.92
C ASP C 30 1.08 29.05 33.25
N ASN C 31 0.47 28.28 32.34
CA ASN C 31 1.17 27.20 31.65
C ASN C 31 1.99 27.70 30.46
N ARG C 32 1.88 28.98 30.10
CA ARG C 32 2.61 29.53 28.96
C ARG C 32 3.98 30.05 29.34
N LEU C 33 4.38 29.95 30.60
CA LEU C 33 5.66 30.46 31.08
C LEU C 33 6.42 29.33 31.78
N ARG C 34 7.72 29.24 31.49
CA ARG C 34 8.54 28.21 32.08
C ARG C 34 8.90 28.57 33.52
N PRO C 35 9.17 27.56 34.37
CA PRO C 35 9.60 27.87 35.73
C PRO C 35 10.95 28.55 35.75
N GLY C 36 11.15 29.40 36.76
CA GLY C 36 12.40 30.15 36.87
C GLY C 36 12.62 31.10 35.70
N LEU C 37 11.57 31.72 35.21
CA LEU C 37 11.67 32.64 34.09
C LEU C 37 12.24 33.96 34.57
N GLY C 38 13.38 34.36 34.01
CA GLY C 38 14.05 35.57 34.43
C GLY C 38 14.88 35.44 35.68
N GLU C 39 14.97 34.24 36.26
CA GLU C 39 15.71 34.00 37.49
C GLU C 39 16.84 32.99 37.32
N ARG C 40 16.60 31.91 36.58
CA ARG C 40 17.58 30.86 36.39
C ARG C 40 17.32 30.18 35.05
N ILE C 41 17.97 29.04 34.83
CA ILE C 41 17.83 28.27 33.60
C ILE C 41 17.22 26.91 33.96
N THR C 42 16.12 26.57 33.32
CA THR C 42 15.46 25.31 33.59
C THR C 42 16.35 24.14 33.17
N GLN C 43 16.43 23.13 34.02
CA GLN C 43 17.24 21.94 33.77
C GLN C 43 16.33 20.73 33.73
N VAL C 44 16.49 19.90 32.70
CA VAL C 44 15.64 18.75 32.46
C VAL C 44 16.51 17.50 32.50
N ARG C 45 16.05 16.47 33.20
CA ARG C 45 16.73 15.18 33.27
C ARG C 45 15.93 14.16 32.48
N THR C 46 16.60 13.43 31.59
CA THR C 46 15.95 12.52 30.66
C THR C 46 16.49 11.10 30.83
N ASP C 47 15.59 10.13 30.74
CA ASP C 47 15.95 8.72 30.70
C ASP C 47 15.04 8.02 29.71
N MET C 48 15.54 6.92 29.14
CA MET C 48 14.84 6.22 28.07
C MET C 48 14.87 4.72 28.33
N TYR C 49 13.85 4.04 27.80
CA TYR C 49 13.77 2.58 27.84
C TYR C 49 13.14 2.11 26.53
N VAL C 50 13.94 1.47 25.70
CA VAL C 50 13.49 1.03 24.37
C VAL C 50 12.78 -0.31 24.53
N ASN C 51 11.47 -0.33 24.29
CA ASN C 51 10.71 -1.56 24.41
C ASN C 51 10.98 -2.50 23.25
N SER C 52 11.08 -1.96 22.04
CA SER C 52 11.28 -2.80 20.86
C SER C 52 11.91 -1.95 19.75
N PHE C 53 12.98 -2.46 19.17
CA PHE C 53 13.60 -1.84 18.00
C PHE C 53 12.95 -2.43 16.76
N GLY C 54 12.22 -1.61 16.02
CA GLY C 54 11.42 -2.09 14.93
C GLY C 54 12.23 -2.40 13.70
N PRO C 55 11.55 -2.86 12.66
CA PRO C 55 12.25 -3.24 11.42
C PRO C 55 12.88 -2.03 10.74
N VAL C 56 13.96 -2.29 10.01
CA VAL C 56 14.68 -1.27 9.27
C VAL C 56 14.39 -1.47 7.78
N SER C 57 13.84 -0.44 7.15
CA SER C 57 13.49 -0.48 5.73
C SER C 57 14.60 0.21 4.94
N ASP C 58 15.38 -0.59 4.21
CA ASP C 58 16.49 -0.02 3.44
C ASP C 58 15.98 0.91 2.35
N THR C 59 14.89 0.54 1.68
CA THR C 59 14.37 1.36 0.60
C THR C 59 13.97 2.75 1.09
N GLU C 60 13.28 2.82 2.23
CA GLU C 60 12.83 4.08 2.79
C GLU C 60 13.85 4.72 3.72
N MET C 61 14.94 4.03 4.03
CA MET C 61 15.97 4.58 4.93
C MET C 61 15.36 5.04 6.25
N GLU C 62 14.43 4.25 6.78
CA GLU C 62 13.77 4.56 8.03
C GLU C 62 13.69 3.32 8.90
N TYR C 63 13.68 3.55 10.22
CA TYR C 63 13.52 2.48 11.20
C TYR C 63 12.51 2.92 12.24
N THR C 64 11.75 1.95 12.76
CA THR C 64 10.70 2.20 13.73
C THR C 64 11.20 1.79 15.11
N ILE C 65 10.96 2.64 16.10
CA ILE C 65 11.38 2.38 17.47
C ILE C 65 10.26 2.80 18.41
N ASP C 66 10.00 1.97 19.42
CA ASP C 66 9.02 2.26 20.46
C ASP C 66 9.74 2.39 21.78
N ILE C 67 9.53 3.52 22.46
CA ILE C 67 10.22 3.83 23.70
C ILE C 67 9.24 4.38 24.72
N PHE C 68 9.64 4.33 25.98
CA PHE C 68 8.92 4.94 27.09
C PHE C 68 9.76 6.11 27.56
N PHE C 69 9.57 7.27 26.92
CA PHE C 69 10.39 8.43 27.23
C PHE C 69 9.96 9.04 28.56
N ALA C 70 10.93 9.33 29.42
CA ALA C 70 10.68 9.92 30.73
C ALA C 70 11.46 11.23 30.85
N GLN C 71 10.81 12.23 31.43
CA GLN C 71 11.40 13.55 31.62
C GLN C 71 11.12 14.03 33.04
N THR C 72 11.99 14.91 33.53
CA THR C 72 11.88 15.43 34.89
C THR C 72 12.39 16.85 34.92
N TRP C 73 11.67 17.73 35.62
CA TRP C 73 12.08 19.11 35.81
C TRP C 73 11.50 19.61 37.12
N LYS C 74 12.10 20.67 37.65
CA LYS C 74 11.74 21.23 38.94
C LYS C 74 10.96 22.52 38.75
N ASP C 75 9.81 22.61 39.40
CA ASP C 75 8.96 23.80 39.36
C ASP C 75 8.61 24.19 40.78
N GLU C 76 8.78 25.47 41.10
CA GLU C 76 8.51 25.98 42.44
C GLU C 76 7.08 26.49 42.60
N ARG C 77 6.27 26.46 41.55
CA ARG C 77 4.91 26.98 41.60
C ARG C 77 3.88 25.91 41.93
N LEU C 78 4.29 24.67 42.14
CA LEU C 78 3.37 23.57 42.44
C LEU C 78 3.64 22.96 43.81
N ARG C 79 4.31 23.69 44.69
CA ARG C 79 4.63 23.16 46.01
C ARG C 79 3.36 23.06 46.86
N PHE C 80 3.30 22.02 47.69
CA PHE C 80 2.16 21.80 48.56
C PHE C 80 2.58 20.89 49.71
N LYS C 81 1.74 20.86 50.74
CA LYS C 81 1.94 19.99 51.89
C LYS C 81 0.63 19.28 52.21
N GLY C 82 0.73 18.00 52.55
CA GLY C 82 -0.44 17.20 52.83
C GLY C 82 -0.08 15.81 53.33
N PRO C 83 -1.09 14.96 53.52
CA PRO C 83 -0.82 13.61 54.03
C PRO C 83 0.09 12.80 53.14
N MET C 84 0.02 12.97 51.82
CA MET C 84 0.82 12.21 50.87
C MET C 84 1.79 13.13 50.15
N GLN C 85 3.01 12.64 49.93
CA GLN C 85 4.03 13.39 49.21
C GLN C 85 4.02 13.11 47.71
N ARG C 86 3.15 12.23 47.23
CA ARG C 86 3.06 11.90 45.82
C ARG C 86 1.61 11.98 45.38
N LEU C 87 1.42 12.42 44.12
CA LEU C 87 0.09 12.59 43.54
C LEU C 87 0.05 11.88 42.20
N PRO C 88 -0.15 10.56 42.20
CA PRO C 88 -0.34 9.85 40.92
C PRO C 88 -1.55 10.41 40.18
N LEU C 89 -1.42 10.53 38.87
CA LEU C 89 -2.44 11.15 38.04
C LEU C 89 -2.42 10.49 36.67
N ASN C 90 -3.13 11.11 35.71
CA ASN C 90 -3.26 10.58 34.36
C ASN C 90 -3.17 11.74 33.38
N ASN C 91 -3.55 11.49 32.14
CA ASN C 91 -3.42 12.48 31.07
C ASN C 91 -4.31 13.70 31.29
N LEU C 92 -5.27 13.64 32.20
CA LEU C 92 -6.20 14.75 32.38
C LEU C 92 -5.48 16.04 32.75
N LEU C 93 -4.51 15.95 33.67
CA LEU C 93 -3.80 17.12 34.16
C LEU C 93 -2.53 17.42 33.36
N ALA C 94 -2.18 16.59 32.39
CA ALA C 94 -0.94 16.80 31.65
C ALA C 94 -0.96 18.13 30.91
N SER C 95 -2.07 18.46 30.26
CA SER C 95 -2.16 19.68 29.47
C SER C 95 -2.44 20.92 30.31
N LYS C 96 -2.82 20.77 31.58
CA LYS C 96 -3.14 21.90 32.42
C LYS C 96 -1.92 22.66 32.89
N ILE C 97 -0.71 22.08 32.79
CA ILE C 97 0.50 22.74 33.24
C ILE C 97 1.49 22.85 32.09
N TRP C 98 2.66 23.41 32.35
CA TRP C 98 3.68 23.61 31.33
C TRP C 98 4.55 22.38 31.19
N THR C 99 4.75 21.95 29.94
CA THR C 99 5.65 20.86 29.62
C THR C 99 6.54 21.27 28.45
N PRO C 100 7.78 20.76 28.41
CA PRO C 100 8.68 21.16 27.33
C PRO C 100 8.19 20.69 25.98
N ASP C 101 8.50 21.48 24.95
CA ASP C 101 8.11 21.16 23.58
C ASP C 101 9.18 20.31 22.90
N THR C 102 9.44 19.14 23.50
CA THR C 102 10.44 18.24 22.97
C THR C 102 10.03 17.73 21.59
N PHE C 103 11.02 17.54 20.72
CA PHE C 103 10.78 17.02 19.39
C PHE C 103 12.01 16.26 18.93
N PHE C 104 11.81 15.40 17.93
CA PHE C 104 12.89 14.60 17.35
C PHE C 104 13.29 15.23 16.02
N HIS C 105 14.57 15.57 15.89
CA HIS C 105 15.04 16.28 14.70
C HIS C 105 14.88 15.44 13.44
N ASN C 106 15.23 14.15 13.53
CA ASN C 106 15.22 13.27 12.37
C ASN C 106 13.91 12.48 12.23
N GLY C 107 12.95 12.69 13.13
CA GLY C 107 11.69 11.98 13.05
C GLY C 107 10.83 12.46 11.90
N LYS C 108 10.69 11.64 10.86
CA LYS C 108 9.87 12.02 9.72
C LYS C 108 8.41 12.17 10.11
N LYS C 109 7.88 11.20 10.88
CA LYS C 109 6.47 11.21 11.24
C LYS C 109 6.32 10.43 12.55
N SER C 110 6.18 11.16 13.65
CA SER C 110 6.06 10.57 14.98
C SER C 110 4.64 10.77 15.50
N PHE C 111 4.01 9.69 15.95
CA PHE C 111 2.67 9.73 16.50
C PHE C 111 2.63 8.95 17.81
N ALA C 112 1.80 9.43 18.74
CA ALA C 112 1.67 8.81 20.05
C ALA C 112 0.59 7.74 20.00
N HIS C 113 0.21 7.22 21.17
CA HIS C 113 -0.81 6.19 21.29
C HIS C 113 -2.04 6.78 22.00
N TRP C 114 -3.22 6.36 21.56
CA TRP C 114 -4.48 6.92 22.05
C TRP C 114 -5.31 5.90 22.80
N MET C 115 -5.51 4.71 22.23
CA MET C 115 -6.33 3.68 22.85
C MET C 115 -5.44 2.65 23.54
N THR C 116 -5.98 1.99 24.56
CA THR C 116 -7.34 2.14 25.09
C THR C 116 -7.50 3.46 25.84
N THR C 117 -6.40 3.95 26.40
CA THR C 117 -6.37 5.23 27.09
C THR C 117 -5.08 5.95 26.72
N PRO C 118 -5.11 7.28 26.60
CA PRO C 118 -3.87 8.01 26.28
C PRO C 118 -2.73 7.64 27.23
N ASN C 119 -1.66 7.08 26.68
CA ASN C 119 -0.55 6.58 27.48
C ASN C 119 0.28 7.76 27.96
N ARG C 120 -0.07 8.28 29.13
CA ARG C 120 0.67 9.37 29.75
C ARG C 120 0.56 9.26 31.26
N MET C 121 1.49 9.90 31.95
CA MET C 121 1.50 9.91 33.40
C MET C 121 2.10 11.23 33.87
N LEU C 122 1.76 11.61 35.10
CA LEU C 122 2.23 12.87 35.66
C LEU C 122 2.20 12.75 37.18
N ARG C 123 3.33 12.99 37.83
CA ARG C 123 3.44 12.93 39.28
C ARG C 123 4.15 14.17 39.79
N ILE C 124 3.80 14.59 41.00
CA ILE C 124 4.36 15.79 41.61
C ILE C 124 4.76 15.46 43.04
N TRP C 125 5.73 16.21 43.55
CA TRP C 125 6.24 16.05 44.90
C TRP C 125 6.31 17.41 45.58
N ASN C 126 6.55 17.38 46.89
CA ASN C 126 6.54 18.61 47.68
C ASN C 126 7.63 19.57 47.22
N ASP C 127 8.83 19.05 46.94
CA ASP C 127 9.95 19.91 46.57
C ASP C 127 9.79 20.53 45.18
N GLY C 128 8.80 20.11 44.41
CA GLY C 128 8.60 20.60 43.07
C GLY C 128 9.06 19.67 41.97
N ARG C 129 9.70 18.56 42.32
CA ARG C 129 10.11 17.59 41.32
C ARG C 129 8.90 17.04 40.58
N VAL C 130 9.05 16.85 39.28
CA VAL C 130 7.96 16.39 38.42
C VAL C 130 8.46 15.22 37.58
N LEU C 131 7.51 14.36 37.20
CA LEU C 131 7.78 13.23 36.32
C LEU C 131 6.73 13.21 35.22
N TYR C 132 7.17 12.92 33.99
CA TYR C 132 6.27 12.93 32.84
C TYR C 132 6.75 11.88 31.85
N THR C 133 6.17 10.69 31.94
CA THR C 133 6.45 9.61 31.01
C THR C 133 5.54 9.74 29.79
N LEU C 134 6.02 9.24 28.66
CA LEU C 134 5.28 9.39 27.41
C LEU C 134 5.70 8.27 26.46
N ARG C 135 4.80 7.33 26.22
CA ARG C 135 5.04 6.29 25.24
C ARG C 135 5.06 6.90 23.84
N LEU C 136 5.92 6.36 22.98
CA LEU C 136 6.11 6.91 21.64
C LEU C 136 6.42 5.81 20.65
N THR C 137 6.18 6.10 19.37
CA THR C 137 6.53 5.22 18.27
C THR C 137 7.13 6.11 17.18
N ILE C 138 8.46 6.14 17.10
CA ILE C 138 9.19 7.07 16.25
C ILE C 138 9.63 6.34 15.00
N SER C 139 9.23 6.87 13.83
CA SER C 139 9.69 6.36 12.54
C SER C 139 10.80 7.29 12.04
N ALA C 140 11.99 7.11 12.60
CA ALA C 140 13.12 7.96 12.26
C ALA C 140 13.74 7.54 10.92
N GLU C 141 14.69 8.33 10.47
CA GLU C 141 15.38 8.10 9.20
C GLU C 141 16.84 7.80 9.47
N CYS C 142 17.35 6.72 8.86
CA CYS C 142 18.71 6.24 9.07
C CYS C 142 19.42 6.13 7.73
N PRO C 143 20.14 7.17 7.31
CA PRO C 143 20.92 7.05 6.07
C PRO C 143 21.98 5.97 6.18
N MET C 144 22.19 5.25 5.08
CA MET C 144 23.14 4.15 5.05
C MET C 144 23.94 4.18 3.76
N ASP C 145 25.23 3.87 3.85
CA ASP C 145 26.12 3.79 2.70
C ASP C 145 26.31 2.32 2.35
N LEU C 146 25.80 1.91 1.20
CA LEU C 146 25.82 0.51 0.78
C LEU C 146 27.01 0.27 -0.15
N GLU C 147 28.21 0.41 0.43
CA GLU C 147 29.46 0.16 -0.28
C GLU C 147 30.02 -1.23 -0.01
N ASP C 148 29.89 -1.73 1.22
CA ASP C 148 30.31 -3.08 1.58
C ASP C 148 29.13 -4.03 1.75
N PHE C 149 27.99 -3.69 1.16
CA PHE C 149 26.80 -4.52 1.32
C PHE C 149 27.05 -5.91 0.76
N PRO C 150 26.62 -6.97 1.45
CA PRO C 150 25.90 -7.00 2.74
C PRO C 150 26.83 -6.98 3.95
N MET C 151 28.16 -6.97 3.76
CA MET C 151 29.09 -6.92 4.89
C MET C 151 29.31 -5.46 5.28
N ASP C 152 28.26 -4.89 5.88
CA ASP C 152 28.24 -3.48 6.25
C ASP C 152 27.77 -3.32 7.69
N GLU C 153 28.28 -2.26 8.34
CA GLU C 153 27.88 -1.89 9.68
C GLU C 153 27.27 -0.49 9.63
N GLN C 154 26.12 -0.33 10.28
CA GLN C 154 25.37 0.92 10.24
C GLN C 154 25.21 1.47 11.66
N ASN C 155 25.12 2.80 11.75
CA ASN C 155 24.95 3.52 13.01
C ASN C 155 23.74 4.43 12.86
N CYS C 156 22.56 3.93 13.22
CA CYS C 156 21.35 4.73 13.12
C CYS C 156 21.22 5.63 14.33
N PRO C 157 21.16 6.95 14.18
CA PRO C 157 21.10 7.85 15.32
C PRO C 157 19.67 8.16 15.75
N LEU C 158 19.56 8.86 16.88
CA LEU C 158 18.28 9.34 17.37
C LEU C 158 18.55 10.63 18.14
N LYS C 159 18.18 11.76 17.55
CA LYS C 159 18.44 13.08 18.13
C LYS C 159 17.13 13.70 18.58
N PHE C 160 17.11 14.17 19.83
CA PHE C 160 15.95 14.88 20.37
C PHE C 160 16.44 16.09 21.14
N GLY C 161 15.64 17.14 21.12
CA GLY C 161 15.98 18.38 21.79
C GLY C 161 14.77 19.26 22.07
N SER C 162 14.94 20.58 21.89
CA SER C 162 13.87 21.54 22.09
C SER C 162 13.75 22.42 20.86
N TYR C 163 12.54 22.94 20.65
CA TYR C 163 12.23 23.74 19.46
C TYR C 163 12.37 25.24 19.72
N ALA C 164 11.63 25.76 20.70
CA ALA C 164 11.54 27.19 20.92
C ALA C 164 12.32 27.67 22.14
N TYR C 165 12.95 26.78 22.90
CA TYR C 165 13.69 27.16 24.09
C TYR C 165 15.18 26.97 23.85
N PRO C 166 15.96 28.03 23.65
CA PRO C 166 17.41 27.86 23.43
C PRO C 166 18.13 27.32 24.65
N ASN C 167 19.45 27.13 24.53
CA ASN C 167 20.23 26.60 25.65
C ASN C 167 20.20 27.55 26.84
N SER C 168 20.03 28.85 26.60
CA SER C 168 20.02 29.80 27.70
C SER C 168 18.83 29.62 28.63
N GLU C 169 17.81 28.86 28.20
CA GLU C 169 16.60 28.66 28.98
C GLU C 169 16.40 27.21 29.39
N VAL C 170 16.53 26.27 28.47
CA VAL C 170 16.31 24.86 28.74
C VAL C 170 17.53 24.06 28.30
N VAL C 171 17.98 23.16 29.17
CA VAL C 171 19.13 22.30 28.89
C VAL C 171 18.75 20.88 29.28
N TYR C 172 19.06 19.92 28.40
CA TYR C 172 18.79 18.52 28.64
C TYR C 172 20.06 17.80 29.04
N VAL C 173 19.98 17.00 30.10
CA VAL C 173 21.12 16.24 30.61
C VAL C 173 20.63 14.86 31.04
N TRP C 174 21.42 13.83 30.73
CA TRP C 174 21.06 12.48 31.14
C TRP C 174 21.11 12.34 32.65
N THR C 175 20.19 11.55 33.19
CA THR C 175 20.13 11.30 34.62
C THR C 175 21.11 10.20 35.01
N ASN C 176 21.80 10.40 36.12
CA ASN C 176 22.79 9.43 36.60
C ASN C 176 23.86 9.28 35.51
N GLY C 177 24.48 8.11 35.42
CA GLY C 177 25.48 7.87 34.40
C GLY C 177 24.86 7.55 33.06
N SER C 178 25.71 7.50 32.04
CA SER C 178 25.24 7.21 30.69
C SER C 178 24.89 5.73 30.52
N THR C 179 25.47 4.87 31.36
CA THR C 179 25.20 3.43 31.24
C THR C 179 23.73 3.13 31.47
N LYS C 180 23.14 3.73 32.52
CA LYS C 180 21.73 3.53 32.84
C LYS C 180 20.82 4.53 32.15
N SER C 181 21.38 5.51 31.42
CA SER C 181 20.54 6.51 30.78
C SER C 181 19.62 5.88 29.73
N VAL C 182 20.15 4.95 28.93
CA VAL C 182 19.40 4.28 27.89
C VAL C 182 19.41 2.78 28.18
N VAL C 183 18.24 2.16 28.14
CA VAL C 183 18.09 0.74 28.43
C VAL C 183 17.35 0.10 27.26
N VAL C 184 17.85 -1.05 26.80
CA VAL C 184 17.23 -1.80 25.72
C VAL C 184 16.89 -3.19 26.23
N ALA C 185 15.65 -3.62 26.02
CA ALA C 185 15.22 -4.93 26.47
C ALA C 185 15.97 -6.02 25.72
N GLU C 186 16.22 -7.13 26.42
CA GLU C 186 16.92 -8.25 25.79
C GLU C 186 16.13 -8.79 24.61
N ASP C 187 14.82 -8.92 24.76
CA ASP C 187 13.96 -9.39 23.68
C ASP C 187 13.44 -8.25 22.82
N GLY C 188 13.84 -7.01 23.09
CA GLY C 188 13.39 -5.88 22.30
C GLY C 188 14.00 -5.80 20.92
N SER C 189 15.05 -6.56 20.65
CA SER C 189 15.66 -6.59 19.32
C SER C 189 14.81 -7.49 18.43
N ARG C 190 14.00 -6.86 17.57
CA ARG C 190 13.08 -7.56 16.68
C ARG C 190 13.50 -7.36 15.23
N LEU C 191 14.80 -7.45 14.96
CA LEU C 191 15.35 -7.26 13.63
C LEU C 191 15.57 -8.63 12.98
N ASN C 192 15.02 -8.80 11.77
CA ASN C 192 15.17 -10.05 11.04
C ASN C 192 16.43 -10.08 10.17
N GLN C 193 17.11 -8.95 10.00
CA GLN C 193 18.30 -8.90 9.17
C GLN C 193 19.38 -8.01 9.77
N TYR C 194 19.44 -7.92 11.10
CA TYR C 194 20.45 -7.10 11.75
C TYR C 194 20.69 -7.63 13.16
N HIS C 195 21.83 -7.25 13.71
CA HIS C 195 22.20 -7.54 15.10
C HIS C 195 22.42 -6.23 15.83
N LEU C 196 21.88 -6.12 17.05
CA LEU C 196 22.01 -4.92 17.86
C LEU C 196 23.24 -5.10 18.75
N MET C 197 24.39 -4.59 18.30
CA MET C 197 25.63 -4.80 19.02
C MET C 197 25.67 -3.98 20.31
N GLY C 198 25.28 -2.71 20.24
CA GLY C 198 25.37 -1.86 21.41
C GLY C 198 24.83 -0.47 21.10
N GLN C 199 24.96 0.41 22.10
CA GLN C 199 24.45 1.77 21.99
C GLN C 199 25.48 2.73 22.56
N THR C 200 25.42 3.98 22.08
CA THR C 200 26.25 5.05 22.60
C THR C 200 25.42 6.33 22.67
N VAL C 201 25.76 7.20 23.62
CA VAL C 201 25.03 8.44 23.85
C VAL C 201 26.03 9.58 23.98
N GLY C 202 25.52 10.80 23.80
CA GLY C 202 26.36 11.97 23.91
C GLY C 202 25.51 13.23 23.81
N THR C 203 26.18 14.36 23.96
CA THR C 203 25.54 15.67 23.90
C THR C 203 26.36 16.60 23.02
N GLU C 204 25.66 17.55 22.40
CA GLU C 204 26.31 18.53 21.54
C GLU C 204 25.39 19.73 21.38
N ASN C 205 25.94 20.82 20.84
CA ASN C 205 25.21 22.05 20.59
C ASN C 205 25.19 22.35 19.11
N ILE C 206 24.14 23.03 18.67
CA ILE C 206 24.01 23.50 17.29
C ILE C 206 23.65 24.97 17.32
N SER C 207 24.03 25.68 16.26
CA SER C 207 23.83 27.12 16.15
C SER C 207 22.93 27.42 14.95
N THR C 208 21.96 28.29 15.15
CA THR C 208 21.05 28.73 14.09
C THR C 208 20.83 30.22 14.24
N SER C 209 19.88 30.75 13.46
CA SER C 209 19.61 32.19 13.51
C SER C 209 19.11 32.61 14.88
N THR C 210 18.20 31.83 15.47
CA THR C 210 17.63 32.21 16.76
C THR C 210 18.67 32.15 17.87
N GLY C 211 19.44 31.08 17.92
CA GLY C 211 20.45 30.94 18.94
C GLY C 211 20.88 29.49 19.09
N GLU C 212 21.67 29.26 20.13
CA GLU C 212 22.18 27.92 20.40
C GLU C 212 21.08 27.02 20.98
N TYR C 213 21.19 25.73 20.70
CA TYR C 213 20.26 24.73 21.20
C TYR C 213 21.04 23.52 21.70
N THR C 214 20.43 22.80 22.65
CA THR C 214 21.06 21.61 23.20
C THR C 214 20.55 20.37 22.47
N ILE C 215 21.49 19.47 22.16
CA ILE C 215 21.18 18.25 21.42
C ILE C 215 21.60 17.06 22.26
N MET C 216 20.69 16.11 22.43
CA MET C 216 20.97 14.84 23.09
C MET C 216 20.84 13.74 22.03
N THR C 217 21.92 13.00 21.82
CA THR C 217 22.01 12.04 20.73
C THR C 217 22.28 10.64 21.27
N ALA C 218 21.64 9.65 20.65
CA ALA C 218 21.87 8.25 20.95
C ALA C 218 22.09 7.51 19.64
N HIS C 219 23.15 6.72 19.59
CA HIS C 219 23.52 5.97 18.38
C HIS C 219 23.41 4.48 18.66
N PHE C 220 22.84 3.75 17.71
CA PHE C 220 22.71 2.30 17.78
C PHE C 220 23.61 1.68 16.73
N HIS C 221 24.50 0.79 17.17
CA HIS C 221 25.43 0.10 16.27
C HIS C 221 24.76 -1.16 15.73
N LEU C 222 24.70 -1.27 14.40
CA LEU C 222 24.03 -2.38 13.74
C LEU C 222 25.04 -3.19 12.94
N LYS C 223 25.00 -4.51 13.11
CA LYS C 223 25.83 -5.45 12.37
C LYS C 223 24.90 -6.38 11.61
N ARG C 224 24.91 -6.29 10.29
CA ARG C 224 24.00 -7.10 9.48
C ARG C 224 24.34 -8.59 9.64
N LYS C 225 23.30 -9.41 9.62
CA LYS C 225 23.45 -10.86 9.70
C LYS C 225 23.31 -11.46 8.32
N ILE C 226 24.30 -12.23 7.89
CA ILE C 226 24.29 -12.84 6.57
C ILE C 226 23.70 -14.24 6.68
N GLY C 227 23.18 -14.73 5.56
CA GLY C 227 22.56 -16.03 5.51
C GLY C 227 21.33 -16.05 4.63
N TYR C 228 20.63 -14.91 4.55
CA TYR C 228 19.51 -14.81 3.64
C TYR C 228 19.98 -14.62 2.19
N PHE C 229 21.03 -13.80 2.00
CA PHE C 229 21.55 -13.59 0.65
C PHE C 229 22.36 -14.78 0.17
N VAL C 230 22.94 -15.55 1.10
CA VAL C 230 23.67 -16.75 0.71
C VAL C 230 22.74 -17.73 0.01
N ILE C 231 21.54 -17.93 0.55
CA ILE C 231 20.56 -18.84 -0.04
C ILE C 231 19.83 -18.23 -1.22
N GLN C 232 19.95 -16.92 -1.43
CA GLN C 232 19.18 -16.22 -2.45
C GLN C 232 20.01 -15.91 -3.70
N THR C 233 21.22 -15.37 -3.52
CA THR C 233 22.03 -14.92 -4.65
C THR C 233 23.34 -15.66 -4.78
N TYR C 234 24.09 -15.82 -3.68
CA TYR C 234 25.43 -16.40 -3.79
C TYR C 234 25.37 -17.84 -4.28
N LEU C 235 24.56 -18.68 -3.64
CA LEU C 235 24.54 -20.09 -4.01
C LEU C 235 24.07 -20.31 -5.44
N PRO C 236 22.97 -19.72 -5.90
CA PRO C 236 22.60 -19.92 -7.32
C PRO C 236 23.70 -19.52 -8.29
N CYS C 237 24.44 -18.46 -7.99
CA CYS C 237 25.55 -18.07 -8.85
C CYS C 237 26.64 -19.14 -8.82
N ILE C 238 26.94 -19.68 -7.65
CA ILE C 238 27.99 -20.70 -7.54
C ILE C 238 27.56 -21.96 -8.30
N MET C 239 26.33 -22.42 -8.08
CA MET C 239 25.87 -23.62 -8.76
C MET C 239 25.74 -23.41 -10.26
N THR C 240 25.36 -22.21 -10.69
CA THR C 240 25.26 -21.93 -12.11
C THR C 240 26.62 -22.04 -12.78
N VAL C 241 27.67 -21.55 -12.13
CA VAL C 241 29.02 -21.65 -12.69
C VAL C 241 29.42 -23.11 -12.82
N ILE C 242 29.13 -23.93 -11.81
CA ILE C 242 29.48 -25.34 -11.85
C ILE C 242 28.78 -26.03 -13.02
N LEU C 243 27.53 -25.63 -13.29
CA LEU C 243 26.78 -26.24 -14.38
C LEU C 243 27.47 -26.03 -15.72
N SER C 244 27.96 -24.82 -15.97
CA SER C 244 28.62 -24.53 -17.24
C SER C 244 29.88 -25.37 -17.41
N GLN C 245 30.66 -25.53 -16.35
CA GLN C 245 31.91 -26.27 -16.45
C GLN C 245 31.71 -27.72 -16.85
N VAL C 246 30.51 -28.27 -16.64
CA VAL C 246 30.25 -29.64 -17.06
C VAL C 246 30.40 -29.80 -18.56
N SER C 247 30.19 -28.71 -19.32
CA SER C 247 30.31 -28.79 -20.77
C SER C 247 31.73 -29.17 -21.18
N PHE C 248 32.74 -28.82 -20.37
CA PHE C 248 34.11 -29.15 -20.70
C PHE C 248 34.37 -30.65 -20.72
N TRP C 249 33.47 -31.44 -20.13
CA TRP C 249 33.60 -32.89 -20.11
C TRP C 249 32.79 -33.56 -21.20
N LEU C 250 32.29 -32.79 -22.17
CA LEU C 250 31.53 -33.32 -23.30
C LEU C 250 32.35 -33.18 -24.57
N ASN C 251 32.25 -34.18 -25.45
CA ASN C 251 33.04 -34.19 -26.67
C ASN C 251 32.60 -33.05 -27.59
N ARG C 252 33.55 -32.62 -28.43
CA ARG C 252 33.33 -31.44 -29.27
C ARG C 252 32.22 -31.68 -30.29
N GLU C 253 32.14 -32.91 -30.84
CA GLU C 253 31.19 -33.15 -31.93
C GLU C 253 29.75 -32.85 -31.50
N SER C 254 29.46 -32.92 -30.20
CA SER C 254 28.13 -32.59 -29.68
C SER C 254 28.01 -31.08 -29.53
N VAL C 255 27.97 -30.41 -30.67
CA VAL C 255 27.91 -28.94 -30.68
C VAL C 255 26.63 -28.46 -30.03
N ALA C 256 25.50 -29.09 -30.37
CA ALA C 256 24.21 -28.65 -29.85
C ALA C 256 24.16 -28.79 -28.33
N ALA C 257 24.67 -29.90 -27.80
CA ALA C 257 24.57 -30.15 -26.36
C ALA C 257 25.34 -29.09 -25.57
N ARG C 258 26.56 -28.78 -26.01
CA ARG C 258 27.34 -27.78 -25.29
C ARG C 258 26.77 -26.38 -25.46
N THR C 259 26.09 -26.13 -26.57
CA THR C 259 25.46 -24.82 -26.78
C THR C 259 24.39 -24.56 -25.73
N VAL C 260 23.58 -25.59 -25.40
CA VAL C 260 22.50 -25.40 -24.44
C VAL C 260 23.05 -25.01 -23.08
N PHE C 261 24.13 -25.67 -22.65
CA PHE C 261 24.71 -25.35 -21.34
C PHE C 261 25.15 -23.89 -21.28
N GLY C 262 25.88 -23.44 -22.30
CA GLY C 262 26.41 -22.09 -22.26
C GLY C 262 25.33 -21.02 -22.31
N VAL C 263 24.35 -21.19 -23.20
CA VAL C 263 23.33 -20.16 -23.37
C VAL C 263 22.45 -20.07 -22.13
N THR C 264 22.00 -21.20 -21.61
CA THR C 264 21.10 -21.19 -20.46
C THR C 264 21.76 -20.56 -19.24
N THR C 265 23.03 -20.91 -18.99
CA THR C 265 23.72 -20.37 -17.82
C THR C 265 23.88 -18.86 -17.91
N VAL C 266 24.22 -18.35 -19.10
CA VAL C 266 24.45 -16.91 -19.25
C VAL C 266 23.16 -16.14 -18.96
N LEU C 267 22.04 -16.62 -19.52
CA LEU C 267 20.76 -15.95 -19.26
C LEU C 267 20.35 -16.10 -17.81
N THR C 268 20.65 -17.24 -17.20
CA THR C 268 20.31 -17.43 -15.79
C THR C 268 21.01 -16.41 -14.91
N MET C 269 22.30 -16.15 -15.17
CA MET C 269 23.02 -15.14 -14.40
C MET C 269 22.42 -13.76 -14.63
N THR C 270 22.04 -13.45 -15.87
CA THR C 270 21.50 -12.13 -16.17
C THR C 270 20.23 -11.86 -15.39
N THR C 271 19.31 -12.83 -15.34
CA THR C 271 18.06 -12.63 -14.62
C THR C 271 18.27 -12.54 -13.12
N LEU C 272 19.27 -13.25 -12.59
CA LEU C 272 19.54 -13.18 -11.16
C LEU C 272 19.95 -11.77 -10.76
N SER C 273 20.77 -11.12 -11.57
CA SER C 273 21.18 -9.76 -11.26
C SER C 273 19.99 -8.82 -11.18
N ILE C 274 19.05 -8.95 -12.12
CA ILE C 274 17.86 -8.11 -12.10
C ILE C 274 17.04 -8.39 -10.85
N SER C 275 16.84 -9.67 -10.54
CA SER C 275 16.02 -10.03 -9.38
C SER C 275 16.64 -9.56 -8.08
N ALA C 276 17.96 -9.67 -7.96
CA ALA C 276 18.62 -9.34 -6.70
C ALA C 276 18.41 -7.87 -6.32
N ARG C 277 18.52 -6.97 -7.29
CA ARG C 277 18.44 -5.54 -7.02
C ARG C 277 17.01 -5.02 -6.94
N ASN C 278 16.01 -5.86 -7.19
CA ASN C 278 14.62 -5.41 -7.10
C ASN C 278 14.29 -4.93 -5.69
N SER C 279 14.62 -5.74 -4.68
CA SER C 279 14.38 -5.35 -3.30
C SER C 279 15.43 -4.36 -2.80
N LEU C 280 16.65 -4.48 -3.28
CA LEU C 280 17.72 -3.60 -2.81
C LEU C 280 17.45 -2.17 -3.27
N PRO C 281 17.85 -1.17 -2.48
CA PRO C 281 17.66 0.22 -2.91
C PRO C 281 18.41 0.51 -4.20
N LYS C 282 17.85 1.42 -5.00
CA LYS C 282 18.40 1.77 -6.30
C LYS C 282 19.60 2.71 -6.15
N VAL C 283 20.65 2.18 -5.52
CA VAL C 283 21.88 2.94 -5.33
C VAL C 283 22.62 3.02 -6.65
N ALA C 284 23.10 4.22 -6.98
CA ALA C 284 23.81 4.46 -8.24
C ALA C 284 25.33 4.27 -8.08
N TYR C 285 25.72 3.12 -7.54
CA TYR C 285 27.12 2.74 -7.47
C TYR C 285 27.22 1.25 -7.24
N ALA C 286 28.40 0.70 -7.50
CA ALA C 286 28.60 -0.75 -7.46
C ALA C 286 28.79 -1.22 -6.02
N THR C 287 28.03 -2.24 -5.63
CA THR C 287 28.17 -2.86 -4.34
C THR C 287 29.11 -4.07 -4.43
N ALA C 288 29.40 -4.65 -3.26
CA ALA C 288 30.25 -5.83 -3.22
C ALA C 288 29.57 -7.01 -3.91
N MET C 289 28.26 -7.15 -3.72
CA MET C 289 27.54 -8.27 -4.34
C MET C 289 27.58 -8.17 -5.85
N ASP C 290 27.50 -6.95 -6.39
CA ASP C 290 27.53 -6.79 -7.84
C ASP C 290 28.83 -7.30 -8.44
N TRP C 291 29.96 -7.02 -7.77
CA TRP C 291 31.24 -7.51 -8.26
C TRP C 291 31.28 -9.03 -8.29
N PHE C 292 30.74 -9.68 -7.26
CA PHE C 292 30.71 -11.14 -7.24
C PHE C 292 29.92 -11.69 -8.42
N ILE C 293 28.77 -11.09 -8.73
CA ILE C 293 27.99 -11.54 -9.87
C ILE C 293 28.74 -11.26 -11.17
N ALA C 294 29.44 -10.12 -11.24
CA ALA C 294 30.19 -9.81 -12.46
C ALA C 294 31.27 -10.84 -12.72
N VAL C 295 31.98 -11.25 -11.68
CA VAL C 295 33.01 -12.28 -11.84
C VAL C 295 32.40 -13.59 -12.31
N CYS C 296 31.27 -13.98 -11.70
CA CYS C 296 30.60 -15.20 -12.13
C CYS C 296 30.12 -15.09 -13.57
N TYR C 297 29.75 -13.88 -14.00
CA TYR C 297 29.31 -13.70 -15.39
C TYR C 297 30.44 -14.00 -16.36
N ALA C 298 31.66 -13.56 -16.04
CA ALA C 298 32.79 -13.80 -16.93
C ALA C 298 33.09 -15.29 -17.07
N PHE C 299 33.02 -16.03 -15.96
CA PHE C 299 33.36 -17.46 -16.00
C PHE C 299 32.46 -18.20 -16.97
N VAL C 300 31.14 -18.04 -16.84
CA VAL C 300 30.23 -18.71 -17.75
C VAL C 300 30.40 -18.17 -19.17
N PHE C 301 30.55 -16.86 -19.32
CA PHE C 301 30.74 -16.27 -20.63
C PHE C 301 32.05 -16.73 -21.26
N SER C 302 33.11 -16.81 -20.45
CA SER C 302 34.40 -17.25 -20.97
C SER C 302 34.34 -18.69 -21.46
N ALA C 303 33.62 -19.54 -20.74
CA ALA C 303 33.51 -20.94 -21.15
C ALA C 303 32.86 -21.05 -22.52
N LEU C 304 31.83 -20.24 -22.78
CA LEU C 304 31.18 -20.26 -24.08
C LEU C 304 32.16 -19.86 -25.19
N LEU C 305 32.99 -18.85 -24.92
CA LEU C 305 33.98 -18.44 -25.92
C LEU C 305 34.97 -19.56 -26.21
N GLU C 306 35.39 -20.29 -25.17
CA GLU C 306 36.34 -21.38 -25.38
C GLU C 306 35.77 -22.43 -26.32
N PHE C 307 34.49 -22.78 -26.14
CA PHE C 307 33.86 -23.74 -27.04
C PHE C 307 33.80 -23.23 -28.46
N ALA C 308 33.45 -21.95 -28.64
CA ALA C 308 33.36 -21.39 -29.98
C ALA C 308 34.72 -21.39 -30.66
N PHE C 309 35.76 -20.96 -29.94
CA PHE C 309 37.11 -20.95 -30.51
C PHE C 309 37.58 -22.36 -30.84
N VAL C 310 37.32 -23.32 -29.94
CA VAL C 310 37.70 -24.70 -30.18
C VAL C 310 36.98 -25.26 -31.39
N ASN C 311 35.67 -25.00 -31.49
CA ASN C 311 34.88 -25.53 -32.59
C ASN C 311 35.30 -24.96 -33.94
N TYR C 312 35.96 -23.81 -33.95
CA TYR C 312 36.37 -23.17 -35.19
C TYR C 312 37.71 -23.67 -35.73
N ILE C 313 38.48 -24.39 -34.92
CA ILE C 313 39.80 -24.88 -35.35
C ILE C 313 39.92 -26.37 -35.06
N THR C 314 38.79 -27.04 -34.82
CA THR C 314 38.81 -28.46 -34.53
C THR C 314 39.20 -29.31 -35.73
N LYS C 315 39.24 -28.72 -36.93
CA LYS C 315 39.58 -29.45 -38.15
C LYS C 315 41.02 -29.22 -38.58
N SER C 316 41.45 -27.97 -38.70
CA SER C 316 42.79 -27.67 -39.20
C SER C 316 43.86 -28.24 -38.27
N GLN C 317 43.77 -27.93 -36.98
CA GLN C 317 44.75 -28.37 -35.98
C GLN C 317 44.00 -28.93 -34.79
N PRO C 318 43.49 -30.16 -34.90
CA PRO C 318 42.76 -30.75 -33.76
C PRO C 318 43.60 -30.87 -32.50
N ALA C 319 44.91 -31.06 -32.63
CA ALA C 319 45.75 -31.29 -31.47
C ALA C 319 45.67 -30.12 -30.49
N ARG C 320 45.78 -28.89 -30.99
CA ARG C 320 45.72 -27.73 -30.11
C ARG C 320 44.35 -27.60 -29.47
N ALA C 321 43.28 -27.84 -30.24
CA ALA C 321 41.94 -27.74 -29.70
C ALA C 321 41.71 -28.75 -28.58
N ALA C 322 42.13 -29.99 -28.79
CA ALA C 322 41.96 -31.02 -27.77
C ALA C 322 42.78 -30.69 -26.53
N LYS C 323 44.01 -30.20 -26.72
CA LYS C 323 44.84 -29.85 -25.58
C LYS C 323 44.21 -28.74 -24.74
N ILE C 324 43.63 -27.74 -25.40
CA ILE C 324 43.00 -26.64 -24.67
C ILE C 324 41.81 -27.14 -23.86
N ASP C 325 41.01 -28.03 -24.45
CA ASP C 325 39.81 -28.51 -23.76
C ASP C 325 40.16 -29.20 -22.46
N LYS C 326 41.18 -30.06 -22.48
CA LYS C 326 41.59 -30.74 -21.24
C LYS C 326 42.13 -29.75 -20.23
N MET C 327 42.92 -28.77 -20.67
CA MET C 327 43.48 -27.79 -19.76
C MET C 327 42.38 -26.96 -19.11
N SER C 328 41.33 -26.62 -19.87
CA SER C 328 40.25 -25.82 -19.32
C SER C 328 39.55 -26.52 -18.16
N ARG C 329 39.48 -27.85 -18.19
CA ARG C 329 38.81 -28.59 -17.13
C ARG C 329 39.44 -28.32 -15.78
N ILE C 330 40.74 -28.07 -15.73
CA ILE C 330 41.47 -27.90 -14.48
C ILE C 330 41.63 -26.44 -14.11
N VAL C 331 41.99 -25.58 -15.06
CA VAL C 331 42.28 -24.19 -14.76
C VAL C 331 41.04 -23.48 -14.24
N PHE C 332 39.90 -23.66 -14.91
CA PHE C 332 38.70 -22.91 -14.55
C PHE C 332 38.24 -23.20 -13.13
N PRO C 333 38.07 -24.46 -12.71
CA PRO C 333 37.67 -24.68 -11.31
C PRO C 333 38.65 -24.12 -10.29
N ILE C 334 39.94 -24.18 -10.58
CA ILE C 334 40.94 -23.71 -9.61
C ILE C 334 40.81 -22.21 -9.40
N LEU C 335 40.66 -21.45 -10.49
CA LEU C 335 40.57 -20.00 -10.37
C LEU C 335 39.32 -19.61 -9.58
N PHE C 336 38.20 -20.28 -9.81
CA PHE C 336 36.98 -19.95 -9.09
C PHE C 336 37.15 -20.19 -7.60
N GLY C 337 37.78 -21.31 -7.23
CA GLY C 337 38.03 -21.57 -5.82
C GLY C 337 39.00 -20.58 -5.21
N THR C 338 40.05 -20.22 -5.94
CA THR C 338 41.01 -19.24 -5.43
C THR C 338 40.37 -17.89 -5.22
N PHE C 339 39.51 -17.46 -6.15
CA PHE C 339 38.88 -16.15 -6.03
C PHE C 339 37.97 -16.09 -4.82
N ASN C 340 37.24 -17.17 -4.53
CA ASN C 340 36.30 -17.15 -3.42
C ASN C 340 37.00 -16.87 -2.10
N LEU C 341 38.16 -17.50 -1.89
CA LEU C 341 38.89 -17.29 -0.63
C LEU C 341 39.26 -15.83 -0.45
N VAL C 342 39.74 -15.18 -1.51
CA VAL C 342 40.09 -13.77 -1.43
C VAL C 342 38.86 -12.93 -1.11
N TYR C 343 37.75 -13.21 -1.80
CA TYR C 343 36.55 -12.40 -1.60
C TYR C 343 36.02 -12.53 -0.18
N TRP C 344 35.83 -13.75 0.30
CA TRP C 344 35.26 -13.95 1.62
C TRP C 344 36.24 -13.54 2.72
N ALA C 345 37.51 -13.91 2.58
CA ALA C 345 38.49 -13.57 3.60
C ALA C 345 38.65 -12.06 3.75
N THR C 346 38.71 -11.35 2.62
CA THR C 346 38.90 -9.90 2.67
C THR C 346 37.74 -9.22 3.39
N TYR C 347 36.51 -9.61 3.06
CA TYR C 347 35.34 -8.98 3.67
C TYR C 347 35.11 -9.48 5.10
N LEU C 348 35.36 -10.76 5.34
CA LEU C 348 35.23 -11.33 6.69
C LEU C 348 36.55 -11.25 7.45
N ASN C 349 37.14 -10.06 7.50
CA ASN C 349 38.40 -9.84 8.20
C ASN C 349 38.80 -8.37 8.14
N ASN D 14 -41.92 10.60 34.78
CA ASN D 14 -40.95 10.04 35.72
C ASN D 14 -39.56 10.01 35.10
N ILE D 15 -39.28 11.00 34.24
CA ILE D 15 -37.99 11.09 33.57
C ILE D 15 -37.11 12.16 34.21
N THR D 16 -37.69 13.28 34.61
CA THR D 16 -36.92 14.34 35.25
C THR D 16 -36.30 13.88 36.56
N ILE D 17 -36.89 12.87 37.21
CA ILE D 17 -36.32 12.34 38.44
C ILE D 17 -34.91 11.82 38.18
N PHE D 18 -34.72 11.13 37.06
CA PHE D 18 -33.39 10.64 36.71
C PHE D 18 -32.41 11.78 36.47
N THR D 19 -32.90 12.87 35.87
CA THR D 19 -32.01 13.98 35.54
C THR D 19 -31.37 14.57 36.79
N ARG D 20 -32.15 14.72 37.86
CA ARG D 20 -31.59 15.29 39.09
C ARG D 20 -30.50 14.39 39.66
N ILE D 21 -30.70 13.07 39.60
CA ILE D 21 -29.72 12.14 40.15
C ILE D 21 -28.37 12.30 39.46
N LEU D 22 -28.39 12.37 38.12
CA LEU D 22 -27.15 12.48 37.38
C LEU D 22 -26.41 13.77 37.71
N ASP D 23 -27.14 14.89 37.78
CA ASP D 23 -26.50 16.17 38.06
C ASP D 23 -25.85 16.17 39.45
N GLY D 24 -26.54 15.60 40.44
CA GLY D 24 -26.00 15.62 41.80
C GLY D 24 -24.70 14.85 41.91
N LEU D 25 -24.63 13.68 41.29
CA LEU D 25 -23.42 12.86 41.41
C LEU D 25 -22.21 13.56 40.82
N LEU D 26 -22.36 14.20 39.66
CA LEU D 26 -21.22 14.86 39.04
C LEU D 26 -20.67 15.98 39.91
N ASP D 27 -21.56 16.78 40.50
CA ASP D 27 -21.12 17.84 41.40
C ASP D 27 -20.46 17.23 42.63
N GLY D 28 -19.29 17.77 42.99
CA GLY D 28 -18.53 17.23 44.09
C GLY D 28 -17.76 15.97 43.77
N TYR D 29 -17.75 15.54 42.52
CA TYR D 29 -17.05 14.34 42.09
C TYR D 29 -15.89 14.73 41.18
N ASP D 30 -14.69 14.28 41.53
CA ASP D 30 -13.48 14.57 40.78
C ASP D 30 -13.05 13.32 40.02
N ASN D 31 -12.94 13.44 38.69
CA ASN D 31 -12.56 12.30 37.86
C ASN D 31 -11.06 12.05 37.83
N ARG D 32 -10.26 12.93 38.42
CA ARG D 32 -8.81 12.78 38.42
C ARG D 32 -8.29 11.97 39.59
N LEU D 33 -9.17 11.48 40.46
CA LEU D 33 -8.78 10.70 41.63
C LEU D 33 -9.52 9.37 41.63
N ARG D 34 -8.79 8.30 41.95
CA ARG D 34 -9.37 6.97 41.97
C ARG D 34 -10.20 6.76 43.23
N PRO D 35 -11.19 5.88 43.19
CA PRO D 35 -11.96 5.59 44.40
C PRO D 35 -11.10 4.92 45.45
N GLY D 36 -11.45 5.17 46.71
CA GLY D 36 -10.68 4.61 47.81
C GLY D 36 -9.24 5.09 47.83
N LEU D 37 -9.02 6.36 47.50
CA LEU D 37 -7.67 6.93 47.50
C LEU D 37 -7.24 7.21 48.94
N GLY D 38 -6.14 6.59 49.35
CA GLY D 38 -5.65 6.73 50.70
C GLY D 38 -6.36 5.87 51.72
N GLU D 39 -7.30 5.04 51.30
CA GLU D 39 -8.07 4.19 52.20
C GLU D 39 -7.91 2.71 51.90
N ARG D 40 -7.89 2.33 50.62
CA ARG D 40 -7.81 0.93 50.23
C ARG D 40 -7.15 0.86 48.86
N ILE D 41 -7.20 -0.32 48.24
CA ILE D 41 -6.64 -0.55 46.91
C ILE D 41 -7.77 -0.90 45.97
N THR D 42 -7.88 -0.16 44.87
CA THR D 42 -8.93 -0.42 43.90
C THR D 42 -8.72 -1.78 43.25
N GLN D 43 -9.82 -2.52 43.11
CA GLN D 43 -9.81 -3.85 42.52
C GLN D 43 -10.70 -3.85 41.29
N VAL D 44 -10.18 -4.37 40.18
CA VAL D 44 -10.87 -4.35 38.89
C VAL D 44 -11.07 -5.80 38.44
N ARG D 45 -12.28 -6.10 37.98
CA ARG D 45 -12.62 -7.42 37.46
C ARG D 45 -12.79 -7.31 35.94
N THR D 46 -12.12 -8.20 35.21
CA THR D 46 -12.06 -8.13 33.76
C THR D 46 -12.58 -9.42 33.14
N ASP D 47 -13.32 -9.28 32.04
CA ASP D 47 -13.76 -10.39 31.23
C ASP D 47 -13.68 -10.00 29.76
N MET D 48 -13.49 -10.99 28.90
CA MET D 48 -13.25 -10.76 27.48
C MET D 48 -14.10 -11.69 26.64
N TYR D 49 -14.42 -11.24 25.43
CA TYR D 49 -15.13 -12.05 24.44
C TYR D 49 -14.56 -11.69 23.07
N VAL D 50 -13.85 -12.64 22.47
CA VAL D 50 -13.19 -12.42 21.18
C VAL D 50 -14.21 -12.67 20.08
N ASN D 51 -14.57 -11.61 19.36
CA ASN D 51 -15.53 -11.75 18.27
C ASN D 51 -14.91 -12.41 17.05
N SER D 52 -13.68 -12.05 16.72
CA SER D 52 -13.01 -12.60 15.54
C SER D 52 -11.51 -12.50 15.71
N PHE D 53 -10.82 -13.61 15.48
CA PHE D 53 -9.36 -13.63 15.47
C PHE D 53 -8.91 -13.34 14.03
N GLY D 54 -8.26 -12.20 13.83
CA GLY D 54 -7.95 -11.74 12.49
C GLY D 54 -6.76 -12.47 11.91
N PRO D 55 -6.43 -12.10 10.67
CA PRO D 55 -5.33 -12.77 9.98
C PRO D 55 -3.99 -12.49 10.64
N VAL D 56 -3.08 -13.44 10.49
CA VAL D 56 -1.73 -13.34 11.04
C VAL D 56 -0.77 -13.09 9.88
N SER D 57 -0.04 -11.98 9.95
CA SER D 57 0.92 -11.59 8.92
C SER D 57 2.31 -12.00 9.40
N ASP D 58 2.88 -13.03 8.75
CA ASP D 58 4.19 -13.50 9.14
C ASP D 58 5.26 -12.43 8.89
N THR D 59 5.17 -11.72 7.76
CA THR D 59 6.17 -10.72 7.44
C THR D 59 6.23 -9.62 8.51
N GLU D 60 5.06 -9.15 8.94
CA GLU D 60 4.98 -8.08 9.93
C GLU D 60 4.96 -8.60 11.36
N MET D 61 4.86 -9.90 11.56
CA MET D 61 4.83 -10.49 12.91
C MET D 61 3.74 -9.86 13.75
N GLU D 62 2.58 -9.64 13.14
CA GLU D 62 1.44 -9.03 13.81
C GLU D 62 0.17 -9.79 13.48
N TYR D 63 -0.77 -9.76 14.42
CA TYR D 63 -2.09 -10.35 14.23
C TYR D 63 -3.16 -9.38 14.72
N THR D 64 -4.31 -9.41 14.05
CA THR D 64 -5.41 -8.51 14.36
C THR D 64 -6.48 -9.28 15.12
N ILE D 65 -6.99 -8.68 16.19
CA ILE D 65 -8.01 -9.29 17.02
C ILE D 65 -9.04 -8.23 17.39
N ASP D 66 -10.31 -8.61 17.33
CA ASP D 66 -11.42 -7.75 17.72
C ASP D 66 -12.11 -8.37 18.92
N ILE D 67 -12.23 -7.60 20.00
CA ILE D 67 -12.78 -8.09 21.26
C ILE D 67 -13.77 -7.07 21.81
N PHE D 68 -14.62 -7.54 22.72
CA PHE D 68 -15.53 -6.69 23.48
C PHE D 68 -15.04 -6.71 24.92
N PHE D 69 -14.10 -5.83 25.23
CA PHE D 69 -13.49 -5.80 26.55
C PHE D 69 -14.45 -5.23 27.57
N ALA D 70 -14.59 -5.91 28.70
CA ALA D 70 -15.47 -5.49 29.79
C ALA D 70 -14.66 -5.33 31.07
N GLN D 71 -14.96 -4.27 31.82
CA GLN D 71 -14.28 -3.98 33.07
C GLN D 71 -15.30 -3.61 34.12
N THR D 72 -14.93 -3.82 35.38
CA THR D 72 -15.82 -3.55 36.50
C THR D 72 -15.00 -3.11 37.71
N TRP D 73 -15.49 -2.08 38.39
CA TRP D 73 -14.86 -1.61 39.62
C TRP D 73 -15.91 -0.97 40.50
N LYS D 74 -15.60 -0.88 41.79
CA LYS D 74 -16.54 -0.38 42.79
C LYS D 74 -16.14 1.04 43.21
N ASP D 75 -17.11 1.95 43.15
CA ASP D 75 -16.91 3.34 43.56
C ASP D 75 -18.02 3.72 44.54
N GLU D 76 -17.63 4.31 45.67
CA GLU D 76 -18.57 4.71 46.71
C GLU D 76 -19.08 6.14 46.52
N ARG D 77 -18.59 6.86 45.53
CA ARG D 77 -18.97 8.26 45.32
C ARG D 77 -20.15 8.43 44.36
N LEU D 78 -20.69 7.33 43.82
CA LEU D 78 -21.80 7.38 42.87
C LEU D 78 -23.04 6.68 43.40
N ARG D 79 -23.13 6.50 44.71
CA ARG D 79 -24.29 5.81 45.29
C ARG D 79 -25.53 6.68 45.19
N PHE D 80 -26.67 6.03 44.97
CA PHE D 80 -27.94 6.73 44.85
C PHE D 80 -29.07 5.75 45.12
N LYS D 81 -30.25 6.30 45.36
CA LYS D 81 -31.46 5.52 45.55
C LYS D 81 -32.58 6.12 44.71
N GLY D 82 -33.38 5.24 44.09
CA GLY D 82 -34.45 5.67 43.23
C GLY D 82 -35.30 4.52 42.75
N PRO D 83 -36.25 4.81 41.85
CA PRO D 83 -37.15 3.74 41.37
C PRO D 83 -36.41 2.60 40.67
N MET D 84 -35.32 2.89 39.97
CA MET D 84 -34.57 1.89 39.23
C MET D 84 -33.18 1.73 39.83
N GLN D 85 -32.71 0.49 39.89
CA GLN D 85 -31.38 0.17 40.40
C GLN D 85 -30.32 0.16 39.31
N ARG D 86 -30.70 0.37 38.05
CA ARG D 86 -29.76 0.38 36.94
C ARG D 86 -29.98 1.63 36.10
N LEU D 87 -28.88 2.16 35.56
CA LEU D 87 -28.90 3.38 34.75
C LEU D 87 -28.16 3.11 33.44
N PRO D 88 -28.83 2.48 32.47
CA PRO D 88 -28.22 2.34 31.14
C PRO D 88 -27.89 3.70 30.56
N LEU D 89 -26.74 3.79 29.90
CA LEU D 89 -26.25 5.06 29.38
C LEU D 89 -25.44 4.78 28.11
N ASN D 90 -24.71 5.79 27.66
CA ASN D 90 -23.93 5.71 26.42
C ASN D 90 -22.60 6.41 26.66
N ASN D 91 -21.88 6.68 25.56
CA ASN D 91 -20.54 7.28 25.65
C ASN D 91 -20.55 8.69 26.21
N LEU D 92 -21.72 9.34 26.31
CA LEU D 92 -21.76 10.73 26.76
C LEU D 92 -21.18 10.88 28.17
N LEU D 93 -21.53 9.96 29.08
CA LEU D 93 -21.10 10.05 30.47
C LEU D 93 -19.81 9.28 30.73
N ALA D 94 -19.25 8.61 29.73
CA ALA D 94 -18.05 7.80 29.96
C ALA D 94 -16.89 8.68 30.40
N SER D 95 -16.70 9.82 29.76
CA SER D 95 -15.57 10.69 30.05
C SER D 95 -15.80 11.57 31.28
N LYS D 96 -17.03 11.67 31.77
CA LYS D 96 -17.33 12.53 32.91
C LYS D 96 -16.85 11.95 34.24
N ILE D 97 -16.52 10.66 34.29
CA ILE D 97 -16.08 10.04 35.53
C ILE D 97 -14.70 9.43 35.33
N TRP D 98 -14.18 8.79 36.37
CA TRP D 98 -12.85 8.20 36.34
C TRP D 98 -12.91 6.78 35.79
N THR D 99 -12.03 6.49 34.84
CA THR D 99 -11.88 5.14 34.30
C THR D 99 -10.41 4.78 34.26
N PRO D 100 -10.07 3.50 34.43
CA PRO D 100 -8.65 3.11 34.44
C PRO D 100 -8.00 3.35 33.09
N ASP D 101 -6.70 3.66 33.12
CA ASP D 101 -5.93 3.91 31.91
C ASP D 101 -5.31 2.61 31.40
N THR D 102 -6.19 1.67 31.09
CA THR D 102 -5.76 0.37 30.58
C THR D 102 -5.05 0.53 29.24
N PHE D 103 -4.04 -0.29 29.01
CA PHE D 103 -3.31 -0.29 27.76
C PHE D 103 -2.76 -1.69 27.50
N PHE D 104 -2.43 -1.94 26.23
CA PHE D 104 -1.87 -3.22 25.82
C PHE D 104 -0.37 -3.05 25.59
N HIS D 105 0.43 -3.85 26.31
CA HIS D 105 1.86 -3.69 26.26
C HIS D 105 2.42 -3.96 24.88
N ASN D 106 1.94 -5.01 24.21
CA ASN D 106 2.46 -5.41 22.91
C ASN D 106 1.67 -4.83 21.75
N GLY D 107 0.65 -4.01 22.00
CA GLY D 107 -0.12 -3.43 20.93
C GLY D 107 0.62 -2.33 20.20
N LYS D 108 1.03 -2.62 18.96
CA LYS D 108 1.76 -1.63 18.17
C LYS D 108 0.90 -0.42 17.88
N LYS D 109 -0.36 -0.64 17.46
CA LYS D 109 -1.24 0.46 17.08
C LYS D 109 -2.68 -0.02 17.29
N SER D 110 -3.29 0.42 18.38
CA SER D 110 -4.66 0.05 18.73
C SER D 110 -5.57 1.26 18.57
N PHE D 111 -6.68 1.07 17.85
CA PHE D 111 -7.65 2.13 17.63
C PHE D 111 -9.06 1.57 17.88
N ALA D 112 -9.92 2.43 18.41
CA ALA D 112 -11.29 2.04 18.72
C ALA D 112 -12.19 2.28 17.51
N HIS D 113 -13.50 2.17 17.70
CA HIS D 113 -14.48 2.36 16.64
C HIS D 113 -15.30 3.61 16.94
N TRP D 114 -15.63 4.35 15.89
CA TRP D 114 -16.30 5.64 16.02
C TRP D 114 -17.70 5.64 15.42
N MET D 115 -17.86 5.14 14.20
CA MET D 115 -19.14 5.13 13.51
C MET D 115 -19.77 3.73 13.63
N THR D 116 -21.10 3.68 13.56
CA THR D 116 -22.03 4.81 13.40
C THR D 116 -22.11 5.65 14.68
N THR D 117 -21.87 5.02 15.82
CA THR D 117 -21.83 5.69 17.11
C THR D 117 -20.68 5.12 17.92
N PRO D 118 -20.01 5.95 18.73
CA PRO D 118 -18.92 5.42 19.56
C PRO D 118 -19.35 4.21 20.38
N ASN D 119 -18.72 3.05 20.12
CA ASN D 119 -19.11 1.80 20.75
C ASN D 119 -18.61 1.80 22.19
N ARG D 120 -19.46 2.28 23.10
CA ARG D 120 -19.15 2.28 24.51
C ARG D 120 -20.44 2.16 25.30
N MET D 121 -20.32 1.74 26.55
CA MET D 121 -21.46 1.59 27.44
C MET D 121 -20.99 1.85 28.87
N LEU D 122 -21.94 2.25 29.72
CA LEU D 122 -21.64 2.56 31.11
C LEU D 122 -22.91 2.38 31.92
N ARG D 123 -22.83 1.56 32.96
CA ARG D 123 -23.96 1.30 33.84
C ARG D 123 -23.51 1.43 35.29
N ILE D 124 -24.44 1.84 36.15
CA ILE D 124 -24.16 2.06 37.57
C ILE D 124 -25.26 1.39 38.39
N TRP D 125 -24.92 1.02 39.62
CA TRP D 125 -25.86 0.39 40.54
C TRP D 125 -25.76 1.08 41.90
N ASN D 126 -26.72 0.75 42.77
CA ASN D 126 -26.80 1.42 44.06
C ASN D 126 -25.56 1.16 44.90
N ASP D 127 -25.06 -0.07 44.90
CA ASP D 127 -23.91 -0.43 45.73
C ASP D 127 -22.61 0.19 45.25
N GLY D 128 -22.60 0.81 44.07
CA GLY D 128 -21.40 1.39 43.51
C GLY D 128 -20.76 0.57 42.42
N ARG D 129 -21.25 -0.64 42.16
CA ARG D 129 -20.71 -1.45 41.08
C ARG D 129 -20.89 -0.73 39.74
N VAL D 130 -19.87 -0.84 38.88
CA VAL D 130 -19.85 -0.18 37.60
C VAL D 130 -19.50 -1.19 36.52
N LEU D 131 -19.97 -0.91 35.30
CA LEU D 131 -19.66 -1.72 34.13
C LEU D 131 -19.25 -0.80 33.00
N TYR D 132 -18.20 -1.20 32.26
CA TYR D 132 -17.68 -0.35 31.19
C TYR D 132 -17.15 -1.29 30.09
N THR D 133 -18.00 -1.53 29.09
CA THR D 133 -17.61 -2.31 27.93
C THR D 133 -16.98 -1.40 26.88
N LEU D 134 -16.10 -1.97 26.07
CA LEU D 134 -15.34 -1.17 25.11
C LEU D 134 -14.91 -2.09 23.96
N ARG D 135 -15.53 -1.91 22.79
CA ARG D 135 -15.10 -2.63 21.60
C ARG D 135 -13.71 -2.15 21.18
N LEU D 136 -12.90 -3.08 20.68
CA LEU D 136 -11.53 -2.76 20.32
C LEU D 136 -11.10 -3.59 19.11
N THR D 137 -10.06 -3.11 18.44
CA THR D 137 -9.42 -3.81 17.33
C THR D 137 -7.92 -3.66 17.53
N ILE D 138 -7.28 -4.70 18.07
CA ILE D 138 -5.89 -4.63 18.49
C ILE D 138 -5.02 -5.31 17.44
N SER D 139 -4.04 -4.58 16.92
CA SER D 139 -3.06 -5.12 16.00
C SER D 139 -1.78 -5.41 16.79
N ALA D 140 -1.80 -6.52 17.52
CA ALA D 140 -0.68 -6.88 18.37
C ALA D 140 0.45 -7.50 17.55
N GLU D 141 1.57 -7.76 18.22
CA GLU D 141 2.76 -8.32 17.60
C GLU D 141 3.03 -9.69 18.18
N CYS D 142 3.24 -10.68 17.31
CA CYS D 142 3.44 -12.07 17.70
C CYS D 142 4.76 -12.58 17.13
N PRO D 143 5.86 -12.51 17.88
CA PRO D 143 7.11 -13.08 17.38
C PRO D 143 6.98 -14.58 17.18
N MET D 144 7.63 -15.08 16.13
CA MET D 144 7.56 -16.49 15.78
C MET D 144 8.94 -16.99 15.36
N ASP D 145 9.26 -18.21 15.77
CA ASP D 145 10.52 -18.85 15.40
C ASP D 145 10.23 -19.86 14.29
N LEU D 146 10.74 -19.57 13.09
CA LEU D 146 10.46 -20.39 11.91
C LEU D 146 11.60 -21.40 11.70
N GLU D 147 11.70 -22.33 12.65
CA GLU D 147 12.68 -23.41 12.60
C GLU D 147 12.09 -24.71 12.06
N ASP D 148 10.84 -25.01 12.41
CA ASP D 148 10.14 -26.20 11.91
C ASP D 148 9.09 -25.82 10.86
N PHE D 149 9.22 -24.65 10.25
CA PHE D 149 8.23 -24.21 9.28
C PHE D 149 8.17 -25.19 8.11
N PRO D 150 6.96 -25.54 7.62
CA PRO D 150 5.63 -25.11 8.08
C PRO D 150 5.07 -25.94 9.23
N MET D 151 5.78 -26.98 9.68
CA MET D 151 5.31 -27.81 10.80
C MET D 151 5.73 -27.14 12.11
N ASP D 152 5.06 -26.03 12.42
CA ASP D 152 5.39 -25.21 13.57
C ASP D 152 4.13 -24.87 14.35
N GLU D 153 4.29 -24.71 15.66
CA GLU D 153 3.22 -24.29 16.56
C GLU D 153 3.63 -22.97 17.20
N GLN D 154 2.70 -22.02 17.20
CA GLN D 154 2.96 -20.68 17.70
C GLN D 154 2.02 -20.35 18.85
N ASN D 155 2.50 -19.49 19.76
CA ASN D 155 1.74 -19.04 20.93
C ASN D 155 1.75 -17.52 20.94
N CYS D 156 0.76 -16.91 20.31
CA CYS D 156 0.68 -15.46 20.26
C CYS D 156 0.06 -14.93 21.55
N PRO D 157 0.74 -14.09 22.31
CA PRO D 157 0.21 -13.61 23.58
C PRO D 157 -0.60 -12.31 23.42
N LEU D 158 -1.23 -11.93 24.53
CA LEU D 158 -1.95 -10.65 24.61
C LEU D 158 -1.88 -10.18 26.05
N LYS D 159 -1.06 -9.16 26.29
CA LYS D 159 -0.82 -8.63 27.64
C LYS D 159 -1.47 -7.26 27.77
N PHE D 160 -2.25 -7.07 28.83
CA PHE D 160 -2.86 -5.79 29.13
C PHE D 160 -2.74 -5.52 30.63
N GLY D 161 -2.57 -4.25 30.97
CA GLY D 161 -2.43 -3.85 32.36
C GLY D 161 -2.76 -2.39 32.59
N SER D 162 -1.97 -1.73 33.44
CA SER D 162 -2.15 -0.33 33.75
C SER D 162 -0.84 0.42 33.55
N TYR D 163 -0.95 1.71 33.25
CA TYR D 163 0.21 2.54 32.94
C TYR D 163 0.73 3.29 34.15
N ALA D 164 -0.13 4.10 34.78
CA ALA D 164 0.29 5.01 35.84
C ALA D 164 -0.13 4.56 37.23
N TYR D 165 -0.86 3.45 37.35
CA TYR D 165 -1.32 2.98 38.65
C TYR D 165 -0.60 1.69 39.02
N PRO D 166 0.36 1.72 39.95
CA PRO D 166 1.06 0.48 40.32
C PRO D 166 0.16 -0.53 41.01
N ASN D 167 0.73 -1.68 41.38
CA ASN D 167 -0.05 -2.72 42.03
C ASN D 167 -0.60 -2.25 43.37
N SER D 168 0.09 -1.32 44.04
CA SER D 168 -0.36 -0.85 45.33
C SER D 168 -1.67 -0.09 45.25
N GLU D 169 -2.09 0.31 44.05
CA GLU D 169 -3.32 1.09 43.87
C GLU D 169 -4.36 0.36 43.06
N VAL D 170 -3.99 -0.23 41.92
CA VAL D 170 -4.92 -0.91 41.03
C VAL D 170 -4.42 -2.32 40.77
N VAL D 171 -5.31 -3.30 40.88
CA VAL D 171 -5.00 -4.70 40.62
C VAL D 171 -6.08 -5.29 39.74
N TYR D 172 -5.68 -6.01 38.70
CA TYR D 172 -6.60 -6.65 37.77
C TYR D 172 -6.71 -8.14 38.10
N VAL D 173 -7.93 -8.65 38.17
CA VAL D 173 -8.19 -10.05 38.44
C VAL D 173 -9.34 -10.52 37.57
N TRP D 174 -9.23 -11.73 37.03
CA TRP D 174 -10.30 -12.29 36.22
C TRP D 174 -11.53 -12.55 37.06
N THR D 175 -12.70 -12.33 36.46
CA THR D 175 -13.97 -12.57 37.13
C THR D 175 -14.33 -14.04 37.04
N ASN D 176 -14.86 -14.58 38.14
CA ASN D 176 -15.25 -15.99 38.21
C ASN D 176 -13.99 -16.82 37.90
N GLY D 177 -14.18 -18.02 37.34
CA GLY D 177 -13.06 -18.86 36.98
C GLY D 177 -12.40 -18.43 35.69
N SER D 178 -11.25 -19.05 35.41
CA SER D 178 -10.51 -18.73 34.20
C SER D 178 -11.18 -19.30 32.95
N THR D 179 -11.98 -20.36 33.12
CA THR D 179 -12.63 -20.99 31.97
C THR D 179 -13.58 -20.01 31.28
N LYS D 180 -14.37 -19.28 32.06
CA LYS D 180 -15.32 -18.31 31.51
C LYS D 180 -14.70 -16.92 31.38
N SER D 181 -13.47 -16.72 31.83
CA SER D 181 -12.86 -15.39 31.76
C SER D 181 -12.70 -14.94 30.31
N VAL D 182 -12.26 -15.83 29.44
CA VAL D 182 -12.05 -15.54 28.02
C VAL D 182 -12.92 -16.47 27.20
N VAL D 183 -13.67 -15.90 26.26
CA VAL D 183 -14.59 -16.64 25.41
C VAL D 183 -14.26 -16.32 23.96
N VAL D 184 -14.19 -17.36 23.13
CA VAL D 184 -13.93 -17.22 21.70
C VAL D 184 -15.09 -17.82 20.94
N ALA D 185 -15.63 -17.06 19.99
CA ALA D 185 -16.75 -17.54 19.20
C ALA D 185 -16.33 -18.73 18.34
N GLU D 186 -17.27 -19.65 18.11
CA GLU D 186 -16.97 -20.82 17.28
C GLU D 186 -16.60 -20.40 15.87
N ASP D 187 -17.33 -19.44 15.30
CA ASP D 187 -17.04 -18.93 13.97
C ASP D 187 -16.08 -17.75 13.99
N GLY D 188 -15.58 -17.37 15.16
CA GLY D 188 -14.64 -16.26 15.25
C GLY D 188 -13.25 -16.57 14.73
N SER D 189 -12.94 -17.84 14.51
CA SER D 189 -11.64 -18.22 13.95
C SER D 189 -11.68 -17.99 12.44
N ARG D 190 -11.07 -16.89 12.00
CA ARG D 190 -11.06 -16.49 10.60
C ARG D 190 -9.64 -16.57 10.03
N LEU D 191 -8.92 -17.63 10.37
CA LEU D 191 -7.56 -17.84 9.93
C LEU D 191 -7.54 -18.77 8.72
N ASN D 192 -6.90 -18.33 7.64
CA ASN D 192 -6.81 -19.12 6.42
C ASN D 192 -5.61 -20.06 6.42
N GLN D 193 -4.68 -19.92 7.37
CA GLN D 193 -3.50 -20.76 7.41
C GLN D 193 -3.12 -21.15 8.84
N TYR D 194 -4.11 -21.26 9.72
CA TYR D 194 -3.85 -21.64 11.10
C TYR D 194 -5.10 -22.28 11.70
N HIS D 195 -4.89 -23.02 12.78
CA HIS D 195 -5.96 -23.61 13.58
C HIS D 195 -5.86 -23.07 15.00
N LEU D 196 -7.01 -22.69 15.57
CA LEU D 196 -7.07 -22.16 16.93
C LEU D 196 -7.34 -23.33 17.87
N MET D 197 -6.27 -23.89 18.43
CA MET D 197 -6.42 -25.09 19.26
C MET D 197 -7.05 -24.76 20.61
N GLY D 198 -6.60 -23.68 21.25
CA GLY D 198 -7.11 -23.34 22.56
C GLY D 198 -6.49 -22.08 23.08
N GLN D 199 -6.83 -21.74 24.32
CA GLN D 199 -6.36 -20.52 24.97
C GLN D 199 -5.95 -20.81 26.39
N THR D 200 -5.04 -19.99 26.91
CA THR D 200 -4.63 -20.06 28.31
C THR D 200 -4.47 -18.64 28.84
N VAL D 201 -4.69 -18.49 30.15
CA VAL D 201 -4.64 -17.20 30.81
C VAL D 201 -3.81 -17.32 32.08
N GLY D 202 -3.36 -16.17 32.58
CA GLY D 202 -2.57 -16.15 33.79
C GLY D 202 -2.28 -14.72 34.20
N THR D 203 -1.63 -14.59 35.35
CA THR D 203 -1.27 -13.29 35.92
C THR D 203 0.18 -13.31 36.36
N GLU D 204 0.80 -12.14 36.33
CA GLU D 204 2.20 -11.99 36.74
C GLU D 204 2.47 -10.53 37.06
N ASN D 205 3.59 -10.28 37.71
CA ASN D 205 4.02 -8.94 38.06
C ASN D 205 5.33 -8.60 37.36
N ILE D 206 5.53 -7.31 37.10
CA ILE D 206 6.78 -6.82 36.54
C ILE D 206 7.26 -5.65 37.40
N SER D 207 8.58 -5.43 37.39
CA SER D 207 9.21 -4.40 38.19
C SER D 207 9.91 -3.41 37.29
N THR D 208 9.74 -2.12 37.58
CA THR D 208 10.38 -1.05 36.85
C THR D 208 10.83 0.02 37.84
N SER D 209 11.28 1.15 37.32
CA SER D 209 11.76 2.22 38.19
C SER D 209 10.65 2.75 39.09
N THR D 210 9.46 2.96 38.53
CA THR D 210 8.36 3.52 39.31
C THR D 210 7.91 2.55 40.40
N GLY D 211 7.70 1.29 40.04
CA GLY D 211 7.27 0.30 41.00
C GLY D 211 6.68 -0.91 40.29
N GLU D 212 6.09 -1.79 41.10
CA GLU D 212 5.50 -3.01 40.59
C GLU D 212 4.19 -2.71 39.87
N TYR D 213 3.88 -3.55 38.88
CA TYR D 213 2.65 -3.44 38.10
C TYR D 213 2.04 -4.83 37.93
N THR D 214 0.73 -4.86 37.76
CA THR D 214 0.02 -6.12 37.57
C THR D 214 -0.16 -6.39 36.07
N ILE D 215 0.08 -7.64 35.68
CA ILE D 215 0.01 -8.05 34.28
C ILE D 215 -1.00 -9.18 34.16
N MET D 216 -1.95 -9.03 33.24
CA MET D 216 -2.92 -10.06 32.90
C MET D 216 -2.62 -10.52 31.48
N THR D 217 -2.33 -11.81 31.32
CA THR D 217 -1.84 -12.34 30.04
C THR D 217 -2.77 -13.43 29.55
N ALA D 218 -3.00 -13.45 28.24
CA ALA D 218 -3.76 -14.50 27.57
C ALA D 218 -2.96 -14.99 26.38
N HIS D 219 -2.80 -16.32 26.27
CA HIS D 219 -2.04 -16.93 25.20
C HIS D 219 -2.96 -17.76 24.32
N PHE D 220 -2.77 -17.65 23.01
CA PHE D 220 -3.52 -18.42 22.03
C PHE D 220 -2.58 -19.42 21.36
N HIS D 221 -2.94 -20.70 21.41
CA HIS D 221 -2.15 -21.76 20.81
C HIS D 221 -2.56 -21.92 19.35
N LEU D 222 -1.59 -21.82 18.45
CA LEU D 222 -1.82 -21.88 17.01
C LEU D 222 -1.13 -23.09 16.42
N LYS D 223 -1.87 -23.86 15.62
CA LYS D 223 -1.34 -25.01 14.90
C LYS D 223 -1.55 -24.77 13.41
N ARG D 224 -0.46 -24.59 12.67
CA ARG D 224 -0.56 -24.28 11.26
C ARG D 224 -1.19 -25.44 10.50
N LYS D 225 -1.98 -25.10 9.49
CA LYS D 225 -2.62 -26.09 8.63
C LYS D 225 -1.85 -26.19 7.33
N ILE D 226 -1.44 -27.42 6.99
CA ILE D 226 -0.66 -27.64 5.77
C ILE D 226 -1.62 -28.02 4.65
N GLY D 227 -1.16 -27.78 3.42
CA GLY D 227 -1.97 -28.06 2.24
C GLY D 227 -1.79 -27.01 1.18
N TYR D 228 -1.53 -25.77 1.59
CA TYR D 228 -1.22 -24.72 0.62
C TYR D 228 0.20 -24.86 0.09
N PHE D 229 1.16 -25.18 0.97
CA PHE D 229 2.54 -25.35 0.52
C PHE D 229 2.73 -26.67 -0.22
N VAL D 230 1.91 -27.67 0.08
CA VAL D 230 1.99 -28.93 -0.66
C VAL D 230 1.72 -28.70 -2.14
N ILE D 231 0.69 -27.91 -2.46
CA ILE D 231 0.35 -27.62 -3.84
C ILE D 231 1.25 -26.57 -4.46
N GLN D 232 2.05 -25.86 -3.66
CA GLN D 232 2.84 -24.74 -4.13
C GLN D 232 4.32 -25.09 -4.32
N THR D 233 4.92 -25.76 -3.34
CA THR D 233 6.35 -26.03 -3.36
C THR D 233 6.68 -27.51 -3.37
N TYR D 234 6.07 -28.31 -2.50
CA TYR D 234 6.45 -29.71 -2.37
C TYR D 234 6.19 -30.47 -3.66
N LEU D 235 4.96 -30.38 -4.19
CA LEU D 235 4.61 -31.17 -5.37
C LEU D 235 5.45 -30.80 -6.59
N PRO D 236 5.62 -29.52 -6.94
CA PRO D 236 6.50 -29.21 -8.09
C PRO D 236 7.90 -29.76 -7.93
N CYS D 237 8.45 -29.74 -6.71
CA CYS D 237 9.77 -30.34 -6.49
C CYS D 237 9.74 -31.84 -6.73
N ILE D 238 8.69 -32.51 -6.26
CA ILE D 238 8.59 -33.96 -6.44
C ILE D 238 8.47 -34.30 -7.91
N MET D 239 7.57 -33.61 -8.62
CA MET D 239 7.39 -33.89 -10.04
C MET D 239 8.61 -33.53 -10.85
N THR D 240 9.31 -32.46 -10.48
CA THR D 240 10.53 -32.08 -11.19
C THR D 240 11.58 -33.18 -11.08
N VAL D 241 11.73 -33.78 -9.90
CA VAL D 241 12.69 -34.88 -9.73
C VAL D 241 12.32 -36.05 -10.62
N ILE D 242 11.03 -36.40 -10.68
CA ILE D 242 10.59 -37.51 -11.51
C ILE D 242 10.91 -37.24 -12.97
N LEU D 243 10.78 -35.99 -13.40
CA LEU D 243 11.06 -35.65 -14.80
C LEU D 243 12.50 -35.96 -15.17
N SER D 244 13.45 -35.61 -14.29
CA SER D 244 14.86 -35.85 -14.58
C SER D 244 15.15 -37.34 -14.71
N GLN D 245 14.56 -38.15 -13.84
CA GLN D 245 14.85 -39.58 -13.85
C GLN D 245 14.45 -40.25 -15.16
N VAL D 246 13.53 -39.63 -15.92
CA VAL D 246 13.14 -40.20 -17.21
C VAL D 246 14.33 -40.27 -18.15
N SER D 247 15.31 -39.39 -17.97
CA SER D 247 16.49 -39.40 -18.84
C SER D 247 17.24 -40.72 -18.73
N PHE D 248 17.17 -41.39 -17.57
CA PHE D 248 17.87 -42.66 -17.41
C PHE D 248 17.33 -43.74 -18.31
N TRP D 249 16.13 -43.56 -18.88
CA TRP D 249 15.53 -44.53 -19.78
C TRP D 249 15.76 -44.17 -21.25
N LEU D 250 16.66 -43.23 -21.53
CA LEU D 250 17.00 -42.83 -22.89
C LEU D 250 18.41 -43.29 -23.20
N ASN D 251 18.62 -43.71 -24.46
CA ASN D 251 19.91 -44.24 -24.86
C ASN D 251 20.97 -43.14 -24.83
N ARG D 252 22.23 -43.55 -24.65
CA ARG D 252 23.31 -42.59 -24.46
C ARG D 252 23.55 -41.76 -25.72
N GLU D 253 23.43 -42.37 -26.90
CA GLU D 253 23.76 -41.65 -28.13
C GLU D 253 22.95 -40.37 -28.28
N SER D 254 21.77 -40.30 -27.67
CA SER D 254 20.94 -39.09 -27.71
C SER D 254 21.44 -38.12 -26.65
N VAL D 255 22.63 -37.58 -26.91
CA VAL D 255 23.26 -36.66 -25.96
C VAL D 255 22.42 -35.40 -25.79
N ALA D 256 21.94 -34.84 -26.90
CA ALA D 256 21.17 -33.61 -26.84
C ALA D 256 19.88 -33.79 -26.05
N ALA D 257 19.18 -34.89 -26.26
CA ALA D 257 17.89 -35.10 -25.60
C ALA D 257 18.06 -35.15 -24.08
N ARG D 258 19.06 -35.91 -23.61
CA ARG D 258 19.26 -36.02 -22.17
C ARG D 258 19.77 -34.71 -21.58
N THR D 259 20.48 -33.90 -22.38
CA THR D 259 20.96 -32.61 -21.89
C THR D 259 19.79 -31.69 -21.55
N VAL D 260 18.74 -31.69 -22.38
CA VAL D 260 17.61 -30.81 -22.15
C VAL D 260 16.93 -31.14 -20.82
N PHE D 261 16.74 -32.44 -20.53
CA PHE D 261 16.09 -32.83 -19.29
C PHE D 261 16.88 -32.32 -18.08
N GLY D 262 18.20 -32.54 -18.07
CA GLY D 262 18.99 -32.16 -16.92
C GLY D 262 19.04 -30.66 -16.69
N VAL D 263 19.26 -29.89 -17.76
CA VAL D 263 19.41 -28.45 -17.61
C VAL D 263 18.11 -27.81 -17.18
N THR D 264 17.00 -28.18 -17.82
CA THR D 264 15.72 -27.55 -17.51
C THR D 264 15.31 -27.83 -16.07
N THR D 265 15.50 -29.06 -15.61
CA THR D 265 15.09 -29.40 -14.24
C THR D 265 15.91 -28.62 -13.22
N VAL D 266 17.22 -28.48 -13.43
CA VAL D 266 18.06 -27.79 -12.47
C VAL D 266 17.63 -26.34 -12.34
N LEU D 267 17.38 -25.67 -13.46
CA LEU D 267 16.95 -24.28 -13.41
C LEU D 267 15.55 -24.17 -12.81
N THR D 268 14.69 -25.15 -13.08
CA THR D 268 13.34 -25.12 -12.51
C THR D 268 13.39 -25.16 -10.98
N MET D 269 14.25 -26.01 -10.42
CA MET D 269 14.40 -26.05 -8.97
C MET D 269 14.94 -24.73 -8.43
N THR D 270 15.90 -24.13 -9.14
CA THR D 270 16.49 -22.89 -8.68
C THR D 270 15.45 -21.78 -8.56
N THR D 271 14.60 -21.63 -9.57
CA THR D 271 13.60 -20.57 -9.55
C THR D 271 12.53 -20.83 -8.49
N LEU D 272 12.21 -22.10 -8.22
CA LEU D 272 11.23 -22.41 -7.19
C LEU D 272 11.71 -21.94 -5.83
N SER D 273 12.99 -22.12 -5.53
CA SER D 273 13.53 -21.68 -4.24
C SER D 273 13.37 -20.17 -4.08
N ILE D 274 13.66 -19.41 -5.14
CA ILE D 274 13.52 -17.96 -5.08
C ILE D 274 12.05 -17.59 -4.86
N SER D 275 11.16 -18.22 -5.61
CA SER D 275 9.74 -17.88 -5.52
C SER D 275 9.17 -18.23 -4.15
N ALA D 276 9.58 -19.36 -3.58
CA ALA D 276 9.01 -19.80 -2.32
C ALA D 276 9.27 -18.80 -1.20
N ARG D 277 10.48 -18.26 -1.13
CA ARG D 277 10.86 -17.37 -0.04
C ARG D 277 10.44 -15.93 -0.25
N ASN D 278 9.83 -15.61 -1.40
CA ASN D 278 9.39 -14.24 -1.63
C ASN D 278 8.34 -13.82 -0.60
N SER D 279 7.32 -14.66 -0.41
CA SER D 279 6.30 -14.36 0.59
C SER D 279 6.77 -14.66 2.00
N LEU D 280 7.63 -15.66 2.17
CA LEU D 280 8.09 -16.03 3.49
C LEU D 280 8.98 -14.92 4.07
N PRO D 281 8.95 -14.72 5.38
CA PRO D 281 9.83 -13.71 5.98
C PRO D 281 11.29 -14.01 5.73
N LYS D 282 12.09 -12.95 5.62
CA LYS D 282 13.51 -13.06 5.29
C LYS D 282 14.30 -13.47 6.53
N VAL D 283 14.02 -14.68 7.01
CA VAL D 283 14.73 -15.23 8.17
C VAL D 283 16.12 -15.65 7.75
N ALA D 284 17.12 -15.29 8.56
CA ALA D 284 18.51 -15.61 8.25
C ALA D 284 18.94 -16.94 8.87
N TYR D 285 18.16 -17.99 8.60
CA TYR D 285 18.53 -19.34 9.00
C TYR D 285 17.73 -20.32 8.17
N ALA D 286 18.19 -21.57 8.15
CA ALA D 286 17.60 -22.59 7.29
C ALA D 286 16.34 -23.15 7.93
N THR D 287 15.27 -23.19 7.15
CA THR D 287 14.02 -23.80 7.57
C THR D 287 13.95 -25.26 7.11
N ALA D 288 12.90 -25.95 7.54
CA ALA D 288 12.71 -27.33 7.13
C ALA D 288 12.44 -27.43 5.63
N MET D 289 11.67 -26.48 5.09
CA MET D 289 11.36 -26.52 3.66
C MET D 289 12.63 -26.34 2.83
N ASP D 290 13.56 -25.51 3.29
CA ASP D 290 14.79 -25.29 2.54
C ASP D 290 15.58 -26.58 2.40
N TRP D 291 15.65 -27.39 3.47
CA TRP D 291 16.37 -28.65 3.40
C TRP D 291 15.74 -29.58 2.38
N PHE D 292 14.40 -29.63 2.33
CA PHE D 292 13.73 -30.47 1.35
C PHE D 292 14.09 -30.06 -0.07
N ILE D 293 14.11 -28.76 -0.35
CA ILE D 293 14.50 -28.29 -1.67
C ILE D 293 15.96 -28.61 -1.96
N ALA D 294 16.82 -28.49 -0.94
CA ALA D 294 18.23 -28.78 -1.13
C ALA D 294 18.44 -30.24 -1.51
N VAL D 295 17.73 -31.16 -0.86
CA VAL D 295 17.84 -32.57 -1.20
C VAL D 295 17.37 -32.81 -2.63
N CYS D 296 16.24 -32.21 -3.01
CA CYS D 296 15.76 -32.35 -4.38
C CYS D 296 16.75 -31.77 -5.38
N TYR D 297 17.47 -30.71 -4.99
CA TYR D 297 18.47 -30.12 -5.88
C TYR D 297 19.58 -31.12 -6.19
N ALA D 298 20.03 -31.87 -5.18
CA ALA D 298 21.11 -32.82 -5.40
C ALA D 298 20.69 -33.94 -6.34
N PHE D 299 19.45 -34.43 -6.20
CA PHE D 299 18.99 -35.53 -7.04
C PHE D 299 19.06 -35.17 -8.52
N VAL D 300 18.47 -34.04 -8.90
CA VAL D 300 18.51 -33.62 -10.29
C VAL D 300 19.94 -33.31 -10.71
N PHE D 301 20.70 -32.63 -9.84
CA PHE D 301 22.09 -32.31 -10.16
C PHE D 301 22.93 -33.57 -10.29
N SER D 302 22.70 -34.55 -9.40
CA SER D 302 23.47 -35.78 -9.45
C SER D 302 23.19 -36.55 -10.74
N ALA D 303 21.93 -36.56 -11.19
CA ALA D 303 21.59 -37.26 -12.43
C ALA D 303 22.36 -36.67 -13.61
N LEU D 304 22.48 -35.34 -13.66
CA LEU D 304 23.25 -34.71 -14.74
C LEU D 304 24.70 -35.16 -14.71
N LEU D 305 25.29 -35.25 -13.52
CA LEU D 305 26.68 -35.70 -13.42
C LEU D 305 26.83 -37.12 -13.93
N GLU D 306 25.87 -37.99 -13.60
CA GLU D 306 25.95 -39.37 -14.05
C GLU D 306 25.98 -39.46 -15.57
N PHE D 307 25.16 -38.66 -16.25
CA PHE D 307 25.17 -38.65 -17.71
C PHE D 307 26.50 -38.16 -18.25
N ALA D 308 27.05 -37.11 -17.65
CA ALA D 308 28.33 -36.58 -18.12
C ALA D 308 29.45 -37.60 -17.94
N PHE D 309 29.50 -38.25 -16.77
CA PHE D 309 30.52 -39.26 -16.53
C PHE D 309 30.35 -40.44 -17.48
N VAL D 310 29.11 -40.89 -17.68
CA VAL D 310 28.86 -42.00 -18.59
C VAL D 310 29.26 -41.63 -20.01
N ASN D 311 28.89 -40.43 -20.46
CA ASN D 311 29.20 -40.02 -21.82
C ASN D 311 30.70 -39.89 -22.06
N TYR D 312 31.50 -39.74 -21.02
CA TYR D 312 32.94 -39.56 -21.16
C TYR D 312 33.71 -40.87 -21.24
N ILE D 313 33.07 -42.00 -20.91
CA ILE D 313 33.75 -43.29 -20.93
C ILE D 313 32.92 -44.31 -21.71
N THR D 314 31.96 -43.82 -22.49
CA THR D 314 31.10 -44.72 -23.26
C THR D 314 31.86 -45.42 -24.40
N LYS D 315 33.07 -44.99 -24.71
CA LYS D 315 33.87 -45.58 -25.78
C LYS D 315 34.91 -46.57 -25.26
N SER D 316 35.74 -46.14 -24.32
CA SER D 316 36.83 -47.00 -23.84
C SER D 316 36.30 -48.27 -23.21
N GLN D 317 35.37 -48.13 -22.26
CA GLN D 317 34.81 -49.26 -21.52
C GLN D 317 33.28 -49.11 -21.51
N PRO D 318 32.61 -49.43 -22.62
CA PRO D 318 31.15 -49.30 -22.64
C PRO D 318 30.45 -50.17 -21.61
N ALA D 319 31.02 -51.31 -21.24
CA ALA D 319 30.34 -52.22 -20.33
C ALA D 319 30.06 -51.55 -18.99
N ARG D 320 31.05 -50.87 -18.43
CA ARG D 320 30.84 -50.21 -17.13
C ARG D 320 29.81 -49.10 -17.26
N ALA D 321 29.87 -48.32 -18.34
CA ALA D 321 28.92 -47.23 -18.51
C ALA D 321 27.49 -47.75 -18.63
N ALA D 322 27.29 -48.81 -19.41
CA ALA D 322 25.95 -49.38 -19.56
C ALA D 322 25.45 -49.96 -18.23
N LYS D 323 26.34 -50.62 -17.48
CA LYS D 323 25.95 -51.19 -16.20
C LYS D 323 25.49 -50.10 -15.23
N ILE D 324 26.22 -48.98 -15.20
CA ILE D 324 25.87 -47.90 -14.30
C ILE D 324 24.50 -47.32 -14.66
N ASP D 325 24.24 -47.16 -15.95
CA ASP D 325 22.98 -46.54 -16.38
C ASP D 325 21.78 -47.35 -15.89
N LYS D 326 21.85 -48.67 -16.05
CA LYS D 326 20.74 -49.52 -15.59
C LYS D 326 20.60 -49.46 -14.08
N MET D 327 21.72 -49.46 -13.36
CA MET D 327 21.67 -49.41 -11.90
C MET D 327 21.04 -48.10 -11.42
N SER D 328 21.37 -47.00 -12.10
CA SER D 328 20.83 -45.70 -11.70
C SER D 328 19.31 -45.67 -11.77
N ARG D 329 18.72 -46.41 -12.71
CA ARG D 329 17.26 -46.39 -12.86
C ARG D 329 16.57 -46.87 -11.59
N ILE D 330 17.21 -47.77 -10.83
CA ILE D 330 16.59 -48.37 -9.65
C ILE D 330 17.00 -47.66 -8.37
N VAL D 331 18.30 -47.35 -8.23
CA VAL D 331 18.79 -46.79 -6.98
C VAL D 331 18.17 -45.41 -6.72
N PHE D 332 18.15 -44.56 -7.74
CA PHE D 332 17.69 -43.19 -7.54
C PHE D 332 16.24 -43.12 -7.07
N PRO D 333 15.27 -43.77 -7.72
CA PRO D 333 13.89 -43.70 -7.21
C PRO D 333 13.75 -44.25 -5.79
N ILE D 334 14.49 -45.30 -5.45
CA ILE D 334 14.36 -45.91 -4.13
C ILE D 334 14.81 -44.92 -3.05
N LEU D 335 15.94 -44.26 -3.26
CA LEU D 335 16.44 -43.33 -2.27
C LEU D 335 15.47 -42.17 -2.04
N PHE D 336 14.88 -41.65 -3.13
CA PHE D 336 13.93 -40.55 -2.99
C PHE D 336 12.72 -40.98 -2.18
N GLY D 337 12.20 -42.18 -2.44
CA GLY D 337 11.08 -42.66 -1.66
C GLY D 337 11.44 -42.89 -0.20
N THR D 338 12.62 -43.46 0.05
CA THR D 338 13.05 -43.70 1.42
C THR D 338 13.21 -42.38 2.19
N PHE D 339 13.78 -41.37 1.54
CA PHE D 339 14.00 -40.10 2.22
C PHE D 339 12.69 -39.44 2.61
N ASN D 340 11.68 -39.53 1.74
CA ASN D 340 10.40 -38.87 2.02
C ASN D 340 9.77 -39.40 3.30
N LEU D 341 9.82 -40.71 3.51
CA LEU D 341 9.21 -41.28 4.72
C LEU D 341 9.87 -40.72 5.97
N VAL D 342 11.21 -40.62 5.96
CA VAL D 342 11.92 -40.08 7.12
C VAL D 342 11.52 -38.62 7.35
N TYR D 343 11.47 -37.84 6.28
CA TYR D 343 11.17 -36.42 6.41
C TYR D 343 9.76 -36.19 6.96
N TRP D 344 8.76 -36.83 6.33
CA TRP D 344 7.38 -36.60 6.77
C TRP D 344 7.11 -37.24 8.12
N ALA D 345 7.59 -38.46 8.33
CA ALA D 345 7.34 -39.14 9.60
C ALA D 345 7.97 -38.39 10.76
N THR D 346 9.19 -37.90 10.59
CA THR D 346 9.87 -37.20 11.68
C THR D 346 9.12 -35.94 12.07
N TYR D 347 8.68 -35.15 11.08
CA TYR D 347 7.99 -33.90 11.37
C TYR D 347 6.55 -34.15 11.80
N LEU D 348 5.88 -35.14 11.19
CA LEU D 348 4.52 -35.49 11.58
C LEU D 348 4.51 -36.58 12.64
N ASN D 349 5.24 -36.34 13.73
CA ASN D 349 5.31 -37.28 14.84
C ASN D 349 6.18 -36.72 15.96
N ASN E 14 -40.50 36.58 10.09
CA ASN E 14 -41.08 35.38 10.69
C ASN E 14 -40.01 34.31 10.89
N ILE E 15 -38.78 34.75 11.17
CA ILE E 15 -37.66 33.83 11.38
C ILE E 15 -37.33 33.71 12.85
N THR E 16 -37.39 34.80 13.61
CA THR E 16 -37.10 34.74 15.04
C THR E 16 -38.09 33.85 15.78
N ILE E 17 -39.29 33.67 15.25
CA ILE E 17 -40.27 32.78 15.88
C ILE E 17 -39.71 31.37 15.97
N PHE E 18 -39.03 30.91 14.91
CA PHE E 18 -38.43 29.59 14.95
C PHE E 18 -37.31 29.51 15.98
N THR E 19 -36.56 30.60 16.16
CA THR E 19 -35.43 30.59 17.08
C THR E 19 -35.90 30.30 18.50
N ARG E 20 -37.00 30.92 18.93
CA ARG E 20 -37.50 30.70 20.28
C ARG E 20 -37.88 29.25 20.49
N ILE E 21 -38.49 28.62 19.48
CA ILE E 21 -38.94 27.23 19.62
C ILE E 21 -37.75 26.32 19.88
N LEU E 22 -36.67 26.50 19.11
CA LEU E 22 -35.51 25.63 19.27
C LEU E 22 -34.88 25.79 20.65
N ASP E 23 -34.76 27.03 21.14
CA ASP E 23 -34.15 27.25 22.44
C ASP E 23 -34.97 26.61 23.55
N GLY E 24 -36.30 26.72 23.48
CA GLY E 24 -37.13 26.18 24.53
C GLY E 24 -37.03 24.67 24.65
N LEU E 25 -37.02 23.97 23.52
CA LEU E 25 -36.96 22.51 23.55
C LEU E 25 -35.69 22.01 24.20
N LEU E 26 -34.54 22.62 23.86
CA LEU E 26 -33.28 22.17 24.41
C LEU E 26 -33.25 22.31 25.93
N ASP E 27 -33.74 23.45 26.44
CA ASP E 27 -33.79 23.64 27.88
C ASP E 27 -34.75 22.63 28.51
N GLY E 28 -34.31 21.99 29.58
CA GLY E 28 -35.11 20.95 30.22
C GLY E 28 -35.08 19.62 29.51
N TYR E 29 -34.27 19.47 28.46
CA TYR E 29 -34.17 18.24 27.70
C TYR E 29 -32.79 17.63 27.91
N ASP E 30 -32.77 16.36 28.33
CA ASP E 30 -31.53 15.64 28.59
C ASP E 30 -31.31 14.63 27.48
N ASN E 31 -30.16 14.73 26.81
CA ASN E 31 -29.84 13.83 25.71
C ASN E 31 -29.30 12.48 26.16
N ARG E 32 -29.03 12.31 27.46
CA ARG E 32 -28.49 11.07 27.98
C ARG E 32 -29.56 10.05 28.36
N LEU E 33 -30.84 10.39 28.17
CA LEU E 33 -31.94 9.51 28.53
C LEU E 33 -32.84 9.31 27.32
N ARG E 34 -33.26 8.06 27.11
CA ARG E 34 -34.11 7.74 25.97
C ARG E 34 -35.55 8.15 26.24
N PRO E 35 -36.32 8.43 25.19
CA PRO E 35 -37.74 8.76 25.38
C PRO E 35 -38.50 7.57 25.94
N GLY E 36 -39.53 7.88 26.73
CA GLY E 36 -40.33 6.84 27.34
C GLY E 36 -39.54 5.98 28.30
N LEU E 37 -38.62 6.58 29.05
CA LEU E 37 -37.80 5.84 30.01
C LEU E 37 -38.63 5.53 31.24
N GLY E 38 -38.76 4.24 31.56
CA GLY E 38 -39.57 3.80 32.67
C GLY E 38 -41.06 3.78 32.41
N GLU E 39 -41.49 4.07 31.19
CA GLU E 39 -42.90 4.10 30.83
C GLU E 39 -43.25 3.11 29.72
N ARG E 40 -42.40 3.00 28.70
CA ARG E 40 -42.67 2.13 27.57
C ARG E 40 -41.33 1.70 26.98
N ILE E 41 -41.39 1.10 25.79
CA ILE E 41 -40.21 0.63 25.08
C ILE E 41 -40.09 1.41 23.77
N THR E 42 -38.93 2.03 23.57
CA THR E 42 -38.72 2.81 22.36
C THR E 42 -38.72 1.90 21.13
N GLN E 43 -39.41 2.35 20.09
CA GLN E 43 -39.51 1.61 18.83
C GLN E 43 -38.91 2.44 17.72
N VAL E 44 -38.04 1.81 16.92
CA VAL E 44 -37.32 2.49 15.86
C VAL E 44 -37.67 1.84 14.53
N ARG E 45 -37.95 2.66 13.53
CA ARG E 45 -38.25 2.21 12.18
C ARG E 45 -37.08 2.54 11.26
N THR E 46 -36.61 1.55 10.52
CA THR E 46 -35.40 1.67 9.72
C THR E 46 -35.70 1.38 8.26
N ASP E 47 -35.08 2.16 7.37
CA ASP E 47 -35.12 1.92 5.94
C ASP E 47 -33.75 2.23 5.36
N MET E 48 -33.43 1.57 4.24
CA MET E 48 -32.10 1.65 3.65
C MET E 48 -32.20 1.85 2.15
N TYR E 49 -31.18 2.49 1.59
CA TYR E 49 -31.05 2.67 0.14
C TYR E 49 -29.57 2.54 -0.20
N VAL E 50 -29.21 1.48 -0.90
CA VAL E 50 -27.82 1.20 -1.23
C VAL E 50 -27.48 1.96 -2.51
N ASN E 51 -26.59 2.95 -2.39
CA ASN E 51 -26.20 3.74 -3.55
C ASN E 51 -25.27 2.96 -4.46
N SER E 52 -24.33 2.21 -3.88
CA SER E 52 -23.36 1.47 -4.69
C SER E 52 -22.82 0.31 -3.87
N PHE E 53 -22.83 -0.88 -4.45
CA PHE E 53 -22.21 -2.05 -3.85
C PHE E 53 -20.77 -2.11 -4.33
N GLY E 54 -19.82 -1.93 -3.41
CA GLY E 54 -18.43 -1.78 -3.77
C GLY E 54 -17.79 -3.11 -4.11
N PRO E 55 -16.51 -3.04 -4.45
CA PRO E 55 -15.79 -4.26 -4.85
C PRO E 55 -15.63 -5.22 -3.68
N VAL E 56 -15.55 -6.51 -4.02
CA VAL E 56 -15.38 -7.57 -3.05
C VAL E 56 -13.94 -8.08 -3.16
N SER E 57 -13.20 -8.01 -2.06
CA SER E 57 -11.81 -8.45 -2.01
C SER E 57 -11.77 -9.85 -1.40
N ASP E 58 -11.48 -10.85 -2.23
CA ASP E 58 -11.44 -12.23 -1.75
C ASP E 58 -10.33 -12.42 -0.73
N THR E 59 -9.16 -11.82 -0.97
CA THR E 59 -8.04 -12.00 -0.06
C THR E 59 -8.38 -11.48 1.34
N GLU E 60 -8.99 -10.31 1.43
CA GLU E 60 -9.35 -9.71 2.71
C GLU E 60 -10.71 -10.13 3.21
N MET E 61 -11.50 -10.86 2.41
CA MET E 61 -12.83 -11.30 2.81
C MET E 61 -13.68 -10.12 3.28
N GLU E 62 -13.58 -9.00 2.56
CA GLU E 62 -14.33 -7.80 2.89
C GLU E 62 -14.94 -7.21 1.63
N TYR E 63 -16.06 -6.52 1.80
CA TYR E 63 -16.73 -5.80 0.72
C TYR E 63 -17.14 -4.42 1.22
N THR E 64 -17.10 -3.45 0.31
CA THR E 64 -17.41 -2.06 0.62
C THR E 64 -18.80 -1.74 0.10
N ILE E 65 -19.60 -1.08 0.94
CA ILE E 65 -20.96 -0.70 0.59
C ILE E 65 -21.22 0.71 1.07
N ASP E 66 -21.87 1.52 0.23
CA ASP E 66 -22.26 2.87 0.57
C ASP E 66 -23.79 2.94 0.59
N ILE E 67 -24.34 3.41 1.71
CA ILE E 67 -25.79 3.44 1.90
C ILE E 67 -26.19 4.78 2.50
N PHE E 68 -27.48 5.10 2.35
CA PHE E 68 -28.09 6.26 2.99
C PHE E 68 -29.03 5.71 4.06
N PHE E 69 -28.49 5.47 5.24
CA PHE E 69 -29.27 4.87 6.32
C PHE E 69 -30.23 5.89 6.90
N ALA E 70 -31.49 5.48 7.07
CA ALA E 70 -32.53 6.34 7.63
C ALA E 70 -33.13 5.66 8.86
N GLN E 71 -33.38 6.46 9.90
CA GLN E 71 -33.96 5.98 11.14
C GLN E 71 -35.06 6.91 11.59
N THR E 72 -36.00 6.38 12.36
CA THR E 72 -37.15 7.15 12.83
C THR E 72 -37.56 6.65 14.21
N TRP E 73 -37.86 7.57 15.10
CA TRP E 73 -38.35 7.24 16.43
C TRP E 73 -39.20 8.39 16.94
N LYS E 74 -40.05 8.08 17.91
CA LYS E 74 -41.02 9.02 18.46
C LYS E 74 -40.56 9.51 19.82
N ASP E 75 -40.52 10.83 19.99
CA ASP E 75 -40.15 11.45 21.26
C ASP E 75 -41.21 12.47 21.63
N GLU E 76 -41.69 12.41 22.88
CA GLU E 76 -42.72 13.31 23.36
C GLU E 76 -42.17 14.57 23.99
N ARG E 77 -40.85 14.72 24.08
CA ARG E 77 -40.23 15.86 24.73
C ARG E 77 -39.89 16.99 23.76
N LEU E 78 -40.18 16.83 22.46
CA LEU E 78 -39.86 17.83 21.46
C LEU E 78 -41.12 18.35 20.76
N ARG E 79 -42.29 18.20 21.39
CA ARG E 79 -43.52 18.65 20.79
C ARG E 79 -43.59 20.17 20.78
N PHE E 80 -44.17 20.72 19.72
CA PHE E 80 -44.31 22.16 19.57
C PHE E 80 -45.43 22.46 18.59
N LYS E 81 -45.87 23.72 18.59
CA LYS E 81 -46.88 24.20 17.66
C LYS E 81 -46.41 25.53 17.08
N GLY E 82 -46.64 25.70 15.78
CA GLY E 82 -46.22 26.89 15.08
C GLY E 82 -46.71 26.94 13.65
N PRO E 83 -46.28 27.94 12.89
CA PRO E 83 -46.74 28.06 11.51
C PRO E 83 -46.38 26.87 10.63
N MET E 84 -45.24 26.23 10.88
CA MET E 84 -44.78 25.11 10.07
C MET E 84 -44.73 23.85 10.93
N GLN E 85 -45.14 22.73 10.33
CA GLN E 85 -45.12 21.43 11.00
C GLN E 85 -43.82 20.67 10.79
N ARG E 86 -42.89 21.22 10.01
CA ARG E 86 -41.61 20.58 9.75
C ARG E 86 -40.48 21.57 9.99
N LEU E 87 -39.36 21.07 10.48
CA LEU E 87 -38.19 21.87 10.81
C LEU E 87 -36.96 21.25 10.16
N PRO E 88 -36.75 21.49 8.87
CA PRO E 88 -35.51 21.04 8.23
C PRO E 88 -34.30 21.66 8.93
N LEU E 89 -33.26 20.84 9.10
CA LEU E 89 -32.07 21.25 9.84
C LEU E 89 -30.85 20.56 9.24
N ASN E 90 -29.73 20.62 9.96
CA ASN E 90 -28.47 20.06 9.49
C ASN E 90 -27.78 19.39 10.68
N ASN E 91 -26.50 19.08 10.51
CA ASN E 91 -25.74 18.36 11.53
C ASN E 91 -25.57 19.15 12.82
N LEU E 92 -25.85 20.46 12.82
CA LEU E 92 -25.60 21.27 14.00
C LEU E 92 -26.41 20.76 15.20
N LEU E 93 -27.68 20.43 14.98
CA LEU E 93 -28.57 20.00 16.07
C LEU E 93 -28.57 18.49 16.26
N ALA E 94 -27.84 17.74 15.45
CA ALA E 94 -27.88 16.28 15.56
C ALA E 94 -27.34 15.82 16.91
N SER E 95 -26.25 16.42 17.37
CA SER E 95 -25.63 16.00 18.63
C SER E 95 -26.30 16.60 19.86
N LYS E 96 -27.18 17.60 19.69
CA LYS E 96 -27.82 18.24 20.82
C LYS E 96 -28.92 17.39 21.44
N ILE E 97 -29.40 16.36 20.75
CA ILE E 97 -30.48 15.52 21.27
C ILE E 97 -30.00 14.07 21.33
N TRP E 98 -30.89 13.18 21.75
CA TRP E 98 -30.57 11.77 21.92
C TRP E 98 -30.78 11.03 20.60
N THR E 99 -29.80 10.24 20.20
CA THR E 99 -29.90 9.36 19.04
C THR E 99 -29.40 7.97 19.41
N PRO E 100 -29.96 6.93 18.79
CA PRO E 100 -29.54 5.56 19.14
C PRO E 100 -28.09 5.31 18.77
N ASP E 101 -27.44 4.46 19.56
CA ASP E 101 -26.04 4.10 19.34
C ASP E 101 -25.95 2.88 18.41
N THR E 102 -26.50 3.05 17.20
CA THR E 102 -26.49 1.98 16.22
C THR E 102 -25.05 1.64 15.82
N PHE E 103 -24.82 0.36 15.57
CA PHE E 103 -23.51 -0.10 15.13
C PHE E 103 -23.69 -1.35 14.27
N PHE E 104 -22.67 -1.65 13.48
CA PHE E 104 -22.66 -2.81 12.60
C PHE E 104 -21.78 -3.89 13.23
N HIS E 105 -22.36 -5.07 13.46
CA HIS E 105 -21.66 -6.13 14.17
C HIS E 105 -20.44 -6.60 13.38
N ASN E 106 -20.58 -6.78 12.07
CA ASN E 106 -19.52 -7.31 11.24
C ASN E 106 -18.66 -6.22 10.59
N GLY E 107 -18.94 -4.95 10.86
CA GLY E 107 -18.15 -3.88 10.27
C GLY E 107 -16.77 -3.77 10.87
N LYS E 108 -15.75 -4.15 10.12
CA LYS E 108 -14.38 -4.07 10.62
C LYS E 108 -13.98 -2.62 10.89
N LYS E 109 -14.27 -1.73 9.96
CA LYS E 109 -13.85 -0.33 10.09
C LYS E 109 -14.83 0.53 9.27
N SER E 110 -15.75 1.18 9.96
CA SER E 110 -16.77 2.01 9.34
C SER E 110 -16.50 3.47 9.66
N PHE E 111 -16.47 4.31 8.62
CA PHE E 111 -16.24 5.74 8.78
C PHE E 111 -17.27 6.51 7.95
N ALA E 112 -17.68 7.66 8.47
CA ALA E 112 -18.68 8.49 7.81
C ALA E 112 -17.99 9.46 6.85
N HIS E 113 -18.74 10.43 6.34
CA HIS E 113 -18.23 11.43 5.41
C HIS E 113 -18.26 12.79 6.08
N TRP E 114 -17.23 13.60 5.80
CA TRP E 114 -17.05 14.89 6.45
C TRP E 114 -17.17 16.06 5.49
N MET E 115 -16.48 16.01 4.35
CA MET E 115 -16.49 17.08 3.38
C MET E 115 -17.45 16.75 2.24
N THR E 116 -17.98 17.79 1.59
CA THR E 116 -17.76 19.21 1.85
C THR E 116 -18.42 19.66 3.15
N THR E 117 -19.51 18.98 3.53
CA THR E 117 -20.21 19.24 4.77
C THR E 117 -20.63 17.91 5.37
N PRO E 118 -20.62 17.78 6.70
CA PRO E 118 -21.06 16.52 7.31
C PRO E 118 -22.42 16.07 6.79
N ASN E 119 -22.46 14.90 6.15
CA ASN E 119 -23.68 14.41 5.52
C ASN E 119 -24.61 13.87 6.59
N ARG E 120 -25.47 14.75 7.10
CA ARG E 120 -26.47 14.38 8.10
C ARG E 120 -27.68 15.28 7.93
N MET E 121 -28.81 14.80 8.45
CA MET E 121 -30.06 15.54 8.41
C MET E 121 -30.87 15.20 9.64
N LEU E 122 -31.77 16.11 10.00
CA LEU E 122 -32.61 15.92 11.19
C LEU E 122 -33.87 16.75 11.02
N ARG E 123 -35.03 16.11 11.12
CA ARG E 123 -36.31 16.78 10.99
C ARG E 123 -37.22 16.36 12.14
N ILE E 124 -38.11 17.26 12.53
CA ILE E 124 -39.01 17.04 13.65
C ILE E 124 -40.42 17.46 13.23
N TRP E 125 -41.41 16.85 13.87
CA TRP E 125 -42.81 17.14 13.61
C TRP E 125 -43.55 17.34 14.93
N ASN E 126 -44.78 17.83 14.82
CA ASN E 126 -45.55 18.18 16.01
C ASN E 126 -45.80 16.95 16.89
N ASP E 127 -46.14 15.81 16.26
CA ASP E 127 -46.48 14.61 17.02
C ASP E 127 -45.27 13.99 17.71
N GLY E 128 -44.06 14.46 17.41
CA GLY E 128 -42.86 13.89 17.98
C GLY E 128 -42.08 12.99 17.04
N ARG E 129 -42.62 12.70 15.86
CA ARG E 129 -41.90 11.88 14.90
C ARG E 129 -40.59 12.56 14.50
N VAL E 130 -39.54 11.77 14.34
CA VAL E 130 -38.21 12.28 14.02
C VAL E 130 -37.65 11.49 12.85
N LEU E 131 -36.77 12.14 12.10
CA LEU E 131 -36.06 11.52 10.98
C LEU E 131 -34.59 11.84 11.10
N TYR E 132 -33.74 10.85 10.83
CA TYR E 132 -32.30 11.01 10.97
C TYR E 132 -31.61 10.15 9.91
N THR E 133 -31.29 10.76 8.79
CA THR E 133 -30.55 10.11 7.73
C THR E 133 -29.06 10.24 7.97
N LEU E 134 -28.29 9.27 7.49
CA LEU E 134 -26.86 9.23 7.75
C LEU E 134 -26.17 8.45 6.65
N ARG E 135 -25.42 9.15 5.80
CA ARG E 135 -24.63 8.49 4.78
C ARG E 135 -23.50 7.71 5.44
N LEU E 136 -23.16 6.55 4.85
CA LEU E 136 -22.16 5.68 5.44
C LEU E 136 -21.40 4.96 4.35
N THR E 137 -20.21 4.48 4.71
CA THR E 137 -19.37 3.66 3.85
C THR E 137 -18.84 2.52 4.71
N ILE E 138 -19.45 1.36 4.61
CA ILE E 138 -19.18 0.23 5.50
C ILE E 138 -18.28 -0.76 4.80
N SER E 139 -17.13 -1.06 5.40
CA SER E 139 -16.21 -2.09 4.90
C SER E 139 -16.44 -3.35 5.73
N ALA E 140 -17.52 -4.06 5.41
CA ALA E 140 -17.88 -5.25 6.16
C ALA E 140 -17.03 -6.44 5.74
N GLU E 141 -17.21 -7.55 6.45
CA GLU E 141 -16.46 -8.78 6.21
C GLU E 141 -17.41 -9.87 5.75
N CYS E 142 -17.07 -10.54 4.66
CA CYS E 142 -17.91 -11.56 4.04
C CYS E 142 -17.13 -12.87 3.92
N PRO E 143 -17.23 -13.77 4.89
CA PRO E 143 -16.56 -15.07 4.75
C PRO E 143 -17.12 -15.84 3.57
N MET E 144 -16.24 -16.56 2.87
CA MET E 144 -16.61 -17.30 1.68
C MET E 144 -15.92 -18.66 1.69
N ASP E 145 -16.64 -19.69 1.26
CA ASP E 145 -16.11 -21.04 1.14
C ASP E 145 -15.79 -21.29 -0.33
N LEU E 146 -14.51 -21.43 -0.64
CA LEU E 146 -14.05 -21.59 -2.02
C LEU E 146 -13.86 -23.07 -2.34
N GLU E 147 -14.98 -23.79 -2.35
CA GLU E 147 -14.99 -25.21 -2.69
C GLU E 147 -15.39 -25.46 -4.13
N ASP E 148 -16.34 -24.68 -4.67
CA ASP E 148 -16.75 -24.77 -6.06
C ASP E 148 -16.21 -23.61 -6.90
N PHE E 149 -15.15 -22.97 -6.43
CA PHE E 149 -14.60 -21.82 -7.13
C PHE E 149 -14.14 -22.25 -8.53
N PRO E 150 -14.40 -21.45 -9.57
CA PRO E 150 -15.13 -20.17 -9.58
C PRO E 150 -16.65 -20.33 -9.68
N MET E 151 -17.17 -21.55 -9.81
CA MET E 151 -18.61 -21.77 -9.89
C MET E 151 -19.18 -21.83 -8.46
N ASP E 152 -19.21 -20.66 -7.83
CA ASP E 152 -19.63 -20.55 -6.45
C ASP E 152 -20.63 -19.40 -6.29
N GLU E 153 -21.52 -19.56 -5.32
CA GLU E 153 -22.50 -18.55 -4.95
C GLU E 153 -22.25 -18.14 -3.50
N GLN E 154 -22.23 -16.83 -3.26
CA GLN E 154 -21.92 -16.29 -1.94
C GLN E 154 -23.07 -15.45 -1.43
N ASN E 155 -23.22 -15.41 -0.11
CA ASN E 155 -24.27 -14.65 0.57
C ASN E 155 -23.60 -13.75 1.61
N CYS E 156 -23.25 -12.54 1.21
CA CYS E 156 -22.60 -11.60 2.12
C CYS E 156 -23.65 -10.91 2.99
N PRO E 157 -23.58 -11.03 4.31
CA PRO E 157 -24.61 -10.44 5.16
C PRO E 157 -24.26 -9.02 5.59
N LEU E 158 -25.22 -8.38 6.25
CA LEU E 158 -25.03 -7.05 6.84
C LEU E 158 -25.93 -6.96 8.07
N LYS E 159 -25.32 -7.04 9.25
CA LYS E 159 -26.06 -7.03 10.51
C LYS E 159 -25.82 -5.72 11.25
N PHE E 160 -26.91 -5.08 11.67
CA PHE E 160 -26.84 -3.86 12.46
C PHE E 160 -27.85 -3.95 13.59
N GLY E 161 -27.50 -3.34 14.72
CA GLY E 161 -28.36 -3.35 15.89
C GLY E 161 -28.04 -2.24 16.87
N SER E 162 -28.09 -2.56 18.16
CA SER E 162 -27.79 -1.60 19.21
C SER E 162 -26.76 -2.19 20.15
N TYR E 163 -25.98 -1.32 20.79
CA TYR E 163 -24.88 -1.72 21.66
C TYR E 163 -25.30 -1.79 23.13
N ALA E 164 -25.80 -0.69 23.68
CA ALA E 164 -26.06 -0.58 25.11
C ALA E 164 -27.54 -0.64 25.47
N TYR E 165 -28.43 -0.73 24.48
CA TYR E 165 -29.86 -0.76 24.75
C TYR E 165 -30.42 -2.13 24.41
N PRO E 166 -30.75 -2.97 25.41
CA PRO E 166 -31.28 -4.30 25.10
C PRO E 166 -32.66 -4.25 24.46
N ASN E 167 -33.22 -5.42 24.15
CA ASN E 167 -34.52 -5.47 23.50
C ASN E 167 -35.62 -4.88 24.39
N SER E 168 -35.43 -4.94 25.71
CA SER E 168 -36.44 -4.42 26.62
C SER E 168 -36.60 -2.91 26.51
N GLU E 169 -35.65 -2.22 25.88
CA GLU E 169 -35.67 -0.77 25.77
C GLU E 169 -35.80 -0.29 24.33
N VAL E 170 -35.00 -0.84 23.41
CA VAL E 170 -34.99 -0.41 22.02
C VAL E 170 -35.18 -1.63 21.14
N VAL E 171 -36.08 -1.51 20.16
CA VAL E 171 -36.37 -2.57 19.20
C VAL E 171 -36.38 -1.96 17.80
N TYR E 172 -35.71 -2.62 16.87
CA TYR E 172 -35.64 -2.18 15.48
C TYR E 172 -36.60 -3.01 14.63
N VAL E 173 -37.39 -2.33 13.80
CA VAL E 173 -38.34 -2.99 12.91
C VAL E 173 -38.34 -2.27 11.57
N TRP E 174 -38.40 -3.03 10.49
CA TRP E 174 -38.46 -2.43 9.17
C TRP E 174 -39.76 -1.67 8.96
N THR E 175 -39.68 -0.56 8.24
CA THR E 175 -40.84 0.25 7.94
C THR E 175 -41.59 -0.32 6.73
N ASN E 176 -42.91 -0.32 6.82
CA ASN E 176 -43.75 -0.86 5.75
C ASN E 176 -43.36 -2.33 5.54
N GLY E 177 -43.50 -2.83 4.32
CA GLY E 177 -43.12 -4.19 4.02
C GLY E 177 -41.63 -4.35 3.81
N SER E 178 -41.20 -5.61 3.72
CA SER E 178 -39.78 -5.89 3.52
C SER E 178 -39.35 -5.59 2.10
N THR E 179 -40.27 -5.59 1.15
CA THR E 179 -39.91 -5.34 -0.24
C THR E 179 -39.33 -3.93 -0.41
N LYS E 180 -39.97 -2.94 0.19
CA LYS E 180 -39.50 -1.56 0.12
C LYS E 180 -38.52 -1.20 1.23
N SER E 181 -38.28 -2.12 2.18
CA SER E 181 -37.37 -1.80 3.28
C SER E 181 -35.95 -1.53 2.79
N VAL E 182 -35.47 -2.34 1.84
CA VAL E 182 -34.14 -2.20 1.28
C VAL E 182 -34.27 -1.98 -0.21
N VAL E 183 -33.58 -0.96 -0.72
CA VAL E 183 -33.61 -0.59 -2.13
C VAL E 183 -32.20 -0.53 -2.65
N VAL E 184 -31.96 -1.12 -3.81
CA VAL E 184 -30.66 -1.12 -4.46
C VAL E 184 -30.81 -0.47 -5.83
N ALA E 185 -29.96 0.50 -6.12
CA ALA E 185 -30.01 1.18 -7.41
C ALA E 185 -29.67 0.22 -8.54
N GLU E 186 -30.30 0.44 -9.70
CA GLU E 186 -30.03 -0.41 -10.85
C GLU E 186 -28.56 -0.33 -11.27
N ASP E 187 -27.99 0.88 -11.28
CA ASP E 187 -26.60 1.08 -11.62
C ASP E 187 -25.69 1.00 -10.40
N GLY E 188 -26.24 0.72 -9.22
CA GLY E 188 -25.42 0.62 -8.02
C GLY E 188 -24.56 -0.62 -7.94
N SER E 189 -24.81 -1.61 -8.79
CA SER E 189 -24.00 -2.82 -8.83
C SER E 189 -22.72 -2.51 -9.60
N ARG E 190 -21.63 -2.31 -8.87
CA ARG E 190 -20.34 -1.95 -9.44
C ARG E 190 -19.32 -3.08 -9.23
N LEU E 191 -19.77 -4.31 -9.42
CA LEU E 191 -18.93 -5.50 -9.24
C LEU E 191 -18.38 -5.93 -10.59
N ASN E 192 -17.06 -6.08 -10.67
CA ASN E 192 -16.40 -6.51 -11.90
C ASN E 192 -16.31 -8.03 -12.02
N GLN E 193 -16.61 -8.77 -10.95
CA GLN E 193 -16.52 -10.23 -10.99
C GLN E 193 -17.67 -10.89 -10.22
N TYR E 194 -18.83 -10.25 -10.19
CA TYR E 194 -19.98 -10.81 -9.50
C TYR E 194 -21.26 -10.26 -10.10
N HIS E 195 -22.36 -10.96 -9.86
CA HIS E 195 -23.69 -10.52 -10.24
C HIS E 195 -24.55 -10.42 -8.98
N LEU E 196 -25.31 -9.33 -8.87
CA LEU E 196 -26.18 -9.09 -7.72
C LEU E 196 -27.56 -9.65 -8.05
N MET E 197 -27.80 -10.90 -7.63
CA MET E 197 -29.05 -11.57 -8.00
C MET E 197 -30.24 -10.99 -7.24
N GLY E 198 -30.08 -10.77 -5.93
CA GLY E 198 -31.19 -10.27 -5.14
C GLY E 198 -30.77 -10.07 -3.70
N GLN E 199 -31.76 -9.72 -2.88
CA GLN E 199 -31.51 -9.42 -1.47
C GLN E 199 -32.62 -10.05 -0.62
N THR E 200 -32.28 -10.34 0.63
CA THR E 200 -33.24 -10.84 1.61
C THR E 200 -32.97 -10.18 2.94
N VAL E 201 -34.03 -10.03 3.74
CA VAL E 201 -33.96 -9.37 5.03
C VAL E 201 -34.68 -10.22 6.07
N GLY E 202 -34.37 -9.95 7.34
CA GLY E 202 -34.99 -10.67 8.42
C GLY E 202 -34.57 -10.09 9.75
N THR E 203 -35.15 -10.65 10.82
CA THR E 203 -34.87 -10.22 12.18
C THR E 203 -34.62 -11.43 13.06
N GLU E 204 -33.81 -11.23 14.11
CA GLU E 204 -33.49 -12.28 15.04
C GLU E 204 -32.97 -11.66 16.34
N ASN E 205 -32.91 -12.48 17.37
CA ASN E 205 -32.42 -12.06 18.68
C ASN E 205 -31.17 -12.84 19.04
N ILE E 206 -30.30 -12.21 19.85
CA ILE E 206 -29.10 -12.85 20.37
C ILE E 206 -29.07 -12.63 21.87
N SER E 207 -28.42 -13.54 22.58
CA SER E 207 -28.33 -13.52 24.03
C SER E 207 -26.88 -13.41 24.47
N THR E 208 -26.62 -12.52 25.43
CA THR E 208 -25.29 -12.34 25.97
C THR E 208 -25.42 -12.16 27.48
N SER E 209 -24.32 -11.79 28.13
CA SER E 209 -24.33 -11.62 29.58
C SER E 209 -25.28 -10.51 30.00
N THR E 210 -25.25 -9.38 29.29
CA THR E 210 -26.08 -8.24 29.67
C THR E 210 -27.56 -8.56 29.48
N GLY E 211 -27.91 -9.12 28.33
CA GLY E 211 -29.30 -9.44 28.05
C GLY E 211 -29.52 -9.63 26.57
N GLU E 212 -30.80 -9.75 26.20
CA GLU E 212 -31.18 -9.95 24.82
C GLU E 212 -31.03 -8.65 24.02
N TYR E 213 -30.74 -8.81 22.73
CA TYR E 213 -30.60 -7.69 21.81
C TYR E 213 -31.32 -8.02 20.51
N THR E 214 -31.76 -6.97 19.81
CA THR E 214 -32.46 -7.14 18.55
C THR E 214 -31.47 -7.01 17.39
N ILE E 215 -31.61 -7.92 16.42
CA ILE E 215 -30.72 -7.97 15.26
C ILE E 215 -31.55 -7.82 14.00
N MET E 216 -31.15 -6.89 13.15
CA MET E 216 -31.75 -6.70 11.83
C MET E 216 -30.69 -7.07 10.79
N THR E 217 -31.01 -8.05 9.95
CA THR E 217 -30.03 -8.64 9.04
C THR E 217 -30.52 -8.51 7.60
N ALA E 218 -29.58 -8.22 6.71
CA ALA E 218 -29.83 -8.17 5.27
C ALA E 218 -28.77 -8.99 4.56
N HIS E 219 -29.21 -9.89 3.67
CA HIS E 219 -28.31 -10.77 2.95
C HIS E 219 -28.36 -10.44 1.46
N PHE E 220 -27.20 -10.41 0.83
CA PHE E 220 -27.07 -10.18 -0.60
C PHE E 220 -26.59 -11.46 -1.28
N HIS E 221 -27.35 -11.93 -2.26
CA HIS E 221 -27.01 -13.14 -2.99
C HIS E 221 -26.10 -12.77 -4.15
N LEU E 222 -24.93 -13.40 -4.22
CA LEU E 222 -23.92 -13.12 -5.23
C LEU E 222 -23.70 -14.34 -6.10
N LYS E 223 -23.71 -14.13 -7.42
CA LYS E 223 -23.42 -15.18 -8.40
C LYS E 223 -22.23 -14.72 -9.22
N ARG E 224 -21.10 -15.42 -9.07
CA ARG E 224 -19.88 -15.02 -9.76
C ARG E 224 -20.07 -15.14 -11.27
N LYS E 225 -19.45 -14.21 -11.99
CA LYS E 225 -19.47 -14.21 -13.45
C LYS E 225 -18.16 -14.77 -13.97
N ILE E 226 -18.25 -15.79 -14.82
CA ILE E 226 -17.07 -16.43 -15.38
C ILE E 226 -16.75 -15.78 -16.72
N GLY E 227 -15.48 -15.89 -17.11
CA GLY E 227 -15.01 -15.31 -18.35
C GLY E 227 -13.62 -14.72 -18.21
N TYR E 228 -13.29 -14.24 -17.01
CA TYR E 228 -11.93 -13.77 -16.76
C TYR E 228 -10.98 -14.94 -16.56
N PHE E 229 -11.41 -15.98 -15.84
CA PHE E 229 -10.56 -17.15 -15.62
C PHE E 229 -10.47 -18.01 -16.87
N VAL E 230 -11.49 -17.97 -17.73
CA VAL E 230 -11.43 -18.72 -18.98
C VAL E 230 -10.27 -18.23 -19.83
N ILE E 231 -10.10 -16.91 -19.94
CA ILE E 231 -9.02 -16.34 -20.72
C ILE E 231 -7.69 -16.38 -20.01
N GLN E 232 -7.67 -16.66 -18.71
CA GLN E 232 -6.47 -16.59 -17.89
C GLN E 232 -5.86 -17.96 -17.61
N THR E 233 -6.68 -18.93 -17.20
CA THR E 233 -6.17 -20.24 -16.79
C THR E 233 -6.68 -21.37 -17.65
N TYR E 234 -7.99 -21.44 -17.92
CA TYR E 234 -8.54 -22.59 -18.63
C TYR E 234 -7.97 -22.71 -20.03
N LEU E 235 -8.02 -21.63 -20.82
CA LEU E 235 -7.58 -21.71 -22.20
C LEU E 235 -6.10 -22.05 -22.31
N PRO E 236 -5.18 -21.39 -21.60
CA PRO E 236 -3.77 -21.80 -21.71
C PRO E 236 -3.55 -23.27 -21.39
N CYS E 237 -4.27 -23.81 -20.41
CA CYS E 237 -4.15 -25.23 -20.10
C CYS E 237 -4.65 -26.08 -21.27
N ILE E 238 -5.76 -25.69 -21.88
CA ILE E 238 -6.29 -26.45 -23.01
C ILE E 238 -5.34 -26.41 -24.19
N MET E 239 -4.84 -25.22 -24.53
CA MET E 239 -3.92 -25.11 -25.66
C MET E 239 -2.60 -25.80 -25.37
N THR E 240 -2.13 -25.76 -24.13
CA THR E 240 -0.89 -26.44 -23.78
C THR E 240 -1.01 -27.95 -24.00
N VAL E 241 -2.16 -28.53 -23.64
CA VAL E 241 -2.37 -29.96 -23.85
C VAL E 241 -2.34 -30.28 -25.34
N ILE E 242 -3.00 -29.45 -26.16
CA ILE E 242 -3.01 -29.69 -27.59
C ILE E 242 -1.60 -29.65 -28.16
N LEU E 243 -0.75 -28.76 -27.63
CA LEU E 243 0.61 -28.65 -28.13
C LEU E 243 1.37 -29.96 -27.94
N SER E 244 1.23 -30.58 -26.76
CA SER E 244 1.95 -31.82 -26.50
C SER E 244 1.52 -32.93 -27.45
N GLN E 245 0.22 -33.02 -27.72
CA GLN E 245 -0.28 -34.10 -28.57
C GLN E 245 0.29 -34.04 -29.99
N VAL E 246 0.79 -32.88 -30.42
CA VAL E 246 1.39 -32.79 -31.74
C VAL E 246 2.60 -33.69 -31.85
N SER E 247 3.27 -33.97 -30.72
CA SER E 247 4.44 -34.84 -30.75
C SER E 247 4.09 -36.24 -31.25
N PHE E 248 2.85 -36.68 -31.04
CA PHE E 248 2.45 -38.01 -31.48
C PHE E 248 2.47 -38.14 -33.00
N TRP E 249 2.49 -37.02 -33.72
CA TRP E 249 2.53 -37.03 -35.18
C TRP E 249 3.93 -36.87 -35.72
N LEU E 250 4.95 -37.00 -34.87
CA LEU E 250 6.34 -36.91 -35.28
C LEU E 250 6.99 -38.28 -35.18
N ASN E 251 7.88 -38.59 -36.12
CA ASN E 251 8.51 -39.90 -36.16
C ASN E 251 9.43 -40.09 -34.96
N ARG E 252 9.62 -41.35 -34.58
CA ARG E 252 10.35 -41.67 -33.35
C ARG E 252 11.81 -41.25 -33.45
N GLU E 253 12.43 -41.40 -34.63
CA GLU E 253 13.86 -41.13 -34.74
C GLU E 253 14.21 -39.71 -34.32
N SER E 254 13.26 -38.78 -34.42
CA SER E 254 13.48 -37.40 -33.99
C SER E 254 13.28 -37.32 -32.47
N VAL E 255 14.22 -37.92 -31.75
CA VAL E 255 14.15 -37.96 -30.29
C VAL E 255 14.21 -36.56 -29.71
N ALA E 256 15.14 -35.74 -30.22
CA ALA E 256 15.31 -34.40 -29.67
C ALA E 256 14.06 -33.56 -29.86
N ALA E 257 13.44 -33.63 -31.04
CA ALA E 257 12.29 -32.79 -31.33
C ALA E 257 11.13 -33.09 -30.39
N ARG E 258 10.84 -34.38 -30.18
CA ARG E 258 9.74 -34.74 -29.29
C ARG E 258 10.07 -34.42 -27.84
N THR E 259 11.35 -34.44 -27.48
CA THR E 259 11.74 -34.10 -26.10
C THR E 259 11.38 -32.64 -25.79
N VAL E 260 11.60 -31.74 -26.73
CA VAL E 260 11.33 -30.32 -26.50
C VAL E 260 9.85 -30.11 -26.21
N PHE E 261 8.97 -30.76 -26.99
CA PHE E 261 7.54 -30.59 -26.78
C PHE E 261 7.14 -31.02 -25.38
N GLY E 262 7.59 -32.20 -24.95
CA GLY E 262 7.17 -32.72 -23.65
C GLY E 262 7.68 -31.89 -22.49
N VAL E 263 8.95 -31.51 -22.52
CA VAL E 263 9.54 -30.79 -21.39
C VAL E 263 8.93 -29.40 -21.26
N THR E 264 8.82 -28.68 -22.38
CA THR E 264 8.31 -27.31 -22.31
C THR E 264 6.87 -27.28 -21.81
N THR E 265 6.03 -28.21 -22.28
CA THR E 265 4.63 -28.21 -21.87
C THR E 265 4.50 -28.49 -20.37
N VAL E 266 5.29 -29.43 -19.84
CA VAL E 266 5.19 -29.79 -18.43
C VAL E 266 5.54 -28.59 -17.56
N LEU E 267 6.64 -27.90 -17.90
CA LEU E 267 7.02 -26.73 -17.12
C LEU E 267 6.01 -25.61 -17.28
N THR E 268 5.42 -25.46 -18.48
CA THR E 268 4.42 -24.43 -18.69
C THR E 268 3.22 -24.64 -17.77
N MET E 269 2.75 -25.88 -17.63
CA MET E 269 1.64 -26.15 -16.72
C MET E 269 2.02 -25.85 -15.28
N THR E 270 3.26 -26.19 -14.89
CA THR E 270 3.69 -25.98 -13.52
C THR E 270 3.65 -24.50 -13.16
N THR E 271 4.16 -23.64 -14.04
CA THR E 271 4.19 -22.21 -13.73
C THR E 271 2.79 -21.61 -13.73
N LEU E 272 1.88 -22.13 -14.56
CA LEU E 272 0.52 -21.63 -14.56
C LEU E 272 -0.16 -21.85 -13.22
N SER E 273 0.07 -23.02 -12.61
CA SER E 273 -0.53 -23.30 -11.31
C SER E 273 -0.06 -22.29 -10.27
N ILE E 274 1.24 -21.97 -10.27
CA ILE E 274 1.77 -21.00 -9.32
C ILE E 274 1.15 -19.63 -9.57
N SER E 275 1.08 -19.22 -10.84
CA SER E 275 0.57 -17.90 -11.16
C SER E 275 -0.91 -17.77 -10.81
N ALA E 276 -1.69 -18.83 -11.04
CA ALA E 276 -3.14 -18.75 -10.83
C ALA E 276 -3.46 -18.47 -9.37
N ARG E 277 -2.77 -19.13 -8.44
CA ARG E 277 -3.09 -19.01 -7.03
C ARG E 277 -2.45 -17.78 -6.37
N ASN E 278 -1.65 -17.01 -7.10
CA ASN E 278 -1.06 -15.81 -6.52
C ASN E 278 -2.13 -14.83 -6.06
N SER E 279 -3.08 -14.52 -6.95
CA SER E 279 -4.16 -13.62 -6.59
C SER E 279 -5.22 -14.31 -5.73
N LEU E 280 -5.43 -15.60 -5.94
CA LEU E 280 -6.45 -16.32 -5.18
C LEU E 280 -6.04 -16.42 -3.72
N PRO E 281 -7.01 -16.41 -2.79
CA PRO E 281 -6.67 -16.56 -1.38
C PRO E 281 -5.97 -17.89 -1.11
N LYS E 282 -5.08 -17.88 -0.12
CA LYS E 282 -4.29 -19.05 0.22
C LYS E 282 -5.12 -20.04 1.03
N VAL E 283 -6.15 -20.58 0.39
CA VAL E 283 -7.01 -21.57 1.02
C VAL E 283 -6.28 -22.90 1.08
N ALA E 284 -6.34 -23.56 2.24
CA ALA E 284 -5.66 -24.83 2.45
C ALA E 284 -6.55 -26.02 2.10
N TYR E 285 -7.13 -26.00 0.90
CA TYR E 285 -7.89 -27.14 0.40
C TYR E 285 -8.00 -27.01 -1.12
N ALA E 286 -8.34 -28.12 -1.75
CA ALA E 286 -8.37 -28.17 -3.22
C ALA E 286 -9.64 -27.55 -3.76
N THR E 287 -9.49 -26.65 -4.72
CA THR E 287 -10.62 -26.05 -5.40
C THR E 287 -10.93 -26.81 -6.69
N ALA E 288 -12.03 -26.43 -7.34
CA ALA E 288 -12.39 -27.06 -8.60
C ALA E 288 -11.36 -26.76 -9.68
N MET E 289 -10.84 -25.54 -9.71
CA MET E 289 -9.85 -25.18 -10.72
C MET E 289 -8.58 -26.01 -10.57
N ASP E 290 -8.18 -26.30 -9.33
CA ASP E 290 -6.98 -27.08 -9.11
C ASP E 290 -7.10 -28.48 -9.72
N TRP E 291 -8.27 -29.10 -9.59
CA TRP E 291 -8.47 -30.42 -10.17
C TRP E 291 -8.34 -30.38 -11.68
N PHE E 292 -8.88 -29.33 -12.31
CA PHE E 292 -8.76 -29.21 -13.77
C PHE E 292 -7.31 -29.12 -14.20
N ILE E 293 -6.50 -28.34 -13.47
CA ILE E 293 -5.08 -28.25 -13.80
C ILE E 293 -4.39 -29.58 -13.54
N ALA E 294 -4.78 -30.28 -12.48
CA ALA E 294 -4.17 -31.57 -12.18
C ALA E 294 -4.41 -32.57 -13.31
N VAL E 295 -5.64 -32.60 -13.83
CA VAL E 295 -5.95 -33.50 -14.95
C VAL E 295 -5.12 -33.13 -16.16
N CYS E 296 -5.02 -31.84 -16.47
CA CYS E 296 -4.20 -31.41 -17.60
C CYS E 296 -2.74 -31.77 -17.39
N TYR E 297 -2.28 -31.75 -16.14
CA TYR E 297 -0.89 -32.11 -15.86
C TYR E 297 -0.62 -33.56 -16.23
N ALA E 298 -1.56 -34.46 -15.93
CA ALA E 298 -1.36 -35.87 -16.24
C ALA E 298 -1.28 -36.10 -17.74
N PHE E 299 -2.12 -35.43 -18.51
CA PHE E 299 -2.15 -35.65 -19.96
C PHE E 299 -0.78 -35.34 -20.58
N VAL E 300 -0.23 -34.16 -20.30
CA VAL E 300 1.08 -33.81 -20.84
C VAL E 300 2.15 -34.74 -20.27
N PHE E 301 2.08 -35.01 -18.96
CA PHE E 301 3.07 -35.90 -18.36
C PHE E 301 2.95 -37.32 -18.91
N SER E 302 1.72 -37.80 -19.12
CA SER E 302 1.53 -39.14 -19.67
C SER E 302 2.10 -39.25 -21.08
N ALA E 303 1.93 -38.21 -21.89
CA ALA E 303 2.46 -38.25 -23.24
C ALA E 303 3.97 -38.39 -23.24
N LEU E 304 4.66 -37.71 -22.33
CA LEU E 304 6.10 -37.84 -22.23
C LEU E 304 6.50 -39.27 -21.88
N LEU E 305 5.77 -39.91 -20.96
CA LEU E 305 6.07 -41.29 -20.61
C LEU E 305 5.90 -42.21 -21.81
N GLU E 306 4.86 -41.99 -22.62
CA GLU E 306 4.63 -42.84 -23.79
C GLU E 306 5.82 -42.77 -24.74
N PHE E 307 6.36 -41.57 -24.97
CA PHE E 307 7.52 -41.44 -25.84
C PHE E 307 8.73 -42.17 -25.26
N ALA E 308 8.96 -42.03 -23.96
CA ALA E 308 10.10 -42.70 -23.33
C ALA E 308 9.97 -44.21 -23.43
N PHE E 309 8.79 -44.74 -23.14
CA PHE E 309 8.58 -46.19 -23.24
C PHE E 309 8.72 -46.67 -24.67
N VAL E 310 8.17 -45.92 -25.63
CA VAL E 310 8.30 -46.29 -27.04
C VAL E 310 9.75 -46.26 -27.47
N ASN E 311 10.49 -45.22 -27.09
CA ASN E 311 11.87 -45.09 -27.50
C ASN E 311 12.76 -46.20 -26.92
N TYR E 312 12.33 -46.84 -25.84
CA TYR E 312 13.13 -47.87 -25.19
C TYR E 312 12.93 -49.25 -25.79
N ILE E 313 11.91 -49.45 -26.62
CA ILE E 313 11.63 -50.76 -27.21
C ILE E 313 11.45 -50.62 -28.72
N THR E 314 11.89 -49.49 -29.29
CA THR E 314 11.74 -49.27 -30.72
C THR E 314 12.64 -50.18 -31.55
N LYS E 315 13.60 -50.87 -30.93
CA LYS E 315 14.52 -51.76 -31.63
C LYS E 315 14.11 -53.22 -31.53
N SER E 316 13.90 -53.72 -30.31
CA SER E 316 13.60 -55.14 -30.13
C SER E 316 12.31 -55.53 -30.84
N GLN E 317 11.23 -54.80 -30.57
CA GLN E 317 9.90 -55.09 -31.14
C GLN E 317 9.31 -53.79 -31.67
N PRO E 318 9.79 -53.33 -32.84
CA PRO E 318 9.24 -52.09 -33.40
C PRO E 318 7.74 -52.13 -33.66
N ALA E 319 7.19 -53.31 -33.96
CA ALA E 319 5.78 -53.39 -34.31
C ALA E 319 4.90 -52.88 -33.18
N ARG E 320 5.17 -53.33 -31.96
CA ARG E 320 4.35 -52.89 -30.83
C ARG E 320 4.49 -51.39 -30.59
N ALA E 321 5.73 -50.88 -30.70
CA ALA E 321 5.95 -49.45 -30.48
C ALA E 321 5.20 -48.62 -31.51
N ALA E 322 5.27 -49.01 -32.78
CA ALA E 322 4.58 -48.26 -33.83
C ALA E 322 3.07 -48.33 -33.63
N LYS E 323 2.55 -49.50 -33.25
CA LYS E 323 1.12 -49.64 -33.02
C LYS E 323 0.64 -48.73 -31.90
N ILE E 324 1.41 -48.64 -30.82
CA ILE E 324 1.02 -47.80 -29.70
C ILE E 324 0.99 -46.34 -30.11
N ASP E 325 1.98 -45.91 -30.89
CA ASP E 325 2.06 -44.50 -31.28
C ASP E 325 0.82 -44.08 -32.05
N LYS E 326 0.38 -44.89 -33.00
CA LYS E 326 -0.81 -44.55 -33.76
C LYS E 326 -2.05 -44.54 -32.88
N MET E 327 -2.15 -45.51 -31.96
CA MET E 327 -3.31 -45.56 -31.07
C MET E 327 -3.36 -44.34 -30.17
N SER E 328 -2.21 -43.87 -29.70
CA SER E 328 -2.18 -42.71 -28.82
C SER E 328 -2.75 -41.48 -29.50
N ARG E 329 -2.57 -41.35 -30.81
CA ARG E 329 -3.06 -40.17 -31.51
C ARG E 329 -4.58 -40.02 -31.37
N ILE E 330 -5.30 -41.12 -31.24
CA ILE E 330 -6.76 -41.10 -31.20
C ILE E 330 -7.29 -41.13 -29.77
N VAL E 331 -6.72 -41.99 -28.92
CA VAL E 331 -7.25 -42.17 -27.57
C VAL E 331 -7.12 -40.88 -26.77
N PHE E 332 -5.94 -40.26 -26.81
CA PHE E 332 -5.69 -39.10 -25.97
C PHE E 332 -6.63 -37.94 -26.26
N PRO E 333 -6.80 -37.49 -27.51
CA PRO E 333 -7.76 -36.41 -27.75
C PRO E 333 -9.18 -36.74 -27.32
N ILE E 334 -9.61 -38.00 -27.51
CA ILE E 334 -10.98 -38.37 -27.17
C ILE E 334 -11.22 -38.24 -25.67
N LEU E 335 -10.28 -38.73 -24.86
CA LEU E 335 -10.44 -38.67 -23.42
C LEU E 335 -10.52 -37.23 -22.93
N PHE E 336 -9.68 -36.35 -23.48
CA PHE E 336 -9.69 -34.95 -23.06
C PHE E 336 -11.04 -34.31 -23.39
N GLY E 337 -11.58 -34.58 -24.57
CA GLY E 337 -12.89 -34.05 -24.91
C GLY E 337 -13.99 -34.60 -24.03
N THR E 338 -13.94 -35.91 -23.75
CA THR E 338 -14.95 -36.52 -22.90
C THR E 338 -14.92 -35.94 -21.49
N PHE E 339 -13.71 -35.74 -20.95
CA PHE E 339 -13.60 -35.22 -19.60
C PHE E 339 -14.17 -33.81 -19.48
N ASN E 340 -13.95 -32.97 -20.50
CA ASN E 340 -14.41 -31.60 -20.43
C ASN E 340 -15.92 -31.52 -20.29
N LEU E 341 -16.65 -32.36 -21.03
CA LEU E 341 -18.11 -32.33 -20.93
C LEU E 341 -18.58 -32.64 -19.53
N VAL E 342 -17.97 -33.65 -18.89
CA VAL E 342 -18.35 -34.00 -17.51
C VAL E 342 -18.06 -32.83 -16.57
N TYR E 343 -16.87 -32.22 -16.71
CA TYR E 343 -16.48 -31.16 -15.81
C TYR E 343 -17.41 -29.95 -15.93
N TRP E 344 -17.61 -29.46 -17.16
CA TRP E 344 -18.43 -28.27 -17.34
C TRP E 344 -19.91 -28.55 -17.08
N ALA E 345 -20.41 -29.70 -17.57
CA ALA E 345 -21.81 -30.01 -17.37
C ALA E 345 -22.15 -30.18 -15.88
N THR E 346 -21.29 -30.85 -15.13
CA THR E 346 -21.55 -31.07 -13.71
C THR E 346 -21.62 -29.75 -12.95
N TYR E 347 -20.67 -28.85 -13.21
CA TYR E 347 -20.64 -27.58 -12.50
C TYR E 347 -21.69 -26.61 -13.02
N LEU E 348 -21.93 -26.61 -14.33
CA LEU E 348 -22.96 -25.77 -14.93
C LEU E 348 -24.29 -26.51 -15.02
N ASN E 349 -24.74 -27.05 -13.89
CA ASN E 349 -26.01 -27.77 -13.82
C ASN E 349 -26.28 -28.24 -12.40
C1 NAG F . -36.49 21.02 -11.70
C2 NAG F . -37.10 21.17 -13.09
C3 NAG F . -37.37 22.64 -13.41
C4 NAG F . -38.19 23.27 -12.30
C5 NAG F . -37.54 23.03 -10.94
C6 NAG F . -38.41 23.57 -9.81
C7 NAG F . -36.52 19.46 -14.71
C8 NAG F . -35.52 18.98 -15.72
N2 NAG F . -36.23 20.60 -14.09
O3 NAG F . -38.06 22.74 -14.63
O4 NAG F . -38.32 24.65 -12.53
O5 NAG F . -37.29 21.66 -10.72
O6 NAG F . -38.54 24.96 -9.93
O7 NAG F . -37.55 18.82 -14.51
H2 NAG F . -38.06 20.65 -13.11
H3 NAG F . -36.41 23.15 -13.50
H4 NAG F . -39.18 22.81 -12.30
H5 NAG F . -36.58 23.57 -10.93
H61 NAG F . -39.38 23.07 -9.84
H62 NAG F . -37.94 23.33 -8.85
H81 NAG F . -35.14 18.00 -15.41
H82 NAG F . -36.00 18.89 -16.69
H83 NAG F . -34.70 19.69 -15.79
HN2 NAG F . -35.40 21.11 -14.36
HO3 NAG F . -38.24 21.84 -14.98
HO4 NAG F . -37.85 24.89 -13.35
HO6 NAG F . -38.01 25.28 -10.70
C1 DZP G . -30.16 13.14 -0.06
C2 DZP G . -29.96 14.13 -0.99
C3 DZP G . -30.05 13.83 -2.34
C4 DZP G . -30.34 12.54 -2.75
C5 DZP G . -30.85 10.14 -2.25
C6 DZP G . -30.81 8.86 -4.43
C7 DZP G . -30.09 8.35 -5.51
C8 DZP G . -28.73 8.56 -5.61
C9 DZP G . -28.09 9.30 -4.64
C11 DZP G . -30.45 11.84 -0.46
C12 DZP G . -30.55 11.54 -1.82
C13 DZP G . -30.15 9.61 -3.44
C14 DZP G . -28.77 9.82 -3.55
N15 DZP G . -31.73 9.50 -1.58
C17 DZP G . -32.03 8.13 -2.01
C18 DZP G . -32.86 8.18 -3.27
C20 DZP G . -33.00 8.92 -5.57
N2 DZP G . -32.21 8.63 -4.38
O1 DZP G . -34.03 7.83 -3.31
CL DZP G . -26.37 9.58 -4.76
H1 DZP G . -30.09 13.36 1.00
H2 DZP G . -29.73 15.15 -0.68
H3 DZP G . -29.89 14.61 -3.08
H4 DZP G . -30.41 12.32 -3.82
H7 DZP G . -30.59 7.76 -6.28
H8 DZP G . -28.15 8.16 -6.44
H11 DZP G . -30.61 11.06 0.29
H14 DZP G . -28.24 10.40 -2.80
H171 DZP G . -32.62 7.70 -1.19
H172 DZP G . -31.17 7.46 -2.11
H201 DZP G . -33.18 8.03 -6.18
H202 DZP G . -33.99 9.32 -5.30
H203 DZP G . -32.53 9.67 -6.21
C1 NAG H . 3.19 42.72 -8.62
C2 NAG H . 4.11 43.43 -9.62
C3 NAG H . 4.90 44.55 -8.94
C4 NAG H . 3.94 45.47 -8.20
C5 NAG H . 3.04 44.68 -7.25
C6 NAG H . 2.01 45.59 -6.59
C7 NAG H . 4.88 42.11 -11.50
C8 NAG H . 5.88 41.12 -12.00
N2 NAG H . 5.01 42.49 -10.23
O3 NAG H . 5.61 45.28 -9.91
O4 NAG H . 4.69 46.42 -7.46
O5 NAG H . 2.36 43.65 -7.94
O6 NAG H . 2.68 46.55 -5.79
O7 NAG H . 4.00 42.52 -12.25
H2 NAG H . 3.48 43.89 -10.39
H3 NAG H . 5.60 44.09 -8.24
H4 NAG H . 3.32 45.99 -8.94
H5 NAG H . 3.67 44.24 -6.48
H61 NAG H . 1.41 46.07 -7.36
H62 NAG H . 1.35 44.99 -5.97
H81 NAG H . 5.37 40.20 -12.31
H82 NAG H . 6.42 41.54 -12.86
H83 NAG H . 6.60 40.88 -11.21
HN2 NAG H . 5.80 42.16 -9.69
HO3 NAG H . 5.42 44.91 -10.80
HO4 NAG H . 5.64 46.27 -7.60
HO6 NAG H . 3.64 46.38 -5.81
C1 DZP I . -6.84 31.90 -4.17
C2 DZP I . -5.58 32.42 -3.98
C3 DZP I . -4.68 32.44 -5.03
C4 DZP I . -5.05 31.94 -6.27
C5 DZP I . -6.72 30.88 -7.81
C6 DZP I . -5.55 30.28 -9.96
C7 DZP I . -4.62 29.50 -10.64
C8 DZP I . -3.87 28.55 -9.98
C9 DZP I . -4.04 28.39 -8.62
C11 DZP I . -7.22 31.40 -5.40
C12 DZP I . -6.32 31.42 -6.47
C13 DZP I . -5.72 30.11 -8.57
C14 DZP I . -4.96 29.14 -7.91
N15 DZP I . -7.91 31.13 -8.20
C17 DZP I . -8.30 30.60 -9.52
C18 DZP I . -7.63 31.41 -10.60
C20 DZP I . -5.54 32.18 -11.55
N2 DZP I . -6.26 31.27 -10.68
O1 DZP I . -8.25 32.14 -11.36
CL DZP I . -3.10 27.20 -7.77
H1 DZP I . -7.56 31.88 -3.34
H2 DZP I . -5.28 32.81 -3.01
H3 DZP I . -3.69 32.85 -4.88
H4 DZP I . -4.34 31.96 -7.09
H7 DZP I . -4.47 29.63 -11.72
H8 DZP I . -3.14 27.94 -10.50
H11 DZP I . -8.22 31.00 -5.55
H14 DZP I . -5.07 29.00 -6.83
H171 DZP I . -9.38 30.74 -9.56
H172 DZP I . -8.15 29.52 -9.65
H201 DZP I . -5.52 31.85 -12.58
H202 DZP I . -5.99 33.17 -11.54
H203 DZP I . -4.51 32.31 -11.23
C1 NAG J . 27.07 23.63 24.89
C2 NAG J . 28.57 23.42 25.16
C3 NAG J . 28.84 23.38 26.66
C4 NAG J . 28.27 24.62 27.32
C5 NAG J . 26.80 24.79 26.97
C6 NAG J . 26.24 26.09 27.54
C7 NAG J . 29.78 22.18 23.47
C8 NAG J . 30.17 20.83 22.93
N2 NAG J . 29.01 22.19 24.55
O3 NAG J . 30.23 23.33 26.87
O4 NAG J . 28.41 24.52 28.71
O5 NAG J . 26.60 24.77 25.57
O6 NAG J . 26.30 26.05 28.94
O7 NAG J . 30.20 23.20 22.92
H2 NAG J . 29.11 24.25 24.74
H3 NAG J . 28.38 22.48 27.07
H4 NAG J . 28.82 25.49 26.96
H5 NAG J . 26.25 23.95 27.41
H61 NAG J . 26.80 26.92 27.14
H62 NAG J . 25.20 26.20 27.23
H81 NAG J . 29.79 20.73 21.91
H82 NAG J . 31.25 20.74 22.93
H83 NAG J . 29.73 20.05 23.55
HN2 NAG J . 28.76 21.31 24.99
HO3 NAG J . 30.70 23.35 26.01
HO4 NAG J . 28.85 23.68 28.94
HO6 NAG J . 26.65 25.18 29.25
C1 DZP K . 14.54 24.81 15.99
C2 DZP K . 15.15 24.10 16.99
C3 DZP K . 16.37 23.49 16.75
C4 DZP K . 16.98 23.60 15.52
C5 DZP K . 17.02 24.44 13.16
C6 DZP K . 18.95 23.34 11.97
C7 DZP K . 19.54 22.21 11.43
C8 DZP K . 18.91 20.98 11.52
C9 DZP K . 17.69 20.90 12.15
C11 DZP K . 15.14 24.93 14.74
C12 DZP K . 16.37 24.32 14.50
C13 DZP K . 17.71 23.25 12.61
C14 DZP K . 17.08 22.01 12.69
N15 DZP K . 16.95 25.58 12.58
C17 DZP K . 17.59 25.70 11.26
C18 DZP K . 19.09 25.74 11.44
C20 DZP K . 21.06 24.62 12.29
N2 DZP K . 19.66 24.57 11.89
O1 DZP K . 19.75 26.73 11.21
CL DZP K . 16.89 19.36 12.26
H1 DZP K . 13.58 25.29 16.17
H2 DZP K . 14.68 24.00 17.97
H3 DZP K . 16.85 22.92 17.55
H4 DZP K . 17.94 23.12 15.34
H7 DZP K . 20.51 22.26 10.93
H8 DZP K . 19.36 20.08 11.10
H11 DZP K . 14.66 25.50 13.96
H14 DZP K . 16.12 21.92 13.19
H171 DZP K . 17.23 26.65 10.86
H172 DZP K . 17.29 24.95 10.52
H201 DZP K . 21.74 24.50 11.44
H202 DZP K . 21.30 25.57 12.76
H203 DZP K . 21.30 23.84 13.01
C1 NAG L . 2.11 -9.88 42.52
C2 NAG L . 2.43 -11.23 43.18
C3 NAG L . 1.35 -11.61 44.18
C4 NAG L . 1.13 -10.47 45.16
C5 NAG L . 0.86 -9.17 44.43
C6 NAG L . 0.75 -8.00 45.41
C7 NAG L . 3.74 -12.78 41.86
C8 NAG L . 3.73 -13.84 40.79
N2 NAG L . 2.56 -12.25 42.17
O3 NAG L . 1.74 -12.77 44.87
O4 NAG L . 0.04 -10.78 46.00
O5 NAG L . 1.88 -8.88 43.49
O6 NAG L . -0.36 -8.21 46.26
O7 NAG L . 4.80 -12.45 42.38
H2 NAG L . 3.36 -11.13 43.72
H3 NAG L . 0.42 -11.82 43.63
H4 NAG L . 2.03 -10.36 45.77
H5 NAG L . -0.09 -9.26 43.89
H61 NAG L . 1.67 -7.92 45.98
H62 NAG L . 0.61 -7.08 44.84
H81 NAG L . 4.33 -13.50 39.94
H82 NAG L . 4.15 -14.77 41.20
H83 NAG L . 2.70 -14.01 40.46
HN2 NAG L . 1.72 -12.63 41.75
HO3 NAG L . 2.63 -13.05 44.57
HO4 NAG L . -0.33 -11.66 45.77
HO6 NAG L . -0.83 -9.03 46.00
C1 DZP M . 4.41 1.65 32.56
C2 DZP M . 3.55 0.65 32.94
C3 DZP M . 3.99 -0.67 32.92
C4 DZP M . 5.27 -0.97 32.51
C5 DZP M . 7.53 -0.28 31.67
C6 DZP M . 8.81 -2.38 31.04
C7 DZP M . 8.98 -3.47 30.20
C8 DZP M . 8.10 -3.70 29.17
C9 DZP M . 7.05 -2.84 28.97
C11 DZP M . 5.70 1.36 32.15
C12 DZP M . 6.15 0.04 32.12
C13 DZP M . 7.73 -1.49 30.83
C14 DZP M . 6.85 -1.73 29.77
N15 DZP M . 8.47 0.50 32.05
C17 DZP M . 9.84 0.18 31.61
C18 DZP M . 10.33 -1.00 32.39
C20 DZP M . 10.00 -3.33 32.99
N2 DZP M . 9.71 -2.19 32.12
O1 DZP M . 11.24 -0.93 33.21
CL DZP M . 5.94 -3.13 27.65
H1 DZP M . 4.08 2.69 32.58
H2 DZP M . 2.53 0.88 33.26
H3 DZP M . 3.32 -1.47 33.22
H4 DZP M . 5.60 -2.00 32.49
H7 DZP M . 9.81 -4.15 30.36
H8 DZP M . 8.21 -4.56 28.50
H11 DZP M . 6.37 2.16 31.84
H14 DZP M . 6.01 -1.07 29.59
H171 DZP M . 10.42 1.07 31.85
H172 DZP M . 9.95 0.05 30.54
H201 DZP M . 10.90 -3.86 32.71
H202 DZP M . 10.14 -3.00 34.02
H203 DZP M . 9.18 -4.05 33.01
C1 NAG N . -37.17 -11.50 19.90
C2 NAG N . -38.16 -12.61 19.54
C3 NAG N . -39.58 -12.07 19.42
C4 NAG N . -39.94 -11.31 20.69
C5 NAG N . -38.89 -10.26 21.00
C6 NAG N . -39.21 -9.56 22.33
C7 NAG N . -37.24 -14.47 18.26
C8 NAG N . -36.87 -14.99 16.90
N2 NAG N . -37.76 -13.23 18.30
O3 NAG N . -40.47 -13.14 19.23
O4 NAG N . -41.20 -10.70 20.52
O5 NAG N . -37.60 -10.82 21.06
O6 NAG N . -40.43 -8.88 22.23
O7 NAG N . -37.07 -15.16 19.26
H2 NAG N . -38.15 -13.35 20.34
H3 NAG N . -39.61 -11.40 18.55
H4 NAG N . -39.99 -12.02 21.51
H5 NAG N . -38.91 -9.50 20.21
H61 NAG N . -39.23 -10.30 23.12
H62 NAG N . -38.41 -8.85 22.55
H81 NAG N . -35.79 -15.19 16.87
H82 NAG N . -37.42 -15.90 16.70
H83 NAG N . -37.11 -14.24 16.15
HN2 NAG N . -37.94 -12.74 17.43
HO3 NAG N . -39.98 -13.98 19.23
HO4 NAG N . -41.55 -10.90 19.63
HO6 NAG N . -40.79 -8.96 21.32
C1 DZP O . -23.21 -5.57 22.64
C2 DZP O . -24.32 -5.51 21.83
C3 DZP O . -24.70 -6.63 21.12
C4 DZP O . -23.97 -7.81 21.22
C5 DZP O . -22.06 -9.13 22.15
C6 DZP O . -21.94 -11.33 20.91
C7 DZP O . -21.69 -12.05 19.75
C8 DZP O . -21.34 -11.38 18.59
C9 DZP O . -21.23 -10.00 18.60
C11 DZP O . -22.47 -6.73 22.76
C12 DZP O . -22.85 -7.87 22.04
C13 DZP O . -21.84 -9.93 20.91
C14 DZP O . -21.48 -9.27 19.74
N15 DZP O . -21.61 -9.45 23.31
C17 DZP O . -20.83 -10.68 23.41
C18 DZP O . -21.76 -11.87 23.30
C20 DZP O . -23.41 -13.04 21.96
N2 DZP O . -22.34 -12.05 22.08
O1 DZP O . -21.99 -12.62 24.23
CL DZP O . -20.79 -9.17 17.13
H1 DZP O . -22.90 -4.69 23.21
H2 DZP O . -24.89 -4.59 21.75
H3 DZP O . -25.57 -6.60 20.47
H4 DZP O . -24.28 -8.69 20.66
H7 DZP O . -21.77 -13.13 19.73
H8 DZP O . -21.14 -11.92 17.66
H11 DZP O . -21.60 -6.76 23.41
H14 DZP O . -21.39 -8.19 19.72
H171 DZP O . -20.39 -10.65 24.40
H172 DZP O . -19.99 -10.76 22.74
H201 DZP O . -23.03 -14.04 21.81
H202 DZP O . -24.02 -13.05 22.87
H203 DZP O . -24.09 -12.81 21.14
#